data_9G6C
#
_entry.id   9G6C
#
_cell.length_a   1.00
_cell.length_b   1.00
_cell.length_c   1.00
_cell.angle_alpha   90.00
_cell.angle_beta   90.00
_cell.angle_gamma   90.00
#
_symmetry.space_group_name_H-M   'P 1'
#
loop_
_entity.id
_entity.type
_entity.pdbx_description
1 polymer 'H(+)/Cl(-) exchange transporter 7'
2 polymer 'Osteopetrosis-associated transmembrane protein 1'
3 non-polymer "ADENOSINE-5'-TRIPHOSPHATE"
4 non-polymer 'MAGNESIUM ION'
5 non-polymer 'CHLORIDE ION'
6 non-polymer '[(2R)-2-octanoyloxy-3-[oxidanyl-[(1S,2R,3S,4R,5R,6R)-2,4,5-tris(oxidanyl)-3,6-diphosphonooxy-cyclohexyl]oxy-phosphoryl]oxy-propyl] octanoate'
7 non-polymer 'CHOLESTEROL HEMISUCCINATE'
8 water water
#
loop_
_entity_poly.entity_id
_entity_poly.type
_entity_poly.pdbx_seq_one_letter_code
_entity_poly.pdbx_strand_id
1 'polypeptide(L)'
;MANVSKKVSWSGRDRDDEEAAPLLRRTARPGGGTPLLNGAGPGAARQSPRSALFRVGHMSSVELDDELLDPDMDPPHPFP
KEIPHNEKLLSLKYESLDYDNSENQLFLEEERRINHTAFRTVEIKRWVICALIGILTGLVACFIDIVVENLAGLKYRVIK
GNIDKFTEKGGLSFSLLLWATLNAAFVLVGSVIVAFIEPVAAGSGIPQIKCFLNGVKIPHVVRLKTLVIKVSGVILSVVG
GLAVGKEGPMIHSGSVIAAGISQGRSTSLKRDFKIFEYFRRDTEKRDFVSAGAAAGVSAAFGAPVGGVLFSLEEGASFWN
QFLTWRIFFASMISTFTLNFVLSIYHGNMWDLSSPGLINFGRFDSEKMAYTIHEIPVFIAMGVVGGVLGAVFNALNYWLT
MFRIRYIHRPCLQVIEAVLVAAVTATVAFVLIYSSRDCQPLQGGSMSYPLQLFCADGEYNSMAAAFFNTPEKSVVSLFHD
PPGSYNPLTLGLFTLVYFFLACWTYGLTVSAGVFIPSLLIGAAWGRLFGISLSYLTGAAIWADPGKYALMGAAAQLGGIV
RMTLSLTVIMMEATSNVTYGFPIMLVLMTAKIVGDVFIEGLYDMHIQLQSVPFLHWEAPVTSHSLTAREVMSTPVTCLRR
REKVGVIVDVLSDTASNHNGFPVVEHADDTQPARLQGLILRSQLIVLLKHKVFVERSNLGLVQRRLRLKDFRDAYPRFPP
IQSIHVSQDERECTMDLSEFMNPSPYTVPQEASLPRVFKLFRALGLRHLVVVDNRNQVVGLVTRKDLARYRLGKRGLEEL
SLAQT
;
A,C
2 'polypeptide(L)'
;MEPGPTAAQRRCSLPPWLPLGLLLWSGLALGALPFGSSPHRVFHDLLSEQQLLEVEDLSLSLLQGGGLGPLSLPPDLPDL
DPECRELLLDFANSSAELTGCLVRSARPVRLCQTCYPLFQQVVSKMDNISRAAGNTSESQSCARSLLMADRMQIVVILSE
FFNTTWQEANCANCLTNNSEELSNSTVYFLNLFNHTLTCFEHNLQGNAHSLLQTKNYSEVCKNCREAYKTLSSLYSEMQK
MNELENKAEPGTHLCIDVEDAMNITRKLWSRTFNCSVPCSDTVPVIAVSVFILFLPVVFYLSSFLHSEQKKRKLILPKRL
KSSTSFANIQENSN
;
B,D
#
loop_
_chem_comp.id
_chem_comp.type
_chem_comp.name
_chem_comp.formula
A1IIT non-polymer '[(2R)-2-octanoyloxy-3-[oxidanyl-[(1S,2R,3S,4R,5R,6R)-2,4,5-tris(oxidanyl)-3,6-diphosphonooxy-cyclohexyl]oxy-phosphoryl]oxy-propyl] octanoate' 'C25 H49 O19 P3'
ATP non-polymer ADENOSINE-5'-TRIPHOSPHATE 'C10 H16 N5 O13 P3'
CL non-polymer 'CHLORIDE ION' 'Cl -1'
MG non-polymer 'MAGNESIUM ION' 'Mg 2'
Y01 non-polymer 'CHOLESTEROL HEMISUCCINATE' 'C31 H50 O4'
#
# COMPACT_ATOMS: atom_id res chain seq x y z
N SER A 91 30.69 -17.86 -18.21
CA SER A 91 30.81 -16.41 -18.13
C SER A 91 30.72 -15.78 -19.52
N LEU A 92 31.43 -16.38 -20.47
CA LEU A 92 31.44 -15.90 -21.85
C LEU A 92 30.33 -16.51 -22.70
N LYS A 93 29.53 -17.41 -22.14
CA LYS A 93 28.44 -18.02 -22.88
C LYS A 93 27.12 -17.26 -22.73
N TYR A 94 27.07 -16.25 -21.87
CA TYR A 94 25.87 -15.46 -21.68
C TYR A 94 25.87 -14.27 -22.63
N GLU A 95 24.75 -14.10 -23.35
CA GLU A 95 24.60 -13.01 -24.30
C GLU A 95 23.58 -12.00 -23.78
N SER A 96 23.87 -10.72 -23.99
CA SER A 96 22.99 -9.67 -23.52
C SER A 96 21.80 -9.49 -24.46
N LEU A 97 20.72 -8.94 -23.92
CA LEU A 97 19.56 -8.61 -24.73
C LEU A 97 19.84 -7.42 -25.64
N ASP A 98 19.13 -7.37 -26.77
CA ASP A 98 19.20 -6.21 -27.66
C ASP A 98 18.09 -5.22 -27.31
N TYR A 99 18.14 -4.74 -26.07
CA TYR A 99 17.07 -3.87 -25.56
C TYR A 99 17.03 -2.54 -26.29
N ASP A 100 18.18 -1.94 -26.54
CA ASP A 100 18.22 -0.66 -27.26
C ASP A 100 17.87 -0.90 -28.72
N ASN A 101 16.67 -0.47 -29.10
CA ASN A 101 16.21 -0.70 -30.47
C ASN A 101 17.07 0.09 -31.46
N SER A 102 17.46 -0.59 -32.53
CA SER A 102 18.27 0.04 -33.58
C SER A 102 17.34 0.84 -34.49
N GLU A 103 17.43 2.17 -34.41
CA GLU A 103 16.56 3.05 -35.19
C GLU A 103 17.08 3.21 -36.61
N ASN A 104 17.25 2.08 -37.29
CA ASN A 104 17.75 2.07 -38.65
C ASN A 104 16.69 2.57 -39.61
N GLN A 105 17.02 2.56 -40.90
CA GLN A 105 16.08 3.03 -41.92
C GLN A 105 14.82 2.17 -41.95
N LEU A 106 14.99 0.84 -41.85
CA LEU A 106 13.83 -0.04 -41.91
C LEU A 106 12.86 0.22 -40.77
N PHE A 107 13.38 0.50 -39.57
CA PHE A 107 12.51 0.82 -38.44
C PHE A 107 11.73 2.10 -38.69
N LEU A 108 12.37 3.10 -39.29
CA LEU A 108 11.69 4.37 -39.54
C LEU A 108 10.55 4.20 -40.54
N GLU A 109 10.75 3.40 -41.59
CA GLU A 109 9.69 3.18 -42.56
C GLU A 109 8.52 2.42 -41.94
N GLU A 110 8.80 1.42 -41.10
CA GLU A 110 7.73 0.65 -40.48
C GLU A 110 6.88 1.53 -39.57
N GLU A 111 7.52 2.37 -38.76
CA GLU A 111 6.78 3.27 -37.90
C GLU A 111 6.00 4.29 -38.72
N ARG A 112 6.57 4.76 -39.83
CA ARG A 112 5.86 5.67 -40.71
C ARG A 112 4.65 5.01 -41.34
N ARG A 113 4.79 3.73 -41.74
CA ARG A 113 3.65 3.02 -42.34
C ARG A 113 2.56 2.74 -41.31
N ILE A 114 2.94 2.46 -40.07
CA ILE A 114 1.95 2.15 -39.04
C ILE A 114 1.08 3.37 -38.76
N ASN A 115 1.70 4.54 -38.62
CA ASN A 115 0.94 5.77 -38.41
C ASN A 115 0.11 6.16 -39.62
N HIS A 116 0.46 5.64 -40.81
CA HIS A 116 -0.33 5.91 -42.00
C HIS A 116 -1.71 5.27 -41.95
N THR A 117 -1.90 4.28 -41.08
CA THR A 117 -3.20 3.63 -40.96
C THR A 117 -4.18 4.53 -40.20
N ALA A 118 -5.46 4.16 -40.25
CA ALA A 118 -6.49 4.97 -39.62
C ALA A 118 -6.30 5.04 -38.11
N PHE A 119 -6.02 3.89 -37.48
CA PHE A 119 -5.81 3.83 -36.04
C PHE A 119 -4.53 3.05 -35.75
N ARG A 120 -3.70 3.59 -34.87
CA ARG A 120 -2.51 2.89 -34.39
C ARG A 120 -2.90 2.06 -33.18
N THR A 121 -2.91 0.74 -33.34
CA THR A 121 -3.33 -0.18 -32.30
C THR A 121 -2.17 -0.82 -31.56
N VAL A 122 -0.95 -0.30 -31.75
CA VAL A 122 0.22 -0.90 -31.10
C VAL A 122 0.12 -0.76 -29.58
N GLU A 123 -0.22 0.44 -29.11
CA GLU A 123 -0.29 0.67 -27.67
C GLU A 123 -1.46 -0.09 -27.05
N ILE A 124 -2.58 -0.18 -27.77
CA ILE A 124 -3.73 -0.94 -27.29
C ILE A 124 -3.37 -2.41 -27.12
N LYS A 125 -2.64 -2.97 -28.11
CA LYS A 125 -2.22 -4.36 -28.01
C LYS A 125 -1.28 -4.59 -26.84
N ARG A 126 -0.47 -3.58 -26.50
CA ARG A 126 0.38 -3.68 -25.31
C ARG A 126 -0.46 -3.83 -24.06
N TRP A 127 -1.57 -3.09 -23.96
CA TRP A 127 -2.43 -3.20 -22.79
C TRP A 127 -3.19 -4.54 -22.78
N VAL A 128 -3.60 -5.02 -23.96
CA VAL A 128 -4.25 -6.31 -24.04
C VAL A 128 -3.31 -7.42 -23.61
N ILE A 129 -2.06 -7.37 -24.09
CA ILE A 129 -1.08 -8.39 -23.69
C ILE A 129 -0.81 -8.33 -22.20
N CYS A 130 -0.66 -7.12 -21.66
CA CYS A 130 -0.40 -6.98 -20.22
C CYS A 130 -1.57 -7.52 -19.40
N ALA A 131 -2.80 -7.30 -19.87
CA ALA A 131 -3.97 -7.86 -19.20
C ALA A 131 -3.92 -9.39 -19.25
N LEU A 132 -3.58 -9.95 -20.43
CA LEU A 132 -3.47 -11.40 -20.54
C LEU A 132 -2.35 -11.95 -19.65
N ILE A 133 -1.24 -11.22 -19.57
CA ILE A 133 -0.14 -11.64 -18.71
C ILE A 133 -0.60 -11.72 -17.26
N GLY A 134 -1.34 -10.71 -16.81
CA GLY A 134 -1.82 -10.72 -15.44
C GLY A 134 -2.84 -11.82 -15.18
N ILE A 135 -3.75 -12.05 -16.13
CA ILE A 135 -4.77 -13.07 -15.96
C ILE A 135 -4.13 -14.45 -15.91
N LEU A 136 -3.24 -14.75 -16.87
CA LEU A 136 -2.62 -16.07 -16.90
C LEU A 136 -1.69 -16.29 -15.71
N THR A 137 -0.96 -15.25 -15.30
CA THR A 137 -0.12 -15.38 -14.12
C THR A 137 -0.96 -15.64 -12.87
N GLY A 138 -2.11 -14.95 -12.76
CA GLY A 138 -3.00 -15.23 -11.65
C GLY A 138 -3.59 -16.63 -11.70
N LEU A 139 -3.94 -17.10 -12.89
CA LEU A 139 -4.50 -18.44 -13.04
C LEU A 139 -3.45 -19.51 -12.70
N VAL A 140 -2.19 -19.27 -13.07
CA VAL A 140 -1.13 -20.21 -12.71
C VAL A 140 -0.98 -20.28 -11.20
N ALA A 141 -1.04 -19.13 -10.53
CA ALA A 141 -1.02 -19.12 -9.06
C ALA A 141 -2.24 -19.85 -8.49
N CYS A 142 -3.40 -19.69 -9.13
CA CYS A 142 -4.57 -20.44 -8.71
C CYS A 142 -4.35 -21.94 -8.87
N PHE A 143 -3.78 -22.34 -10.01
CA PHE A 143 -3.54 -23.76 -10.26
C PHE A 143 -2.58 -24.34 -9.23
N ILE A 144 -1.50 -23.62 -8.92
CA ILE A 144 -0.54 -24.10 -7.93
C ILE A 144 -1.19 -24.19 -6.56
N ASP A 145 -1.96 -23.17 -6.18
CA ASP A 145 -2.57 -23.16 -4.86
C ASP A 145 -3.60 -24.28 -4.72
N ILE A 146 -4.41 -24.50 -5.75
CA ILE A 146 -5.47 -25.51 -5.66
C ILE A 146 -4.88 -26.91 -5.66
N VAL A 147 -3.92 -27.17 -6.55
CA VAL A 147 -3.33 -28.50 -6.65
C VAL A 147 -2.54 -28.84 -5.40
N VAL A 148 -1.76 -27.89 -4.89
CA VAL A 148 -0.97 -28.14 -3.68
C VAL A 148 -1.88 -28.41 -2.50
N GLU A 149 -2.96 -27.62 -2.36
CA GLU A 149 -3.88 -27.81 -1.24
C GLU A 149 -4.53 -29.19 -1.29
N ASN A 150 -4.92 -29.64 -2.49
CA ASN A 150 -5.55 -30.95 -2.61
C ASN A 150 -4.55 -32.07 -2.42
N LEU A 151 -3.36 -31.96 -3.01
CA LEU A 151 -2.38 -33.03 -2.93
C LEU A 151 -1.75 -33.11 -1.53
N ALA A 152 -1.39 -31.97 -0.94
CA ALA A 152 -0.86 -32.00 0.41
C ALA A 152 -1.91 -32.43 1.41
N GLY A 153 -3.18 -32.08 1.16
CA GLY A 153 -4.25 -32.57 2.01
C GLY A 153 -4.38 -34.08 1.96
N LEU A 154 -4.28 -34.66 0.77
CA LEU A 154 -4.33 -36.11 0.64
C LEU A 154 -3.15 -36.77 1.34
N LYS A 155 -1.96 -36.20 1.19
CA LYS A 155 -0.77 -36.79 1.79
C LYS A 155 -0.85 -36.76 3.31
N TYR A 156 -1.26 -35.63 3.88
CA TYR A 156 -1.29 -35.51 5.34
C TYR A 156 -2.43 -36.30 5.96
N ARG A 157 -3.55 -36.45 5.26
CA ARG A 157 -4.60 -37.33 5.73
C ARG A 157 -4.12 -38.78 5.79
N VAL A 158 -3.38 -39.22 4.77
CA VAL A 158 -2.83 -40.57 4.78
C VAL A 158 -1.84 -40.74 5.92
N ILE A 159 -0.96 -39.76 6.11
CA ILE A 159 0.03 -39.85 7.17
C ILE A 159 -0.63 -39.80 8.54
N LYS A 160 -1.60 -38.89 8.72
CA LYS A 160 -2.29 -38.79 10.00
C LYS A 160 -3.07 -40.07 10.31
N GLY A 161 -3.75 -40.61 9.30
CA GLY A 161 -4.49 -41.86 9.51
C GLY A 161 -3.59 -43.01 9.88
N ASN A 162 -2.41 -43.10 9.24
CA ASN A 162 -1.47 -44.16 9.57
C ASN A 162 -0.90 -43.98 10.98
N ILE A 163 -0.60 -42.73 11.36
CA ILE A 163 -0.07 -42.47 12.70
C ILE A 163 -1.12 -42.80 13.75
N ASP A 164 -2.37 -42.42 13.50
CA ASP A 164 -3.44 -42.70 14.46
C ASP A 164 -3.63 -44.20 14.67
N LYS A 165 -3.56 -44.97 13.58
CA LYS A 165 -3.75 -46.42 13.69
C LYS A 165 -2.65 -47.06 14.52
N PHE A 166 -1.40 -46.63 14.34
CA PHE A 166 -0.26 -47.25 14.98
C PHE A 166 0.11 -46.61 16.32
N THR A 167 -0.62 -45.58 16.75
CA THR A 167 -0.26 -44.89 17.99
C THR A 167 -0.43 -45.80 19.20
N GLU A 168 -1.57 -46.49 19.31
CA GLU A 168 -1.87 -47.33 20.45
C GLU A 168 -1.47 -48.79 20.24
N LYS A 169 -1.67 -49.32 19.02
CA LYS A 169 -1.35 -50.72 18.77
C LYS A 169 0.14 -50.94 18.55
N GLY A 170 0.92 -49.87 18.35
CA GLY A 170 2.34 -49.99 18.10
C GLY A 170 2.67 -49.97 16.62
N GLY A 171 3.97 -49.92 16.35
CA GLY A 171 4.43 -49.89 14.97
C GLY A 171 4.50 -48.50 14.37
N LEU A 172 4.78 -47.48 15.18
CA LEU A 172 4.89 -46.12 14.66
C LEU A 172 6.09 -45.94 13.75
N SER A 173 7.08 -46.83 13.83
CA SER A 173 8.22 -46.75 12.91
C SER A 173 7.78 -46.93 11.46
N PHE A 174 6.67 -47.63 11.23
CA PHE A 174 6.13 -47.75 9.89
C PHE A 174 5.53 -46.43 9.43
N SER A 175 4.93 -45.67 10.35
CA SER A 175 4.42 -44.34 10.01
C SER A 175 5.54 -43.41 9.63
N LEU A 176 6.68 -43.49 10.33
CA LEU A 176 7.85 -42.71 9.94
C LEU A 176 8.33 -43.12 8.56
N LEU A 177 8.37 -44.43 8.28
CA LEU A 177 8.79 -44.89 6.97
C LEU A 177 7.81 -44.45 5.88
N LEU A 178 6.51 -44.50 6.18
CA LEU A 178 5.51 -44.05 5.21
C LEU A 178 5.65 -42.56 4.92
N TRP A 179 5.88 -41.76 5.97
CA TRP A 179 6.07 -40.32 5.79
C TRP A 179 7.31 -40.05 4.95
N ALA A 180 8.42 -40.73 5.26
CA ALA A 180 9.65 -40.53 4.50
C ALA A 180 9.50 -41.01 3.06
N THR A 181 8.83 -42.14 2.86
CA THR A 181 8.64 -42.66 1.51
C THR A 181 7.76 -41.74 0.68
N LEU A 182 6.68 -41.24 1.26
CA LEU A 182 5.81 -40.30 0.55
C LEU A 182 6.55 -39.02 0.21
N ASN A 183 7.36 -38.51 1.15
CA ASN A 183 8.17 -37.34 0.85
C ASN A 183 9.17 -37.63 -0.26
N ALA A 184 9.82 -38.79 -0.21
CA ALA A 184 10.79 -39.15 -1.23
C ALA A 184 10.13 -39.33 -2.60
N ALA A 185 8.95 -39.94 -2.64
CA ALA A 185 8.31 -40.27 -3.91
C ALA A 185 7.96 -39.00 -4.68
N PHE A 186 7.38 -38.01 -4.01
CA PHE A 186 7.03 -36.76 -4.69
C PHE A 186 8.27 -35.99 -5.12
N VAL A 187 9.28 -35.92 -4.24
CA VAL A 187 10.50 -35.21 -4.57
C VAL A 187 11.28 -35.92 -5.66
N LEU A 188 11.20 -37.26 -5.69
CA LEU A 188 11.87 -38.01 -6.76
C LEU A 188 11.40 -37.55 -8.13
N VAL A 189 10.09 -37.45 -8.33
CA VAL A 189 9.56 -36.96 -9.60
C VAL A 189 9.94 -35.51 -9.80
N GLY A 190 9.84 -34.69 -8.75
CA GLY A 190 10.17 -33.28 -8.89
C GLY A 190 11.64 -33.04 -9.19
N SER A 191 12.52 -33.84 -8.58
CA SER A 191 13.95 -33.67 -8.81
C SER A 191 14.36 -34.20 -10.19
N VAL A 192 13.74 -35.29 -10.64
CA VAL A 192 14.12 -35.89 -11.91
C VAL A 192 13.82 -34.95 -13.06
N ILE A 193 12.63 -34.34 -13.06
CA ILE A 193 12.25 -33.45 -14.16
C ILE A 193 13.12 -32.20 -14.17
N VAL A 194 13.69 -31.82 -13.02
CA VAL A 194 14.56 -30.66 -12.99
C VAL A 194 15.99 -31.07 -13.33
N ALA A 195 16.48 -32.13 -12.73
CA ALA A 195 17.88 -32.52 -12.92
C ALA A 195 18.15 -33.07 -14.31
N PHE A 196 17.16 -33.72 -14.93
CA PHE A 196 17.39 -34.43 -16.19
C PHE A 196 16.78 -33.74 -17.40
N ILE A 197 15.72 -32.95 -17.22
CA ILE A 197 15.00 -32.35 -18.34
C ILE A 197 15.31 -30.87 -18.49
N GLU A 198 15.30 -30.12 -17.39
CA GLU A 198 15.49 -28.67 -17.45
C GLU A 198 16.16 -28.20 -16.17
N PRO A 199 17.50 -28.24 -16.12
CA PRO A 199 18.20 -27.77 -14.91
C PRO A 199 17.99 -26.30 -14.61
N VAL A 200 17.62 -25.49 -15.60
CA VAL A 200 17.41 -24.07 -15.36
C VAL A 200 16.19 -23.81 -14.48
N ALA A 201 15.31 -24.80 -14.33
CA ALA A 201 14.14 -24.66 -13.48
C ALA A 201 14.46 -24.84 -12.00
N ALA A 202 15.70 -25.18 -11.66
CA ALA A 202 16.08 -25.35 -10.27
C ALA A 202 16.03 -24.02 -9.52
N GLY A 203 15.78 -24.09 -8.22
CA GLY A 203 15.68 -22.89 -7.42
C GLY A 203 14.40 -22.13 -7.67
N SER A 204 14.36 -20.90 -7.16
CA SER A 204 13.17 -20.06 -7.29
C SER A 204 13.03 -19.50 -8.69
N GLY A 205 14.12 -19.33 -9.42
CA GLY A 205 14.12 -18.64 -10.69
C GLY A 205 14.21 -17.14 -10.59
N ILE A 206 14.18 -16.60 -9.38
CA ILE A 206 14.35 -15.15 -9.20
C ILE A 206 15.70 -14.66 -9.68
N PRO A 207 16.84 -15.32 -9.34
CA PRO A 207 18.11 -14.86 -9.91
C PRO A 207 18.13 -14.86 -11.43
N GLN A 208 17.49 -15.84 -12.08
CA GLN A 208 17.43 -15.85 -13.53
C GLN A 208 16.60 -14.68 -14.06
N ILE A 209 15.48 -14.37 -13.40
CA ILE A 209 14.66 -13.24 -13.82
C ILE A 209 15.38 -11.94 -13.52
N LYS A 210 16.07 -11.86 -12.38
CA LYS A 210 16.90 -10.70 -12.08
C LYS A 210 17.94 -10.48 -13.16
N CYS A 211 18.55 -11.57 -13.65
CA CYS A 211 19.52 -11.45 -14.74
C CYS A 211 18.83 -11.03 -16.03
N PHE A 212 17.65 -11.57 -16.31
CA PHE A 212 16.95 -11.21 -17.54
C PHE A 212 16.58 -9.73 -17.57
N LEU A 213 16.08 -9.21 -16.45
CA LEU A 213 15.79 -7.78 -16.38
C LEU A 213 17.06 -6.95 -16.29
N ASN A 214 18.15 -7.55 -15.81
CA ASN A 214 19.45 -6.89 -15.88
C ASN A 214 19.95 -6.77 -17.32
N GLY A 215 19.39 -7.56 -18.24
CA GLY A 215 19.76 -7.50 -19.64
C GLY A 215 20.57 -8.66 -20.16
N VAL A 216 20.90 -9.64 -19.31
CA VAL A 216 21.71 -10.79 -19.69
C VAL A 216 20.80 -12.02 -19.75
N LYS A 217 20.93 -12.79 -20.82
CA LYS A 217 20.06 -13.95 -21.05
C LYS A 217 20.73 -15.22 -20.54
N ILE A 218 20.10 -15.85 -19.55
CA ILE A 218 20.45 -17.20 -19.15
C ILE A 218 19.71 -18.14 -20.10
N PRO A 219 20.37 -19.15 -20.68
CA PRO A 219 19.67 -20.01 -21.64
C PRO A 219 18.48 -20.72 -21.03
N HIS A 220 17.41 -20.82 -21.82
CA HIS A 220 16.20 -21.59 -21.52
C HIS A 220 15.37 -21.00 -20.38
N VAL A 221 15.53 -19.72 -20.07
CA VAL A 221 14.76 -19.14 -18.97
C VAL A 221 13.29 -19.01 -19.33
N VAL A 222 12.98 -18.63 -20.57
CA VAL A 222 11.62 -18.28 -20.93
C VAL A 222 11.07 -19.26 -21.95
N ARG A 223 11.53 -20.50 -21.89
CA ARG A 223 11.01 -21.56 -22.74
C ARG A 223 9.77 -22.19 -22.11
N LEU A 224 8.91 -22.74 -22.96
CA LEU A 224 7.68 -23.36 -22.48
C LEU A 224 7.97 -24.55 -21.57
N LYS A 225 8.97 -25.36 -21.93
CA LYS A 225 9.32 -26.51 -21.10
C LYS A 225 9.77 -26.07 -19.71
N THR A 226 10.48 -24.93 -19.63
CA THR A 226 10.91 -24.44 -18.33
C THR A 226 9.72 -24.09 -17.45
N LEU A 227 8.69 -23.47 -18.02
CA LEU A 227 7.51 -23.12 -17.24
C LEU A 227 6.80 -24.37 -16.74
N VAL A 228 6.66 -25.38 -17.60
CA VAL A 228 5.97 -26.61 -17.22
C VAL A 228 6.71 -27.30 -16.08
N ILE A 229 8.04 -27.40 -16.21
CA ILE A 229 8.84 -28.02 -15.16
C ILE A 229 8.81 -27.18 -13.88
N LYS A 230 8.84 -25.86 -14.03
CA LYS A 230 8.83 -24.99 -12.86
C LYS A 230 7.53 -25.14 -12.07
N VAL A 231 6.39 -25.13 -12.77
CA VAL A 231 5.11 -25.24 -12.09
C VAL A 231 4.94 -26.64 -11.51
N SER A 232 5.22 -27.67 -12.31
CA SER A 232 5.11 -29.04 -11.81
C SER A 232 6.12 -29.30 -10.71
N GLY A 233 7.36 -28.79 -10.86
CA GLY A 233 8.38 -29.03 -9.86
C GLY A 233 8.06 -28.41 -8.52
N VAL A 234 7.55 -27.18 -8.51
CA VAL A 234 7.25 -26.51 -7.26
C VAL A 234 6.10 -27.20 -6.54
N ILE A 235 5.13 -27.72 -7.30
CA ILE A 235 4.03 -28.47 -6.69
C ILE A 235 4.57 -29.74 -6.03
N LEU A 236 5.41 -30.48 -6.75
CA LEU A 236 5.98 -31.71 -6.19
C LEU A 236 6.93 -31.39 -5.04
N SER A 237 7.64 -30.27 -5.12
CA SER A 237 8.54 -29.89 -4.03
C SER A 237 7.77 -29.57 -2.75
N VAL A 238 6.69 -28.81 -2.87
CA VAL A 238 5.90 -28.45 -1.69
C VAL A 238 5.15 -29.66 -1.16
N VAL A 239 4.51 -30.43 -2.04
CA VAL A 239 3.84 -31.65 -1.63
C VAL A 239 4.84 -32.68 -1.11
N GLY A 240 6.07 -32.62 -1.62
CA GLY A 240 7.12 -33.51 -1.17
C GLY A 240 7.63 -33.24 0.23
N GLY A 241 7.15 -32.20 0.89
CA GLY A 241 7.50 -31.93 2.27
C GLY A 241 8.80 -31.19 2.47
N LEU A 242 9.43 -30.70 1.42
CA LEU A 242 10.67 -29.95 1.56
C LEU A 242 10.42 -28.62 2.27
N ALA A 243 11.42 -28.15 3.00
CA ALA A 243 11.33 -26.87 3.69
C ALA A 243 11.45 -25.73 2.68
N VAL A 244 10.44 -25.56 1.84
CA VAL A 244 10.49 -24.63 0.72
C VAL A 244 9.17 -23.87 0.64
N GLY A 245 9.12 -22.93 -0.29
CA GLY A 245 7.91 -22.17 -0.54
C GLY A 245 7.59 -22.11 -2.02
N LYS A 246 6.31 -21.93 -2.32
CA LYS A 246 5.83 -21.86 -3.68
C LYS A 246 5.63 -20.44 -4.18
N GLU A 247 5.83 -19.44 -3.33
CA GLU A 247 5.59 -18.06 -3.72
C GLU A 247 6.69 -17.53 -4.64
N GLY A 248 7.94 -17.89 -4.35
CA GLY A 248 9.07 -17.44 -5.12
C GLY A 248 9.05 -17.81 -6.59
N PRO A 249 8.79 -19.08 -6.92
CA PRO A 249 8.75 -19.49 -8.33
C PRO A 249 7.69 -18.78 -9.16
N MET A 250 6.72 -18.11 -8.53
CA MET A 250 5.70 -17.41 -9.30
C MET A 250 6.30 -16.29 -10.15
N ILE A 251 7.39 -15.70 -9.69
CA ILE A 251 8.04 -14.62 -10.46
C ILE A 251 8.56 -15.17 -11.78
N HIS A 252 9.25 -16.31 -11.73
CA HIS A 252 9.74 -16.93 -12.96
C HIS A 252 8.59 -17.36 -13.86
N SER A 253 7.54 -17.93 -13.27
CA SER A 253 6.41 -18.41 -14.07
C SER A 253 5.73 -17.27 -14.80
N GLY A 254 5.56 -16.12 -14.14
CA GLY A 254 4.95 -14.98 -14.81
C GLY A 254 5.80 -14.46 -15.95
N SER A 255 7.13 -14.49 -15.78
CA SER A 255 8.02 -14.00 -16.83
C SER A 255 7.94 -14.86 -18.09
N VAL A 256 7.88 -16.18 -17.92
CA VAL A 256 7.79 -17.07 -19.08
C VAL A 256 6.49 -16.85 -19.83
N ILE A 257 5.39 -16.67 -19.11
CA ILE A 257 4.11 -16.37 -19.75
C ILE A 257 4.21 -15.05 -20.50
N ALA A 258 4.83 -14.04 -19.88
CA ALA A 258 4.96 -12.74 -20.52
C ALA A 258 5.80 -12.81 -21.79
N ALA A 259 6.90 -13.57 -21.75
CA ALA A 259 7.80 -13.66 -22.89
C ALA A 259 7.26 -14.53 -24.01
N GLY A 260 6.22 -15.32 -23.76
CA GLY A 260 5.67 -16.18 -24.81
C GLY A 260 4.35 -15.69 -25.35
N ILE A 261 3.48 -15.19 -24.47
CA ILE A 261 2.18 -14.69 -24.89
C ILE A 261 2.35 -13.46 -25.78
N SER A 262 3.28 -12.58 -25.41
CA SER A 262 3.49 -11.34 -26.14
C SER A 262 3.97 -11.57 -27.57
N GLN A 263 4.60 -12.72 -27.84
CA GLN A 263 5.06 -13.04 -29.19
C GLN A 263 3.97 -13.62 -30.06
N GLY A 264 2.86 -14.05 -29.48
CA GLY A 264 1.78 -14.63 -30.27
C GLY A 264 2.14 -15.90 -30.99
N ARG A 265 3.06 -16.69 -30.43
CA ARG A 265 3.51 -17.91 -31.08
C ARG A 265 4.18 -18.79 -30.03
N SER A 266 4.38 -20.06 -30.39
CA SER A 266 5.10 -21.01 -29.54
C SER A 266 6.16 -21.69 -30.38
N THR A 267 7.43 -21.34 -30.13
CA THR A 267 8.53 -21.97 -30.85
C THR A 267 8.64 -23.45 -30.47
N SER A 268 8.46 -23.78 -29.19
CA SER A 268 8.58 -25.16 -28.75
C SER A 268 7.52 -26.05 -29.39
N LEU A 269 6.28 -25.56 -29.49
CA LEU A 269 5.20 -26.31 -30.09
C LEU A 269 5.09 -26.12 -31.60
N LYS A 270 5.95 -25.29 -32.18
CA LYS A 270 5.94 -25.01 -33.62
C LYS A 270 4.57 -24.54 -34.08
N ARG A 271 3.93 -23.71 -33.27
CA ARG A 271 2.63 -23.13 -33.58
C ARG A 271 2.77 -21.62 -33.63
N ASP A 272 2.47 -21.04 -34.80
CA ASP A 272 2.59 -19.61 -35.02
C ASP A 272 1.20 -19.03 -35.28
N PHE A 273 0.69 -18.31 -34.28
CA PHE A 273 -0.52 -17.52 -34.49
C PHE A 273 -0.15 -16.17 -35.09
N LYS A 274 -0.83 -15.79 -36.16
CA LYS A 274 -0.45 -14.63 -36.96
C LYS A 274 -0.87 -13.33 -36.27
N ILE A 275 -0.41 -13.18 -35.02
CA ILE A 275 -0.69 -12.01 -34.20
C ILE A 275 0.57 -11.64 -33.43
N PHE A 276 0.63 -10.36 -33.03
CA PHE A 276 1.69 -9.84 -32.16
C PHE A 276 3.07 -9.98 -32.78
N GLU A 277 3.14 -9.98 -34.12
CA GLU A 277 4.45 -10.05 -34.78
C GLU A 277 5.26 -8.78 -34.56
N TYR A 278 4.58 -7.66 -34.27
CA TYR A 278 5.29 -6.41 -34.02
C TYR A 278 6.15 -6.47 -32.77
N PHE A 279 5.77 -7.29 -31.79
CA PHE A 279 6.43 -7.33 -30.50
C PHE A 279 7.54 -8.38 -30.44
N ARG A 280 7.90 -8.98 -31.57
CA ARG A 280 8.96 -9.99 -31.58
C ARG A 280 10.33 -9.32 -31.67
N ARG A 281 10.68 -8.65 -30.57
CA ARG A 281 11.96 -7.98 -30.45
C ARG A 281 12.33 -7.90 -28.98
N ASP A 282 13.62 -7.72 -28.72
CA ASP A 282 14.12 -7.73 -27.34
C ASP A 282 13.60 -6.55 -26.53
N THR A 283 13.41 -5.39 -27.18
CA THR A 283 12.92 -4.21 -26.46
C THR A 283 11.54 -4.45 -25.88
N GLU A 284 10.63 -5.01 -26.68
CA GLU A 284 9.28 -5.29 -26.20
C GLU A 284 9.27 -6.45 -25.22
N LYS A 285 10.06 -7.50 -25.50
CA LYS A 285 10.04 -8.70 -24.67
C LYS A 285 10.47 -8.41 -23.25
N ARG A 286 11.54 -7.62 -23.08
CA ARG A 286 12.01 -7.31 -21.73
C ARG A 286 10.98 -6.47 -20.98
N ASP A 287 10.31 -5.56 -21.67
CA ASP A 287 9.25 -4.77 -21.04
C ASP A 287 8.11 -5.66 -20.57
N PHE A 288 7.70 -6.64 -21.40
CA PHE A 288 6.63 -7.53 -21.01
C PHE A 288 7.06 -8.47 -19.89
N VAL A 289 8.31 -8.93 -19.91
CA VAL A 289 8.81 -9.80 -18.83
C VAL A 289 8.78 -9.07 -17.51
N SER A 290 9.09 -7.77 -17.52
CA SER A 290 8.99 -6.97 -16.30
C SER A 290 7.55 -6.93 -15.79
N ALA A 291 6.59 -6.83 -16.70
CA ALA A 291 5.19 -6.94 -16.30
C ALA A 291 4.88 -8.33 -15.78
N GLY A 292 5.44 -9.37 -16.42
CA GLY A 292 5.22 -10.73 -15.94
C GLY A 292 5.84 -10.98 -14.58
N ALA A 293 7.07 -10.50 -14.38
CA ALA A 293 7.71 -10.64 -13.08
C ALA A 293 6.95 -9.88 -12.00
N ALA A 294 6.47 -8.68 -12.33
CA ALA A 294 5.66 -7.93 -11.38
C ALA A 294 4.35 -8.64 -11.08
N ALA A 295 3.74 -9.22 -12.11
CA ALA A 295 2.51 -9.98 -11.90
C ALA A 295 2.75 -11.19 -11.00
N GLY A 296 3.94 -11.80 -11.10
CA GLY A 296 4.25 -12.92 -10.22
C GLY A 296 4.40 -12.49 -8.77
N VAL A 297 5.01 -11.34 -8.52
CA VAL A 297 5.14 -10.84 -7.15
C VAL A 297 3.77 -10.52 -6.57
N SER A 298 2.91 -9.88 -7.36
CA SER A 298 1.58 -9.52 -6.87
C SER A 298 0.76 -10.76 -6.54
N ALA A 299 0.83 -11.79 -7.39
CA ALA A 299 0.12 -13.03 -7.09
C ALA A 299 0.71 -13.73 -5.87
N ALA A 300 2.03 -13.67 -5.72
CA ALA A 300 2.67 -14.41 -4.63
C ALA A 300 2.35 -13.81 -3.27
N PHE A 301 2.31 -12.48 -3.17
CA PHE A 301 2.20 -11.81 -1.89
C PHE A 301 1.01 -10.88 -1.77
N GLY A 302 0.20 -10.73 -2.81
CA GLY A 302 -0.86 -9.73 -2.76
C GLY A 302 -0.34 -8.32 -2.68
N ALA A 303 0.77 -8.03 -3.37
CA ALA A 303 1.44 -6.74 -3.33
C ALA A 303 1.65 -6.23 -4.74
N PRO A 304 0.60 -5.72 -5.40
CA PRO A 304 0.76 -5.20 -6.76
C PRO A 304 1.77 -4.07 -6.86
N VAL A 305 1.80 -3.16 -5.88
CA VAL A 305 2.79 -2.08 -5.91
C VAL A 305 4.18 -2.64 -5.64
N GLY A 306 4.29 -3.60 -4.73
CA GLY A 306 5.56 -4.27 -4.50
C GLY A 306 6.08 -4.99 -5.74
N GLY A 307 5.18 -5.52 -6.55
CA GLY A 307 5.59 -6.14 -7.80
C GLY A 307 6.15 -5.12 -8.78
N VAL A 308 5.53 -3.95 -8.86
CA VAL A 308 6.00 -2.89 -9.76
C VAL A 308 7.40 -2.45 -9.35
N LEU A 309 7.62 -2.25 -8.06
CA LEU A 309 8.92 -1.78 -7.59
C LEU A 309 10.00 -2.85 -7.74
N PHE A 310 9.61 -4.13 -7.68
CA PHE A 310 10.58 -5.20 -7.94
C PHE A 310 11.08 -5.13 -9.38
N SER A 311 10.17 -4.98 -10.34
CA SER A 311 10.57 -4.90 -11.74
C SER A 311 11.32 -3.61 -12.02
N LEU A 312 10.91 -2.50 -11.38
CA LEU A 312 11.61 -1.24 -11.54
C LEU A 312 13.03 -1.33 -10.97
N GLU A 313 13.19 -2.00 -9.83
CA GLU A 313 14.52 -2.18 -9.25
C GLU A 313 15.42 -3.00 -10.17
N GLU A 314 14.89 -4.10 -10.71
CA GLU A 314 15.71 -4.99 -11.53
C GLU A 314 16.00 -4.39 -12.89
N GLY A 315 15.01 -3.75 -13.51
CA GLY A 315 15.25 -3.07 -14.77
C GLY A 315 16.24 -1.93 -14.63
N ALA A 316 16.05 -1.10 -13.61
CA ALA A 316 16.93 0.03 -13.32
C ALA A 316 17.15 0.90 -14.56
N SER A 317 16.08 1.13 -15.30
CA SER A 317 16.16 1.84 -16.57
C SER A 317 15.67 3.28 -16.40
N PHE A 318 15.63 4.00 -17.51
CA PHE A 318 15.02 5.32 -17.52
C PHE A 318 13.54 5.21 -17.20
N TRP A 319 13.01 6.20 -16.50
CA TRP A 319 11.60 6.18 -16.12
C TRP A 319 10.73 6.17 -17.36
N ASN A 320 9.90 5.13 -17.49
CA ASN A 320 8.96 4.98 -18.59
C ASN A 320 7.56 4.97 -17.98
N GLN A 321 6.87 6.11 -18.07
CA GLN A 321 5.58 6.26 -17.40
C GLN A 321 4.56 5.27 -17.95
N PHE A 322 4.50 5.11 -19.26
CA PHE A 322 3.50 4.23 -19.86
C PHE A 322 3.81 2.77 -19.60
N LEU A 323 5.11 2.41 -19.57
CA LEU A 323 5.47 1.04 -19.22
C LEU A 323 5.16 0.75 -17.76
N THR A 324 5.49 1.67 -16.86
CA THR A 324 5.20 1.47 -15.44
C THR A 324 3.69 1.39 -15.20
N TRP A 325 2.92 2.18 -15.94
CA TRP A 325 1.46 2.08 -15.84
C TRP A 325 0.96 0.74 -16.32
N ARG A 326 1.54 0.21 -17.40
CA ARG A 326 1.17 -1.12 -17.87
C ARG A 326 1.64 -2.21 -16.90
N ILE A 327 2.83 -2.03 -16.31
CA ILE A 327 3.32 -2.99 -15.33
C ILE A 327 2.40 -3.05 -14.13
N PHE A 328 1.95 -1.88 -13.64
CA PHE A 328 0.98 -1.86 -12.56
C PHE A 328 -0.34 -2.46 -12.99
N PHE A 329 -0.70 -2.30 -14.27
CA PHE A 329 -1.93 -2.89 -14.80
C PHE A 329 -1.88 -4.41 -14.70
N ALA A 330 -0.74 -5.01 -15.03
CA ALA A 330 -0.60 -6.46 -14.94
C ALA A 330 -0.59 -6.92 -13.49
N SER A 331 0.08 -6.19 -12.61
CA SER A 331 0.13 -6.57 -11.20
C SER A 331 -1.25 -6.52 -10.56
N MET A 332 -2.02 -5.47 -10.85
CA MET A 332 -3.38 -5.36 -10.33
C MET A 332 -4.27 -6.50 -10.81
N ILE A 333 -4.19 -6.83 -12.11
CA ILE A 333 -5.02 -7.90 -12.64
C ILE A 333 -4.58 -9.25 -12.08
N SER A 334 -3.27 -9.45 -11.91
CA SER A 334 -2.78 -10.75 -11.44
C SER A 334 -3.30 -11.06 -10.04
N THR A 335 -3.23 -10.09 -9.14
CA THR A 335 -3.70 -10.33 -7.77
C THR A 335 -5.23 -10.39 -7.71
N PHE A 336 -5.92 -9.67 -8.61
CA PHE A 336 -7.37 -9.75 -8.65
C PHE A 336 -7.83 -11.08 -9.21
N THR A 337 -7.17 -11.58 -10.27
CA THR A 337 -7.54 -12.86 -10.85
C THR A 337 -7.34 -13.99 -9.85
N LEU A 338 -6.23 -13.96 -9.11
CA LEU A 338 -6.02 -14.95 -8.06
C LEU A 338 -7.09 -14.85 -6.98
N ASN A 339 -7.44 -13.62 -6.58
CA ASN A 339 -8.47 -13.43 -5.56
C ASN A 339 -9.83 -13.90 -6.07
N PHE A 340 -10.16 -13.56 -7.32
CA PHE A 340 -11.49 -13.86 -7.84
C PHE A 340 -11.69 -15.35 -8.07
N VAL A 341 -10.69 -16.01 -8.65
CA VAL A 341 -10.82 -17.43 -8.97
C VAL A 341 -10.81 -18.27 -7.70
N LEU A 342 -9.93 -17.93 -6.74
CA LEU A 342 -9.90 -18.66 -5.48
C LEU A 342 -11.21 -18.52 -4.73
N SER A 343 -11.82 -17.33 -4.79
CA SER A 343 -13.11 -17.13 -4.14
C SER A 343 -14.18 -18.03 -4.75
N ILE A 344 -14.16 -18.19 -6.07
CA ILE A 344 -15.08 -19.12 -6.72
C ILE A 344 -14.81 -20.55 -6.27
N TYR A 345 -13.54 -20.92 -6.19
CA TYR A 345 -13.18 -22.27 -5.75
C TYR A 345 -13.60 -22.49 -4.30
N HIS A 346 -13.45 -21.48 -3.46
CA HIS A 346 -13.82 -21.59 -2.05
C HIS A 346 -15.30 -21.36 -1.79
N GLY A 347 -16.08 -21.09 -2.83
CA GLY A 347 -17.52 -20.90 -2.68
C GLY A 347 -18.00 -19.48 -2.48
N ASN A 348 -17.40 -18.76 -1.52
CA ASN A 348 -17.81 -17.39 -1.22
C ASN A 348 -17.24 -16.46 -2.28
N MET A 349 -17.98 -16.32 -3.38
CA MET A 349 -17.53 -15.47 -4.47
C MET A 349 -17.53 -13.99 -4.09
N TRP A 350 -18.37 -13.58 -3.14
CA TRP A 350 -18.45 -12.20 -2.70
C TRP A 350 -17.41 -11.86 -1.64
N ASP A 351 -16.48 -12.78 -1.35
CA ASP A 351 -15.45 -12.56 -0.33
C ASP A 351 -14.08 -12.64 -1.00
N LEU A 352 -13.48 -11.47 -1.23
CA LEU A 352 -12.16 -11.40 -1.87
C LEU A 352 -11.09 -11.26 -0.78
N SER A 353 -10.87 -12.35 -0.06
CA SER A 353 -9.99 -12.37 1.09
C SER A 353 -8.65 -13.05 0.81
N SER A 354 -8.35 -13.37 -0.45
CA SER A 354 -7.11 -14.05 -0.82
C SER A 354 -6.44 -13.32 -1.99
N PRO A 355 -5.92 -12.10 -1.76
CA PRO A 355 -5.22 -11.39 -2.83
C PRO A 355 -3.90 -12.03 -3.24
N GLY A 356 -3.29 -12.85 -2.37
CA GLY A 356 -2.02 -13.46 -2.68
C GLY A 356 -1.99 -14.92 -2.26
N LEU A 357 -0.91 -15.60 -2.66
CA LEU A 357 -0.72 -16.98 -2.25
C LEU A 357 -0.50 -17.08 -0.74
N ILE A 358 0.20 -16.10 -0.17
CA ILE A 358 0.31 -15.94 1.27
C ILE A 358 -0.41 -14.66 1.66
N ASN A 359 -1.22 -14.73 2.72
CA ASN A 359 -2.02 -13.61 3.17
C ASN A 359 -1.70 -13.37 4.65
N PHE A 360 -1.00 -12.27 4.93
CA PHE A 360 -0.50 -12.03 6.29
C PHE A 360 -1.63 -11.84 7.29
N GLY A 361 -2.78 -11.35 6.85
CA GLY A 361 -3.88 -11.07 7.74
C GLY A 361 -4.02 -9.59 8.05
N ARG A 362 -4.69 -9.31 9.15
CA ARG A 362 -4.98 -7.94 9.56
C ARG A 362 -4.17 -7.56 10.79
N PHE A 363 -3.45 -6.45 10.69
CA PHE A 363 -2.71 -5.87 11.81
C PHE A 363 -3.37 -4.59 12.31
N ASP A 364 -4.68 -4.46 12.13
CA ASP A 364 -5.42 -3.27 12.54
C ASP A 364 -6.06 -3.51 13.90
N SER A 365 -5.20 -3.63 14.91
CA SER A 365 -5.64 -3.88 16.27
C SER A 365 -4.74 -3.14 17.25
N GLU A 366 -5.25 -2.95 18.47
CA GLU A 366 -4.48 -2.28 19.51
C GLU A 366 -3.24 -3.07 19.89
N LYS A 367 -3.33 -4.41 19.86
CA LYS A 367 -2.14 -5.23 20.10
C LYS A 367 -1.07 -4.96 19.07
N MET A 368 -1.49 -4.71 17.82
CA MET A 368 -0.54 -4.43 16.73
C MET A 368 -0.27 -2.93 16.61
N ALA A 369 0.21 -2.36 17.71
CA ALA A 369 0.62 -0.97 17.75
C ALA A 369 1.97 -0.86 18.45
N TYR A 370 2.76 0.11 18.02
CA TYR A 370 4.11 0.28 18.53
C TYR A 370 4.33 1.72 18.98
N THR A 371 5.31 1.89 19.86
CA THR A 371 5.73 3.19 20.36
C THR A 371 7.13 3.51 19.88
N ILE A 372 7.62 4.70 20.23
CA ILE A 372 8.95 5.10 19.79
C ILE A 372 10.03 4.47 20.67
N HIS A 373 9.64 3.88 21.81
CA HIS A 373 10.63 3.18 22.63
C HIS A 373 11.03 1.85 22.00
N GLU A 374 10.15 1.25 21.20
CA GLU A 374 10.44 -0.01 20.54
C GLU A 374 11.30 0.15 19.29
N ILE A 375 11.53 1.39 18.84
CA ILE A 375 12.35 1.60 17.64
C ILE A 375 13.77 1.07 17.82
N PRO A 376 14.48 1.37 18.91
CA PRO A 376 15.79 0.71 19.11
C PRO A 376 15.69 -0.80 19.20
N VAL A 377 14.59 -1.32 19.76
CA VAL A 377 14.41 -2.77 19.85
C VAL A 377 14.25 -3.37 18.46
N PHE A 378 13.48 -2.70 17.59
CA PHE A 378 13.33 -3.18 16.22
C PHE A 378 14.64 -3.16 15.48
N ILE A 379 15.45 -2.11 15.68
CA ILE A 379 16.76 -2.04 15.05
C ILE A 379 17.64 -3.21 15.49
N ALA A 380 17.57 -3.56 16.78
CA ALA A 380 18.34 -4.70 17.27
C ALA A 380 17.89 -6.00 16.60
N MET A 381 16.59 -6.12 16.30
CA MET A 381 16.11 -7.31 15.61
C MET A 381 16.69 -7.39 14.21
N GLY A 382 16.78 -6.26 13.50
CA GLY A 382 17.40 -6.26 12.19
C GLY A 382 18.86 -6.66 12.24
N VAL A 383 19.55 -6.32 13.33
CA VAL A 383 20.93 -6.79 13.52
C VAL A 383 20.95 -8.31 13.61
N VAL A 384 20.00 -8.88 14.36
CA VAL A 384 19.90 -10.33 14.45
C VAL A 384 19.56 -10.93 13.09
N GLY A 385 18.62 -10.31 12.37
CA GLY A 385 18.27 -10.79 11.04
C GLY A 385 19.44 -10.73 10.07
N GLY A 386 20.23 -9.66 10.15
CA GLY A 386 21.41 -9.56 9.31
C GLY A 386 22.46 -10.59 9.66
N VAL A 387 22.69 -10.83 10.95
CA VAL A 387 23.67 -11.81 11.38
C VAL A 387 23.22 -13.22 11.01
N LEU A 388 21.96 -13.55 11.33
CA LEU A 388 21.44 -14.87 11.00
C LEU A 388 21.34 -15.06 9.48
N GLY A 389 20.94 -14.01 8.76
CA GLY A 389 20.91 -14.09 7.31
C GLY A 389 22.30 -14.31 6.73
N ALA A 390 23.32 -13.68 7.31
CA ALA A 390 24.70 -13.90 6.87
C ALA A 390 25.12 -15.33 7.13
N VAL A 391 24.77 -15.87 8.30
CA VAL A 391 25.07 -17.27 8.60
C VAL A 391 24.33 -18.19 7.65
N PHE A 392 23.07 -17.88 7.36
CA PHE A 392 22.29 -18.66 6.40
C PHE A 392 22.94 -18.64 5.03
N ASN A 393 23.39 -17.46 4.59
CA ASN A 393 24.01 -17.35 3.27
C ASN A 393 25.41 -17.97 3.26
N ALA A 394 26.16 -17.84 4.36
CA ALA A 394 27.49 -18.40 4.41
C ALA A 394 27.47 -19.92 4.36
N LEU A 395 26.56 -20.55 5.13
CA LEU A 395 26.45 -22.00 5.09
C LEU A 395 25.97 -22.48 3.72
N ASN A 396 25.03 -21.74 3.11
CA ASN A 396 24.55 -22.12 1.79
C ASN A 396 25.63 -21.98 0.73
N TYR A 397 26.49 -20.97 0.85
CA TYR A 397 27.59 -20.82 -0.11
C TYR A 397 28.56 -21.99 0.00
N TRP A 398 28.91 -22.38 1.23
CA TRP A 398 29.80 -23.52 1.43
C TRP A 398 29.15 -24.80 0.91
N LEU A 399 27.85 -24.97 1.15
CA LEU A 399 27.14 -26.12 0.63
C LEU A 399 27.07 -26.09 -0.89
N THR A 400 26.82 -24.91 -1.47
CA THR A 400 26.75 -24.80 -2.92
C THR A 400 28.10 -25.12 -3.57
N MET A 401 29.19 -24.66 -2.96
CA MET A 401 30.52 -25.01 -3.48
C MET A 401 30.75 -26.51 -3.42
N PHE A 402 30.30 -27.15 -2.33
CA PHE A 402 30.43 -28.60 -2.22
C PHE A 402 29.62 -29.31 -3.29
N ARG A 403 28.39 -28.86 -3.53
CA ARG A 403 27.54 -29.50 -4.53
C ARG A 403 28.07 -29.30 -5.94
N ILE A 404 28.59 -28.12 -6.24
CA ILE A 404 29.19 -27.88 -7.55
C ILE A 404 30.38 -28.80 -7.77
N ARG A 405 31.19 -28.99 -6.73
CA ARG A 405 32.40 -29.79 -6.87
C ARG A 405 32.08 -31.28 -6.95
N TYR A 406 31.14 -31.77 -6.15
CA TYR A 406 30.97 -33.20 -5.95
C TYR A 406 29.59 -33.75 -6.32
N ILE A 407 28.56 -32.90 -6.41
CA ILE A 407 27.20 -33.38 -6.61
C ILE A 407 26.64 -32.81 -7.90
N HIS A 408 27.51 -32.62 -8.89
CA HIS A 408 27.09 -32.03 -10.16
C HIS A 408 26.42 -33.01 -11.11
N ARG A 409 26.52 -34.31 -10.85
CA ARG A 409 25.90 -35.27 -11.76
C ARG A 409 24.39 -35.30 -11.54
N PRO A 410 23.60 -35.41 -12.62
CA PRO A 410 22.13 -35.43 -12.46
C PRO A 410 21.63 -36.57 -11.58
N CYS A 411 22.25 -37.75 -11.68
CA CYS A 411 21.83 -38.87 -10.84
C CYS A 411 22.07 -38.58 -9.36
N LEU A 412 23.23 -38.00 -9.03
CA LEU A 412 23.51 -37.64 -7.66
C LEU A 412 22.62 -36.51 -7.18
N GLN A 413 22.25 -35.58 -8.07
CA GLN A 413 21.34 -34.50 -7.69
C GLN A 413 19.98 -35.04 -7.30
N VAL A 414 19.47 -36.02 -8.04
CA VAL A 414 18.17 -36.60 -7.72
C VAL A 414 18.24 -37.33 -6.37
N ILE A 415 19.33 -38.07 -6.14
CA ILE A 415 19.49 -38.80 -4.88
C ILE A 415 19.56 -37.83 -3.71
N GLU A 416 20.29 -36.73 -3.88
CA GLU A 416 20.44 -35.75 -2.81
C GLU A 416 19.08 -35.15 -2.43
N ALA A 417 18.27 -34.80 -3.43
CA ALA A 417 16.95 -34.24 -3.14
C ALA A 417 16.06 -35.26 -2.46
N VAL A 418 16.13 -36.52 -2.88
CA VAL A 418 15.33 -37.57 -2.24
C VAL A 418 15.77 -37.76 -0.79
N LEU A 419 17.07 -37.75 -0.54
CA LEU A 419 17.57 -37.93 0.82
C LEU A 419 17.14 -36.76 1.72
N VAL A 420 17.16 -35.55 1.19
CA VAL A 420 16.72 -34.39 1.97
C VAL A 420 15.24 -34.53 2.34
N ALA A 421 14.42 -34.99 1.38
CA ALA A 421 13.00 -35.19 1.67
C ALA A 421 12.78 -36.21 2.77
N ALA A 422 13.52 -37.32 2.74
CA ALA A 422 13.39 -38.34 3.76
C ALA A 422 13.88 -37.84 5.12
N VAL A 423 14.99 -37.09 5.13
CA VAL A 423 15.52 -36.56 6.38
C VAL A 423 14.57 -35.51 6.95
N THR A 424 13.97 -34.68 6.08
CA THR A 424 13.04 -33.66 6.55
C THR A 424 11.85 -34.29 7.28
N ALA A 425 11.30 -35.36 6.71
CA ALA A 425 10.22 -36.09 7.39
C ALA A 425 10.72 -36.74 8.67
N THR A 426 11.93 -37.28 8.65
CA THR A 426 12.45 -38.00 9.81
C THR A 426 12.71 -37.05 10.98
N VAL A 427 13.33 -35.90 10.71
CA VAL A 427 13.57 -34.94 11.79
C VAL A 427 12.26 -34.39 12.33
N ALA A 428 11.30 -34.14 11.45
CA ALA A 428 9.99 -33.71 11.89
C ALA A 428 9.32 -34.79 12.75
N PHE A 429 9.41 -36.04 12.33
CA PHE A 429 8.81 -37.13 13.10
C PHE A 429 9.47 -37.25 14.48
N VAL A 430 10.80 -37.13 14.54
CA VAL A 430 11.50 -37.26 15.81
C VAL A 430 11.10 -36.14 16.76
N LEU A 431 11.01 -34.92 16.25
CA LEU A 431 10.60 -33.80 17.09
C LEU A 431 9.17 -33.97 17.59
N ILE A 432 8.34 -34.45 16.73
CA ILE A 432 6.94 -34.72 17.06
C ILE A 432 6.83 -35.89 18.04
N TYR A 433 7.64 -36.91 17.87
CA TYR A 433 7.59 -38.09 18.73
C TYR A 433 8.01 -37.73 20.16
N SER A 434 9.05 -36.92 20.31
CA SER A 434 9.60 -36.59 21.61
C SER A 434 9.02 -35.32 22.20
N SER A 435 8.04 -34.70 21.55
CA SER A 435 7.45 -33.47 22.05
C SER A 435 6.45 -33.79 23.16
N ARG A 436 6.69 -33.25 24.36
CA ARG A 436 5.78 -33.40 25.47
C ARG A 436 4.75 -32.28 25.55
N ASP A 437 4.83 -31.30 24.67
CA ASP A 437 3.96 -30.13 24.69
C ASP A 437 2.76 -30.38 23.80
N CYS A 438 1.56 -30.37 24.39
CA CYS A 438 0.34 -30.48 23.61
C CYS A 438 -0.76 -29.71 24.32
N GLN A 439 -1.75 -29.29 23.55
CA GLN A 439 -2.76 -28.35 24.03
C GLN A 439 -4.09 -28.72 23.39
N PRO A 440 -5.21 -28.20 23.91
CA PRO A 440 -6.51 -28.49 23.29
C PRO A 440 -6.69 -27.77 21.96
N LEU A 441 -7.58 -28.33 21.15
CA LEU A 441 -7.96 -27.73 19.87
C LEU A 441 -8.78 -26.47 20.12
N GLN A 442 -8.20 -25.30 19.81
CA GLN A 442 -8.84 -24.02 20.09
C GLN A 442 -9.54 -23.44 18.86
N GLY A 443 -10.04 -24.29 17.97
CA GLY A 443 -10.80 -23.84 16.84
C GLY A 443 -9.95 -23.52 15.63
N GLY A 444 -10.19 -24.24 14.53
CA GLY A 444 -9.38 -24.04 13.33
C GLY A 444 -7.91 -24.30 13.63
N SER A 445 -7.07 -23.36 13.21
CA SER A 445 -5.63 -23.31 13.44
C SER A 445 -4.87 -24.44 12.77
N MET A 446 -5.56 -25.36 12.08
CA MET A 446 -4.92 -26.51 11.45
C MET A 446 -6.01 -27.34 10.76
N SER A 447 -5.56 -28.27 9.92
CA SER A 447 -6.46 -29.21 9.27
C SER A 447 -6.21 -30.66 9.66
N TYR A 448 -5.06 -30.98 10.23
CA TYR A 448 -4.69 -32.36 10.56
C TYR A 448 -4.15 -32.40 11.99
N PRO A 449 -5.00 -32.22 12.99
CA PRO A 449 -4.53 -32.25 14.39
C PRO A 449 -4.13 -33.66 14.78
N LEU A 450 -2.89 -33.81 15.23
CA LEU A 450 -2.30 -35.12 15.51
C LEU A 450 -2.21 -35.33 17.02
N GLN A 451 -3.01 -36.27 17.53
CA GLN A 451 -2.90 -36.70 18.91
C GLN A 451 -1.87 -37.81 18.99
N LEU A 452 -0.83 -37.61 19.80
CA LEU A 452 0.24 -38.59 19.90
C LEU A 452 0.80 -38.56 21.32
N PHE A 453 0.42 -39.54 22.13
CA PHE A 453 0.95 -39.89 23.45
C PHE A 453 0.49 -38.98 24.60
N CYS A 454 -0.39 -38.02 24.37
CA CYS A 454 -0.98 -37.30 25.49
C CYS A 454 -2.50 -37.38 25.41
N ALA A 455 -3.14 -36.64 26.31
CA ALA A 455 -4.54 -36.85 26.66
C ALA A 455 -5.47 -36.66 25.46
N ASP A 456 -6.62 -37.34 25.53
CA ASP A 456 -7.65 -37.18 24.51
C ASP A 456 -8.17 -35.75 24.50
N GLY A 457 -8.54 -35.28 23.31
CA GLY A 457 -8.94 -33.90 23.14
C GLY A 457 -7.80 -32.93 22.97
N GLU A 458 -6.56 -33.42 22.95
CA GLU A 458 -5.39 -32.59 22.77
C GLU A 458 -4.57 -33.13 21.61
N TYR A 459 -4.06 -32.22 20.79
CA TYR A 459 -3.17 -32.54 19.69
C TYR A 459 -1.74 -32.23 20.09
N ASN A 460 -0.80 -32.97 19.52
CA ASN A 460 0.62 -32.66 19.70
C ASN A 460 0.92 -31.28 19.09
N SER A 461 1.55 -30.43 19.89
CA SER A 461 1.80 -29.06 19.43
C SER A 461 2.86 -29.02 18.33
N MET A 462 3.93 -29.80 18.47
CA MET A 462 4.99 -29.78 17.48
C MET A 462 4.51 -30.33 16.13
N ALA A 463 3.51 -31.21 16.15
CA ALA A 463 2.96 -31.72 14.91
C ALA A 463 2.32 -30.62 14.07
N ALA A 464 1.67 -29.65 14.73
CA ALA A 464 1.05 -28.54 14.01
C ALA A 464 2.11 -27.72 13.29
N ALA A 465 3.29 -27.55 13.88
CA ALA A 465 4.35 -26.77 13.25
C ALA A 465 4.79 -27.39 11.94
N PHE A 466 4.74 -28.72 11.82
CA PHE A 466 5.19 -29.40 10.61
C PHE A 466 4.05 -29.78 9.68
N PHE A 467 2.88 -30.15 10.22
CA PHE A 467 1.76 -30.54 9.36
C PHE A 467 1.11 -29.35 8.69
N ASN A 468 1.11 -28.18 9.34
CA ASN A 468 0.54 -27.00 8.73
C ASN A 468 1.44 -26.51 7.60
N THR A 469 0.81 -25.88 6.60
CA THR A 469 1.57 -25.24 5.55
C THR A 469 2.38 -24.09 6.13
N PRO A 470 3.58 -23.82 5.58
CA PRO A 470 4.39 -22.72 6.11
C PRO A 470 3.70 -21.37 6.05
N GLU A 471 2.85 -21.15 5.05
CA GLU A 471 2.09 -19.90 5.00
C GLU A 471 1.19 -19.75 6.21
N LYS A 472 0.51 -20.84 6.60
CA LYS A 472 -0.42 -20.79 7.72
C LYS A 472 0.32 -20.71 9.05
N SER A 473 1.49 -21.34 9.14
CA SER A 473 2.32 -21.20 10.34
C SER A 473 2.78 -19.76 10.51
N VAL A 474 3.12 -19.09 9.41
CA VAL A 474 3.51 -17.69 9.47
C VAL A 474 2.35 -16.83 9.94
N VAL A 475 1.15 -17.09 9.41
CA VAL A 475 -0.02 -16.30 9.80
C VAL A 475 -0.33 -16.49 11.27
N SER A 476 -0.27 -17.73 11.76
CA SER A 476 -0.53 -17.99 13.17
C SER A 476 0.50 -17.29 14.06
N LEU A 477 1.77 -17.32 13.65
CA LEU A 477 2.81 -16.61 14.42
C LEU A 477 2.54 -15.12 14.42
N PHE A 478 2.03 -14.58 13.32
CA PHE A 478 1.68 -13.16 13.30
C PHE A 478 0.49 -12.86 14.20
N HIS A 479 -0.57 -13.67 14.10
CA HIS A 479 -1.83 -13.42 14.83
C HIS A 479 -2.10 -14.58 15.76
N ASP A 480 -1.65 -14.46 17.02
CA ASP A 480 -1.92 -15.44 18.06
C ASP A 480 -1.89 -14.75 19.41
N PRO A 481 -2.67 -15.21 20.38
CA PRO A 481 -2.60 -14.64 21.71
C PRO A 481 -1.21 -14.77 22.28
N PRO A 482 -0.80 -13.85 23.17
CA PRO A 482 0.59 -13.83 23.64
C PRO A 482 1.04 -15.08 24.38
N GLY A 483 0.17 -16.06 24.59
CA GLY A 483 0.57 -17.27 25.29
C GLY A 483 0.35 -18.53 24.46
N SER A 484 0.33 -18.39 23.14
CA SER A 484 0.00 -19.49 22.25
C SER A 484 1.14 -20.48 22.05
N TYR A 485 2.39 -20.05 22.16
CA TYR A 485 3.53 -20.86 21.77
C TYR A 485 4.41 -21.17 22.99
N ASN A 486 4.77 -22.44 23.12
CA ASN A 486 5.78 -22.86 24.09
C ASN A 486 7.15 -22.49 23.57
N PRO A 487 7.97 -21.74 24.33
CA PRO A 487 9.27 -21.33 23.82
C PRO A 487 10.18 -22.47 23.43
N LEU A 488 10.14 -23.58 24.17
CA LEU A 488 10.98 -24.73 23.82
C LEU A 488 10.52 -25.38 22.52
N THR A 489 9.21 -25.56 22.37
CA THR A 489 8.68 -26.16 21.15
C THR A 489 8.94 -25.27 19.94
N LEU A 490 8.72 -23.96 20.08
CA LEU A 490 9.00 -23.04 18.99
C LEU A 490 10.50 -22.90 18.75
N GLY A 491 11.29 -22.93 19.83
CA GLY A 491 12.73 -22.82 19.68
C GLY A 491 13.36 -23.99 18.95
N LEU A 492 12.90 -25.21 19.26
CA LEU A 492 13.43 -26.39 18.58
C LEU A 492 13.06 -26.39 17.12
N PHE A 493 11.82 -25.99 16.79
CA PHE A 493 11.41 -25.92 15.40
C PHE A 493 12.22 -24.89 14.63
N THR A 494 12.46 -23.71 15.24
CA THR A 494 13.22 -22.66 14.58
C THR A 494 14.65 -23.11 14.27
N LEU A 495 15.30 -23.75 15.23
CA LEU A 495 16.67 -24.21 15.03
C LEU A 495 16.75 -25.25 13.93
N VAL A 496 15.81 -26.21 13.93
CA VAL A 496 15.82 -27.27 12.92
C VAL A 496 15.44 -26.72 11.56
N TYR A 497 14.36 -25.92 11.50
CA TYR A 497 13.89 -25.42 10.22
C TYR A 497 14.90 -24.46 9.58
N PHE A 498 15.69 -23.76 10.39
CA PHE A 498 16.74 -22.91 9.85
C PHE A 498 17.74 -23.71 9.05
N PHE A 499 18.20 -24.84 9.60
CA PHE A 499 19.20 -25.63 8.91
C PHE A 499 18.59 -26.44 7.77
N LEU A 500 17.33 -26.88 7.94
CA LEU A 500 16.66 -27.58 6.86
C LEU A 500 16.46 -26.68 5.64
N ALA A 501 16.03 -25.43 5.87
CA ALA A 501 15.83 -24.50 4.76
C ALA A 501 17.14 -24.17 4.08
N CYS A 502 18.21 -23.96 4.85
CA CYS A 502 19.52 -23.71 4.28
C CYS A 502 20.01 -24.91 3.47
N TRP A 503 19.81 -26.11 4.00
CA TRP A 503 20.24 -27.32 3.30
C TRP A 503 19.44 -27.53 2.01
N THR A 504 18.15 -27.18 2.03
CA THR A 504 17.26 -27.50 0.93
C THR A 504 17.34 -26.51 -0.23
N TYR A 505 17.79 -25.28 0.03
CA TYR A 505 17.64 -24.22 -0.96
C TYR A 505 18.37 -24.55 -2.26
N GLY A 506 19.60 -25.04 -2.17
CA GLY A 506 20.38 -25.32 -3.35
C GLY A 506 20.11 -26.64 -4.02
N LEU A 507 19.06 -27.33 -3.63
CA LEU A 507 18.71 -28.61 -4.24
C LEU A 507 18.29 -28.41 -5.70
N THR A 508 18.39 -29.49 -6.47
CA THR A 508 18.00 -29.47 -7.88
C THR A 508 16.48 -29.69 -8.01
N VAL A 509 15.73 -28.78 -7.38
CA VAL A 509 14.29 -28.79 -7.42
C VAL A 509 13.79 -27.36 -7.63
N SER A 510 12.57 -27.25 -8.15
CA SER A 510 11.92 -25.95 -8.31
C SER A 510 11.27 -25.58 -6.98
N ALA A 511 11.78 -24.52 -6.34
CA ALA A 511 11.35 -24.19 -4.99
C ALA A 511 11.82 -22.79 -4.64
N GLY A 512 11.01 -22.09 -3.84
CA GLY A 512 11.33 -20.76 -3.39
C GLY A 512 11.88 -20.72 -1.98
N VAL A 513 12.53 -19.61 -1.66
CA VAL A 513 13.11 -19.39 -0.34
C VAL A 513 12.46 -18.25 0.42
N PHE A 514 11.54 -17.51 -0.20
CA PHE A 514 10.87 -16.40 0.48
C PHE A 514 10.16 -16.88 1.74
N ILE A 515 9.23 -17.82 1.58
CA ILE A 515 8.42 -18.27 2.71
C ILE A 515 9.26 -18.92 3.80
N PRO A 516 10.19 -19.83 3.50
CA PRO A 516 11.03 -20.38 4.59
C PRO A 516 11.77 -19.32 5.38
N SER A 517 12.28 -18.28 4.70
CA SER A 517 12.93 -17.19 5.40
C SER A 517 11.92 -16.41 6.25
N LEU A 518 10.72 -16.22 5.73
CA LEU A 518 9.66 -15.58 6.52
C LEU A 518 9.30 -16.41 7.73
N LEU A 519 9.19 -17.72 7.56
CA LEU A 519 8.83 -18.60 8.67
C LEU A 519 9.92 -18.61 9.74
N ILE A 520 11.18 -18.65 9.34
CA ILE A 520 12.27 -18.63 10.30
C ILE A 520 12.23 -17.34 11.11
N GLY A 521 12.09 -16.20 10.42
CA GLY A 521 12.07 -14.92 11.11
C GLY A 521 10.86 -14.75 12.01
N ALA A 522 9.68 -15.17 11.52
CA ALA A 522 8.49 -15.12 12.35
C ALA A 522 8.63 -16.00 13.58
N ALA A 523 9.43 -17.06 13.47
CA ALA A 523 9.61 -17.98 14.60
C ALA A 523 10.47 -17.35 15.69
N TRP A 524 11.71 -16.97 15.36
CA TRP A 524 12.56 -16.34 16.36
C TRP A 524 12.11 -14.92 16.68
N GLY A 525 11.40 -14.26 15.78
CA GLY A 525 10.77 -13.00 16.13
C GLY A 525 9.71 -13.17 17.21
N ARG A 526 8.89 -14.21 17.09
CA ARG A 526 7.93 -14.53 18.15
C ARG A 526 8.64 -14.89 19.44
N LEU A 527 9.74 -15.64 19.35
CA LEU A 527 10.53 -15.97 20.54
C LEU A 527 11.08 -14.71 21.19
N PHE A 528 11.50 -13.74 20.38
CA PHE A 528 11.95 -12.47 20.94
C PHE A 528 10.83 -11.75 21.65
N GLY A 529 9.61 -11.78 21.08
CA GLY A 529 8.47 -11.18 21.74
C GLY A 529 8.11 -11.87 23.03
N ILE A 530 8.24 -13.20 23.07
CA ILE A 530 7.98 -13.95 24.30
C ILE A 530 8.99 -13.55 25.37
N SER A 531 10.27 -13.43 25.00
CA SER A 531 11.29 -13.03 25.96
C SER A 531 11.03 -11.62 26.47
N LEU A 532 10.63 -10.71 25.59
CA LEU A 532 10.32 -9.34 26.02
C LEU A 532 9.14 -9.32 26.97
N SER A 533 8.10 -10.10 26.68
CA SER A 533 6.95 -10.18 27.59
C SER A 533 7.36 -10.72 28.95
N TYR A 534 8.32 -11.67 28.97
CA TYR A 534 8.81 -12.18 30.24
C TYR A 534 9.63 -11.15 31.00
N LEU A 535 10.37 -10.31 30.28
CA LEU A 535 11.24 -9.31 30.90
C LEU A 535 10.51 -8.03 31.28
N THR A 536 9.29 -7.81 30.79
CA THR A 536 8.53 -6.60 31.09
C THR A 536 7.21 -6.91 31.77
N GLY A 537 7.05 -8.10 32.33
CA GLY A 537 5.82 -8.45 33.02
C GLY A 537 4.60 -8.46 32.14
N ALA A 538 4.71 -9.02 30.93
CA ALA A 538 3.60 -9.11 29.99
C ALA A 538 3.02 -7.74 29.67
N ALA A 539 3.91 -6.77 29.41
CA ALA A 539 3.47 -5.44 29.03
C ALA A 539 2.73 -5.49 27.70
N ILE A 540 1.75 -4.60 27.56
CA ILE A 540 0.88 -4.62 26.38
C ILE A 540 1.66 -4.31 25.11
N TRP A 541 2.73 -3.51 25.21
CA TRP A 541 3.52 -3.19 24.03
C TRP A 541 4.37 -4.36 23.57
N ALA A 542 4.66 -5.31 24.45
CA ALA A 542 5.48 -6.48 24.10
C ALA A 542 4.60 -7.61 23.58
N ASP A 543 3.90 -7.32 22.49
CA ASP A 543 3.04 -8.32 21.87
C ASP A 543 3.87 -9.25 20.98
N PRO A 544 3.92 -10.55 21.25
CA PRO A 544 4.76 -11.45 20.45
C PRO A 544 4.39 -11.47 18.97
N GLY A 545 3.11 -11.31 18.65
CA GLY A 545 2.70 -11.34 17.25
C GLY A 545 3.30 -10.20 16.44
N LYS A 546 3.38 -9.01 17.04
CA LYS A 546 3.99 -7.88 16.37
C LYS A 546 5.47 -8.13 16.10
N TYR A 547 6.17 -8.70 17.08
CA TYR A 547 7.59 -8.99 16.91
C TYR A 547 7.83 -10.17 15.96
N ALA A 548 6.84 -11.04 15.78
CA ALA A 548 6.95 -12.06 14.74
C ALA A 548 7.02 -11.43 13.36
N LEU A 549 6.23 -10.37 13.14
CA LEU A 549 6.27 -9.66 11.86
C LEU A 549 7.62 -8.99 11.64
N MET A 550 8.18 -8.37 12.69
CA MET A 550 9.48 -7.74 12.57
C MET A 550 10.58 -8.78 12.35
N GLY A 551 10.50 -9.91 13.06
CA GLY A 551 11.48 -10.96 12.85
C GLY A 551 11.44 -11.53 11.45
N ALA A 552 10.22 -11.74 10.93
CA ALA A 552 10.09 -12.25 9.57
C ALA A 552 10.69 -11.30 8.55
N ALA A 553 10.44 -10.00 8.72
CA ALA A 553 11.06 -9.01 7.84
C ALA A 553 12.57 -8.98 8.02
N ALA A 554 13.05 -9.05 9.27
CA ALA A 554 14.49 -8.98 9.52
C ALA A 554 15.22 -10.17 8.91
N GLN A 555 14.65 -11.37 9.05
CA GLN A 555 15.32 -12.55 8.50
C GLN A 555 15.27 -12.57 6.98
N LEU A 556 14.12 -12.20 6.40
CA LEU A 556 14.02 -12.13 4.94
C LEU A 556 14.95 -11.07 4.39
N GLY A 557 15.02 -9.91 5.03
CA GLY A 557 15.97 -8.89 4.60
C GLY A 557 17.42 -9.33 4.78
N GLY A 558 17.69 -10.08 5.85
CA GLY A 558 19.03 -10.57 6.09
C GLY A 558 19.49 -11.61 5.08
N ILE A 559 18.57 -12.27 4.39
CA ILE A 559 18.91 -13.34 3.46
C ILE A 559 18.93 -12.85 2.01
N VAL A 560 17.86 -12.19 1.56
CA VAL A 560 17.76 -11.75 0.18
C VAL A 560 18.19 -10.30 -0.03
N ARG A 561 18.34 -9.52 1.04
CA ARG A 561 18.83 -8.15 0.99
C ARG A 561 17.94 -7.24 0.13
N MET A 562 16.64 -7.55 0.07
CA MET A 562 15.71 -6.66 -0.61
C MET A 562 15.20 -5.61 0.37
N THR A 563 15.24 -4.34 -0.05
CA THR A 563 14.89 -3.24 0.84
C THR A 563 13.65 -2.48 0.40
N LEU A 564 13.64 -1.94 -0.82
CA LEU A 564 12.54 -1.06 -1.21
C LEU A 564 11.32 -1.85 -1.65
N SER A 565 11.51 -2.82 -2.55
CA SER A 565 10.39 -3.68 -2.95
C SER A 565 9.89 -4.49 -1.78
N LEU A 566 10.80 -5.01 -0.95
CA LEU A 566 10.40 -5.84 0.18
C LEU A 566 9.59 -5.03 1.19
N THR A 567 10.01 -3.79 1.48
CA THR A 567 9.27 -2.97 2.43
C THR A 567 7.85 -2.73 1.98
N VAL A 568 7.66 -2.41 0.69
CA VAL A 568 6.33 -2.16 0.16
C VAL A 568 5.52 -3.46 0.13
N ILE A 569 6.17 -4.58 -0.18
CA ILE A 569 5.50 -5.87 -0.15
C ILE A 569 4.99 -6.16 1.26
N MET A 570 5.84 -5.92 2.26
CA MET A 570 5.41 -6.09 3.65
C MET A 570 4.28 -5.13 4.00
N MET A 571 4.38 -3.88 3.53
CA MET A 571 3.35 -2.90 3.81
C MET A 571 2.01 -3.30 3.21
N GLU A 572 2.02 -3.76 1.95
CA GLU A 572 0.78 -4.16 1.30
C GLU A 572 0.22 -5.43 1.91
N ALA A 573 1.10 -6.38 2.27
CA ALA A 573 0.64 -7.63 2.86
C ALA A 573 -0.03 -7.40 4.21
N THR A 574 0.55 -6.52 5.03
CA THR A 574 -0.04 -6.20 6.33
C THR A 574 -1.16 -5.19 6.24
N SER A 575 -1.32 -4.52 5.09
CA SER A 575 -2.37 -3.52 4.88
C SER A 575 -2.33 -2.45 5.97
N ASN A 576 -1.13 -2.00 6.32
CA ASN A 576 -0.95 -1.00 7.38
C ASN A 576 0.28 -0.17 7.02
N VAL A 577 0.06 1.08 6.62
CA VAL A 577 1.17 1.95 6.24
C VAL A 577 2.04 2.28 7.44
N THR A 578 1.44 2.43 8.63
CA THR A 578 2.21 2.81 9.81
C THR A 578 3.28 1.79 10.14
N TYR A 579 3.04 0.52 9.83
CA TYR A 579 4.07 -0.51 9.99
C TYR A 579 5.21 -0.36 9.00
N GLY A 580 5.09 0.49 7.99
CA GLY A 580 6.19 0.71 7.08
C GLY A 580 7.42 1.26 7.76
N PHE A 581 7.24 2.15 8.73
CA PHE A 581 8.38 2.76 9.41
C PHE A 581 9.24 1.75 10.16
N PRO A 582 8.68 0.89 11.02
CA PRO A 582 9.55 -0.13 11.64
C PRO A 582 10.06 -1.16 10.65
N ILE A 583 9.25 -1.54 9.66
CA ILE A 583 9.68 -2.51 8.67
C ILE A 583 10.83 -1.95 7.83
N MET A 584 10.76 -0.67 7.48
CA MET A 584 11.87 -0.05 6.76
C MET A 584 13.14 -0.09 7.60
N LEU A 585 13.03 0.27 8.88
CA LEU A 585 14.21 0.34 9.73
C LEU A 585 14.86 -1.03 9.91
N VAL A 586 14.07 -2.07 10.13
CA VAL A 586 14.64 -3.40 10.33
C VAL A 586 15.27 -3.91 9.04
N LEU A 587 14.65 -3.60 7.90
CA LEU A 587 15.22 -4.01 6.62
C LEU A 587 16.50 -3.28 6.30
N MET A 588 16.60 -2.00 6.69
CA MET A 588 17.83 -1.24 6.46
C MET A 588 19.00 -1.84 7.24
N THR A 589 18.82 -2.08 8.53
CA THR A 589 19.91 -2.61 9.33
C THR A 589 20.19 -4.07 9.02
N ALA A 590 19.17 -4.83 8.61
CA ALA A 590 19.39 -6.22 8.20
C ALA A 590 20.30 -6.29 6.98
N LYS A 591 20.05 -5.44 5.98
CA LYS A 591 20.92 -5.40 4.81
C LYS A 591 22.30 -4.88 5.16
N ILE A 592 22.37 -3.82 5.98
CA ILE A 592 23.66 -3.22 6.31
C ILE A 592 24.53 -4.20 7.09
N VAL A 593 23.95 -4.83 8.12
CA VAL A 593 24.70 -5.82 8.90
C VAL A 593 25.03 -7.03 8.04
N GLY A 594 24.07 -7.50 7.25
CA GLY A 594 24.31 -8.65 6.40
C GLY A 594 25.38 -8.39 5.35
N ASP A 595 25.36 -7.21 4.75
CA ASP A 595 26.34 -6.87 3.71
C ASP A 595 27.76 -6.83 4.23
N VAL A 596 27.95 -6.67 5.55
CA VAL A 596 29.28 -6.64 6.12
C VAL A 596 29.96 -7.99 5.94
N PHE A 597 29.20 -9.08 6.05
CA PHE A 597 29.76 -10.43 6.05
C PHE A 597 29.71 -11.10 4.70
N ILE A 598 28.57 -11.03 4.00
CA ILE A 598 28.38 -11.77 2.75
C ILE A 598 27.26 -11.11 1.98
N GLU A 599 27.25 -11.34 0.67
CA GLU A 599 26.21 -10.79 -0.19
C GLU A 599 24.91 -11.56 -0.03
N GLY A 600 23.86 -11.05 -0.68
CA GLY A 600 22.56 -11.69 -0.60
C GLY A 600 22.51 -13.02 -1.31
N LEU A 601 21.46 -13.79 -0.98
CA LEU A 601 21.32 -15.14 -1.52
C LEU A 601 21.19 -15.12 -3.04
N TYR A 602 20.36 -14.22 -3.57
CA TYR A 602 20.17 -14.14 -5.01
C TYR A 602 21.44 -13.67 -5.72
N ASP A 603 22.10 -12.65 -5.17
CA ASP A 603 23.35 -12.19 -5.76
C ASP A 603 24.46 -13.23 -5.61
N MET A 604 24.44 -13.99 -4.52
CA MET A 604 25.43 -15.03 -4.30
C MET A 604 25.37 -16.10 -5.39
N HIS A 605 24.16 -16.55 -5.73
CA HIS A 605 24.01 -17.60 -6.72
C HIS A 605 24.20 -17.09 -8.15
N ILE A 606 23.89 -15.82 -8.39
CA ILE A 606 24.22 -15.22 -9.68
C ILE A 606 25.73 -15.18 -9.87
N GLN A 607 26.47 -14.79 -8.82
CA GLN A 607 27.92 -14.75 -8.90
C GLN A 607 28.50 -16.15 -9.10
N LEU A 608 27.95 -17.15 -8.41
CA LEU A 608 28.47 -18.50 -8.52
C LEU A 608 28.24 -19.07 -9.92
N GLN A 609 27.26 -18.57 -10.65
CA GLN A 609 27.04 -18.96 -12.04
C GLN A 609 27.87 -18.14 -13.01
N SER A 610 28.70 -17.23 -12.52
CA SER A 610 29.58 -16.39 -13.34
C SER A 610 28.79 -15.57 -14.35
N VAL A 611 27.60 -15.13 -13.96
CA VAL A 611 26.78 -14.30 -14.85
C VAL A 611 27.31 -12.88 -14.84
N PRO A 612 27.46 -12.23 -16.00
CA PRO A 612 27.88 -10.82 -16.00
C PRO A 612 26.77 -9.90 -15.56
N PHE A 613 26.60 -9.77 -14.24
CA PHE A 613 25.51 -9.02 -13.65
C PHE A 613 25.96 -7.60 -13.36
N LEU A 614 25.19 -6.63 -13.83
CA LEU A 614 25.46 -5.22 -13.57
C LEU A 614 24.67 -4.76 -12.35
N HIS A 615 25.36 -4.18 -11.38
CA HIS A 615 24.70 -3.67 -10.19
C HIS A 615 24.07 -2.30 -10.52
N TRP A 616 23.53 -1.64 -9.49
CA TRP A 616 22.85 -0.36 -9.72
C TRP A 616 23.83 0.73 -10.13
N GLU A 617 25.05 0.70 -9.58
CA GLU A 617 26.08 1.68 -9.90
C GLU A 617 27.45 1.02 -9.77
N ALA A 618 28.45 1.70 -10.31
CA ALA A 618 29.82 1.20 -10.25
C ALA A 618 30.32 1.21 -8.81
N PRO A 619 31.31 0.36 -8.49
CA PRO A 619 31.82 0.30 -7.12
C PRO A 619 32.51 1.57 -6.67
N VAL A 620 33.04 1.57 -5.44
CA VAL A 620 33.61 2.79 -4.88
C VAL A 620 34.81 3.28 -5.69
N THR A 621 35.51 2.38 -6.37
CA THR A 621 36.63 2.76 -7.23
C THR A 621 36.12 2.99 -8.66
N SER A 622 35.34 4.07 -8.80
CA SER A 622 34.70 4.39 -10.07
C SER A 622 35.14 5.74 -10.62
N HIS A 623 35.12 6.80 -9.82
CA HIS A 623 35.46 8.12 -10.31
C HIS A 623 36.93 8.24 -10.70
N SER A 624 37.77 7.33 -10.20
CA SER A 624 39.18 7.32 -10.58
C SER A 624 39.43 6.63 -11.93
N LEU A 625 38.41 5.98 -12.49
CA LEU A 625 38.53 5.26 -13.75
C LEU A 625 37.77 5.99 -14.84
N THR A 626 38.26 5.86 -16.07
CA THR A 626 37.64 6.47 -17.23
C THR A 626 37.21 5.39 -18.22
N ALA A 627 36.51 5.82 -19.27
CA ALA A 627 36.08 4.88 -20.30
C ALA A 627 37.27 4.26 -21.02
N ARG A 628 38.40 4.98 -21.10
CA ARG A 628 39.57 4.45 -21.76
C ARG A 628 40.12 3.22 -21.04
N GLU A 629 40.11 3.25 -19.70
CA GLU A 629 40.68 2.14 -18.93
C GLU A 629 39.76 0.93 -18.88
N VAL A 630 38.47 1.09 -19.16
CA VAL A 630 37.53 -0.03 -19.09
C VAL A 630 37.12 -0.55 -20.46
N MET A 631 37.34 0.22 -21.53
CA MET A 631 36.93 -0.18 -22.86
C MET A 631 37.84 -1.29 -23.40
N SER A 632 37.31 -2.02 -24.38
CA SER A 632 38.05 -3.07 -25.06
C SER A 632 38.60 -2.53 -26.37
N THR A 633 39.90 -2.72 -26.58
CA THR A 633 40.59 -2.21 -27.76
C THR A 633 41.65 -3.23 -28.17
N PRO A 634 41.91 -3.40 -29.47
CA PRO A 634 41.30 -2.74 -30.63
C PRO A 634 39.89 -3.24 -30.93
N VAL A 635 39.12 -2.50 -31.73
CA VAL A 635 37.74 -2.81 -32.03
C VAL A 635 37.65 -3.37 -33.43
N THR A 636 36.92 -4.48 -33.59
CA THR A 636 36.63 -5.04 -34.90
C THR A 636 35.47 -4.25 -35.51
N CYS A 637 35.77 -3.45 -36.52
CA CYS A 637 34.79 -2.59 -37.16
C CYS A 637 34.53 -3.04 -38.59
N LEU A 638 33.47 -2.51 -39.16
CA LEU A 638 33.10 -2.78 -40.55
C LEU A 638 32.87 -1.47 -41.28
N ARG A 639 33.28 -1.41 -42.53
CA ARG A 639 33.04 -0.22 -43.34
C ARG A 639 31.58 -0.12 -43.71
N ARG A 640 31.15 1.11 -44.02
CA ARG A 640 29.76 1.33 -44.39
C ARG A 640 29.41 0.57 -45.66
N ARG A 641 30.31 0.56 -46.64
CA ARG A 641 30.21 -0.31 -47.81
C ARG A 641 31.34 -1.33 -47.67
N GLU A 642 31.01 -2.50 -47.14
CA GLU A 642 31.99 -3.51 -46.76
C GLU A 642 31.90 -4.71 -47.69
N LYS A 643 33.07 -5.28 -47.99
CA LYS A 643 33.12 -6.50 -48.80
C LYS A 643 32.48 -7.65 -48.07
N VAL A 644 31.76 -8.50 -48.81
CA VAL A 644 31.08 -9.64 -48.20
C VAL A 644 32.08 -10.61 -47.59
N GLY A 645 33.22 -10.83 -48.28
CA GLY A 645 34.23 -11.72 -47.74
C GLY A 645 34.79 -11.24 -46.41
N VAL A 646 34.95 -9.92 -46.26
CA VAL A 646 35.43 -9.38 -44.99
C VAL A 646 34.40 -9.62 -43.89
N ILE A 647 33.12 -9.42 -44.20
CA ILE A 647 32.07 -9.63 -43.21
C ILE A 647 32.03 -11.09 -42.77
N VAL A 648 32.12 -12.02 -43.72
CA VAL A 648 32.08 -13.44 -43.40
C VAL A 648 33.28 -13.82 -42.53
N ASP A 649 34.47 -13.36 -42.90
CA ASP A 649 35.66 -13.69 -42.12
C ASP A 649 35.58 -13.14 -40.70
N VAL A 650 35.05 -11.93 -40.55
CA VAL A 650 34.87 -11.36 -39.21
C VAL A 650 33.89 -12.20 -38.40
N LEU A 651 32.77 -12.59 -39.01
CA LEU A 651 31.78 -13.38 -38.29
C LEU A 651 32.25 -14.82 -38.07
N SER A 652 33.02 -15.38 -39.00
CA SER A 652 33.46 -16.76 -38.89
C SER A 652 34.66 -16.93 -37.97
N ASP A 653 35.26 -15.84 -37.48
CA ASP A 653 36.39 -15.95 -36.56
C ASP A 653 35.96 -16.67 -35.29
N THR A 654 36.75 -17.66 -34.89
CA THR A 654 36.43 -18.48 -33.72
C THR A 654 37.17 -18.05 -32.46
N ALA A 655 38.15 -17.14 -32.58
CA ALA A 655 38.83 -16.65 -31.40
C ALA A 655 37.94 -15.75 -30.55
N SER A 656 36.85 -15.22 -31.13
CA SER A 656 35.92 -14.39 -30.40
C SER A 656 34.54 -14.55 -31.02
N ASN A 657 33.52 -14.11 -30.28
CA ASN A 657 32.13 -14.20 -30.70
C ASN A 657 31.42 -12.87 -30.48
N HIS A 658 32.04 -11.79 -30.96
CA HIS A 658 31.44 -10.47 -30.85
C HIS A 658 30.12 -10.42 -31.59
N ASN A 659 29.14 -9.73 -31.01
CA ASN A 659 27.82 -9.61 -31.60
C ASN A 659 27.49 -8.19 -32.03
N GLY A 660 28.36 -7.23 -31.78
CA GLY A 660 28.15 -5.87 -32.23
C GLY A 660 29.42 -5.31 -32.85
N PHE A 661 29.25 -4.61 -33.97
CA PHE A 661 30.38 -4.11 -34.74
C PHE A 661 30.10 -2.67 -35.12
N PRO A 662 30.91 -1.71 -34.66
CA PRO A 662 30.75 -0.33 -35.12
C PRO A 662 30.98 -0.22 -36.62
N VAL A 663 30.19 0.63 -37.27
CA VAL A 663 30.31 0.89 -38.69
C VAL A 663 31.08 2.20 -38.87
N VAL A 664 32.17 2.14 -39.64
CA VAL A 664 33.09 3.26 -39.78
C VAL A 664 33.26 3.59 -41.26
N GLU A 665 33.86 4.75 -41.51
CA GLU A 665 34.16 5.19 -42.87
C GLU A 665 35.57 5.77 -42.95
N ALA A 673 38.61 5.44 -39.31
CA ALA A 673 37.74 4.79 -38.35
C ALA A 673 36.70 5.76 -37.78
N ARG A 674 36.17 6.62 -38.65
CA ARG A 674 35.16 7.59 -38.23
C ARG A 674 33.82 6.89 -38.04
N LEU A 675 33.29 6.95 -36.82
CA LEU A 675 32.08 6.21 -36.50
C LEU A 675 30.89 6.69 -37.33
N GLN A 676 30.15 5.74 -37.88
CA GLN A 676 28.92 6.01 -38.61
C GLN A 676 27.71 5.32 -38.02
N GLY A 677 27.89 4.21 -37.32
CA GLY A 677 26.78 3.49 -36.74
C GLY A 677 27.26 2.20 -36.11
N LEU A 678 26.29 1.35 -35.78
CA LEU A 678 26.57 0.05 -35.19
C LEU A 678 25.67 -0.99 -35.83
N ILE A 679 26.24 -2.17 -36.11
CA ILE A 679 25.53 -3.27 -36.72
C ILE A 679 25.69 -4.50 -35.84
N LEU A 680 24.64 -5.30 -35.74
CA LEU A 680 24.64 -6.51 -34.93
C LEU A 680 25.00 -7.72 -35.77
N ARG A 681 25.53 -8.75 -35.11
CA ARG A 681 25.81 -10.00 -35.81
C ARG A 681 24.54 -10.61 -36.38
N SER A 682 23.45 -10.56 -35.61
CA SER A 682 22.18 -11.11 -36.08
C SER A 682 21.68 -10.38 -37.32
N GLN A 683 21.85 -9.05 -37.36
CA GLN A 683 21.48 -8.30 -38.55
C GLN A 683 22.32 -8.71 -39.75
N LEU A 684 23.63 -8.90 -39.54
CA LEU A 684 24.51 -9.29 -40.63
C LEU A 684 24.13 -10.66 -41.18
N ILE A 685 23.77 -11.61 -40.30
CA ILE A 685 23.38 -12.93 -40.75
C ILE A 685 22.13 -12.86 -41.63
N VAL A 686 21.16 -12.04 -41.23
CA VAL A 686 19.96 -11.86 -42.05
C VAL A 686 20.31 -11.26 -43.39
N LEU A 687 21.20 -10.26 -43.41
CA LEU A 687 21.61 -9.65 -44.67
C LEU A 687 22.32 -10.65 -45.56
N LEU A 688 23.21 -11.47 -44.98
CA LEU A 688 23.90 -12.49 -45.77
C LEU A 688 22.94 -13.56 -46.27
N LYS A 689 21.97 -13.95 -45.43
CA LYS A 689 21.03 -15.00 -45.82
C LYS A 689 20.18 -14.56 -47.01
N HIS A 690 19.73 -13.31 -47.01
CA HIS A 690 18.92 -12.80 -48.11
C HIS A 690 19.76 -12.29 -49.27
N LYS A 691 21.08 -12.34 -49.16
CA LYS A 691 21.99 -11.96 -50.24
C LYS A 691 21.73 -10.55 -50.75
N VAL A 692 21.49 -9.61 -49.83
CA VAL A 692 21.27 -8.22 -50.20
C VAL A 692 22.63 -7.56 -50.40
N PHE A 693 23.10 -7.54 -51.64
CA PHE A 693 24.40 -6.99 -51.99
C PHE A 693 24.21 -5.87 -52.99
N VAL A 694 25.23 -4.98 -53.05
CA VAL A 694 25.19 -3.88 -54.00
C VAL A 694 25.19 -4.41 -55.44
N GLU A 695 25.81 -5.56 -55.67
CA GLU A 695 25.88 -6.20 -56.99
C GLU A 695 26.59 -5.30 -57.99
N ARG A 704 11.33 -7.28 -52.82
CA ARG A 704 12.76 -7.50 -52.95
C ARG A 704 13.53 -6.85 -51.80
N ARG A 705 13.23 -5.58 -51.54
CA ARG A 705 13.88 -4.87 -50.45
C ARG A 705 13.44 -5.46 -49.11
N LEU A 706 14.41 -5.59 -48.20
CA LEU A 706 14.12 -6.13 -46.87
C LEU A 706 13.30 -5.13 -46.06
N ARG A 707 12.36 -5.65 -45.28
CA ARG A 707 11.62 -4.88 -44.30
C ARG A 707 12.06 -5.29 -42.91
N LEU A 708 11.65 -4.51 -41.91
CA LEU A 708 12.00 -4.83 -40.53
C LEU A 708 11.39 -6.16 -40.10
N LYS A 709 10.29 -6.57 -40.74
CA LYS A 709 9.69 -7.86 -40.42
C LYS A 709 10.62 -9.01 -40.77
N ASP A 710 11.44 -8.86 -41.82
CA ASP A 710 12.36 -9.92 -42.20
C ASP A 710 13.39 -10.18 -41.11
N PHE A 711 13.81 -9.13 -40.40
CA PHE A 711 14.74 -9.32 -39.29
C PHE A 711 14.04 -9.94 -38.09
N ARG A 712 12.76 -9.61 -37.88
CA ARG A 712 11.99 -10.21 -36.81
C ARG A 712 11.60 -11.64 -37.11
N ASP A 713 11.64 -12.06 -38.38
CA ASP A 713 11.27 -13.41 -38.74
C ASP A 713 12.25 -14.43 -38.18
N ALA A 714 13.53 -14.09 -38.15
CA ALA A 714 14.54 -14.96 -37.57
C ALA A 714 14.69 -14.81 -36.06
N TYR A 715 14.03 -13.81 -35.48
CA TYR A 715 14.10 -13.62 -34.04
C TYR A 715 13.32 -14.72 -33.33
N PRO A 716 13.81 -15.22 -32.18
CA PRO A 716 15.06 -14.88 -31.51
C PRO A 716 16.18 -15.87 -31.78
N ARG A 717 15.96 -16.90 -32.58
CA ARG A 717 16.98 -17.92 -32.85
C ARG A 717 17.55 -17.67 -34.24
N PHE A 718 18.55 -16.81 -34.28
CA PHE A 718 19.24 -16.48 -35.51
C PHE A 718 20.22 -17.60 -35.90
N PRO A 719 20.25 -17.99 -37.17
CA PRO A 719 21.16 -19.05 -37.58
C PRO A 719 22.61 -18.60 -37.45
N PRO A 720 23.53 -19.53 -37.21
CA PRO A 720 24.95 -19.16 -37.11
C PRO A 720 25.55 -18.87 -38.48
N ILE A 721 26.75 -18.30 -38.45
CA ILE A 721 27.44 -17.96 -39.69
C ILE A 721 27.81 -19.22 -40.47
N GLN A 722 28.00 -20.34 -39.77
CA GLN A 722 28.34 -21.59 -40.46
C GLN A 722 27.21 -22.04 -41.39
N SER A 723 25.96 -21.74 -41.04
CA SER A 723 24.84 -22.10 -41.90
C SER A 723 24.80 -21.23 -43.15
N ILE A 724 25.56 -20.14 -43.20
CA ILE A 724 25.56 -19.25 -44.35
C ILE A 724 26.57 -19.77 -45.37
N HIS A 725 26.09 -20.05 -46.59
CA HIS A 725 26.94 -20.51 -47.67
C HIS A 725 27.11 -19.38 -48.68
N VAL A 726 28.35 -18.90 -48.81
CA VAL A 726 28.68 -17.80 -49.70
C VAL A 726 29.75 -18.29 -50.67
N SER A 727 29.62 -17.88 -51.93
CA SER A 727 30.55 -18.32 -52.97
C SER A 727 31.70 -17.31 -53.11
N GLN A 728 32.72 -17.73 -53.86
CA GLN A 728 33.85 -16.85 -54.11
C GLN A 728 33.43 -15.60 -54.89
N ASP A 729 32.51 -15.76 -55.83
CA ASP A 729 32.00 -14.61 -56.56
C ASP A 729 31.26 -13.65 -55.63
N GLU A 730 30.46 -14.20 -54.70
CA GLU A 730 29.75 -13.36 -53.76
C GLU A 730 30.67 -12.76 -52.70
N ARG A 731 31.80 -13.39 -52.43
CA ARG A 731 32.73 -12.83 -51.45
C ARG A 731 33.33 -11.52 -51.92
N GLU A 732 33.41 -11.32 -53.25
CA GLU A 732 33.89 -10.06 -53.79
C GLU A 732 32.80 -8.99 -53.89
N CYS A 733 31.54 -9.36 -53.67
CA CYS A 733 30.47 -8.39 -53.66
C CYS A 733 30.57 -7.50 -52.41
N THR A 734 29.94 -6.33 -52.49
CA THR A 734 29.93 -5.37 -51.40
C THR A 734 28.53 -5.25 -50.81
N MET A 735 28.48 -5.09 -49.50
CA MET A 735 27.23 -4.95 -48.77
C MET A 735 27.15 -3.54 -48.18
N ASP A 736 26.05 -2.85 -48.46
CA ASP A 736 25.83 -1.51 -47.95
C ASP A 736 25.06 -1.59 -46.64
N LEU A 737 25.68 -1.15 -45.55
CA LEU A 737 25.08 -1.24 -44.22
C LEU A 737 24.34 0.02 -43.81
N SER A 738 24.22 1.01 -44.70
CA SER A 738 23.66 2.30 -44.31
C SER A 738 22.21 2.17 -43.86
N GLU A 739 21.41 1.37 -44.57
CA GLU A 739 19.99 1.26 -44.26
C GLU A 739 19.70 0.34 -43.07
N PHE A 740 20.69 -0.40 -42.59
CA PHE A 740 20.46 -1.42 -41.56
C PHE A 740 21.16 -1.13 -40.24
N MET A 741 22.25 -0.35 -40.25
CA MET A 741 22.97 -0.08 -39.02
C MET A 741 22.15 0.83 -38.11
N ASN A 742 22.45 0.76 -36.82
CA ASN A 742 21.93 1.76 -35.88
C ASN A 742 22.62 3.08 -36.18
N PRO A 743 21.94 4.05 -36.79
CA PRO A 743 22.66 5.26 -37.26
C PRO A 743 23.14 6.15 -36.13
N SER A 744 22.59 6.03 -34.93
CA SER A 744 22.97 6.87 -33.79
C SER A 744 23.22 6.01 -32.57
N PRO A 745 24.30 5.22 -32.58
CA PRO A 745 24.67 4.48 -31.37
C PRO A 745 25.12 5.42 -30.27
N TYR A 746 24.85 5.03 -29.03
CA TYR A 746 25.28 5.83 -27.90
C TYR A 746 26.80 5.76 -27.76
N THR A 747 27.42 6.91 -27.54
CA THR A 747 28.86 7.03 -27.47
C THR A 747 29.27 7.82 -26.24
N VAL A 748 30.50 7.57 -25.78
CA VAL A 748 31.09 8.32 -24.67
C VAL A 748 32.51 8.73 -25.08
N PRO A 749 33.02 9.85 -24.60
CA PRO A 749 34.40 10.21 -24.88
C PRO A 749 35.37 9.30 -24.14
N GLN A 750 36.62 9.31 -24.60
CA GLN A 750 37.66 8.50 -23.97
C GLN A 750 37.84 8.85 -22.50
N GLU A 751 37.68 10.13 -22.16
CA GLU A 751 37.92 10.60 -20.80
C GLU A 751 36.67 10.58 -19.92
N ALA A 752 35.55 10.08 -20.43
CA ALA A 752 34.34 10.00 -19.63
C ALA A 752 34.56 9.08 -18.43
N SER A 753 34.11 9.52 -17.26
CA SER A 753 34.35 8.77 -16.04
C SER A 753 33.50 7.50 -16.01
N LEU A 754 33.97 6.51 -15.25
CA LEU A 754 33.26 5.24 -15.16
C LEU A 754 31.84 5.38 -14.63
N PRO A 755 31.56 6.15 -13.56
CA PRO A 755 30.16 6.29 -13.14
C PRO A 755 29.25 6.83 -14.22
N ARG A 756 29.74 7.79 -15.02
CA ARG A 756 28.94 8.30 -16.12
C ARG A 756 28.74 7.24 -17.19
N VAL A 757 29.78 6.46 -17.49
CA VAL A 757 29.67 5.36 -18.44
C VAL A 757 28.72 4.30 -17.90
N PHE A 758 28.87 3.94 -16.63
CA PHE A 758 28.04 2.89 -16.05
C PHE A 758 26.57 3.31 -15.99
N LYS A 759 26.31 4.57 -15.60
CA LYS A 759 24.93 5.03 -15.47
C LYS A 759 24.23 5.02 -16.82
N LEU A 760 24.90 5.51 -17.86
CA LEU A 760 24.29 5.53 -19.19
C LEU A 760 24.05 4.12 -19.71
N PHE A 761 25.01 3.22 -19.49
CA PHE A 761 24.89 1.85 -19.98
C PHE A 761 23.74 1.12 -19.29
N ARG A 762 23.65 1.24 -17.97
CA ARG A 762 22.63 0.53 -17.22
C ARG A 762 21.23 1.11 -17.48
N ALA A 763 21.11 2.43 -17.47
CA ALA A 763 19.80 3.06 -17.59
C ALA A 763 19.16 2.78 -18.95
N LEU A 764 19.95 2.83 -20.02
CA LEU A 764 19.41 2.61 -21.36
C LEU A 764 19.31 1.15 -21.73
N GLY A 765 19.81 0.24 -20.89
CA GLY A 765 19.83 -1.17 -21.25
C GLY A 765 20.69 -1.45 -22.46
N LEU A 766 21.84 -0.80 -22.55
CA LEU A 766 22.69 -0.93 -23.72
C LEU A 766 23.39 -2.29 -23.74
N ARG A 767 23.74 -2.73 -24.94
CA ARG A 767 24.59 -3.89 -25.14
C ARG A 767 25.98 -3.52 -25.62
N HIS A 768 26.11 -2.50 -26.47
CA HIS A 768 27.39 -2.03 -26.95
C HIS A 768 27.43 -0.52 -26.81
N LEU A 769 28.49 0.00 -26.20
CA LEU A 769 28.70 1.42 -26.01
C LEU A 769 30.03 1.80 -26.66
N VAL A 770 29.97 2.54 -27.74
CA VAL A 770 31.18 2.88 -28.51
C VAL A 770 31.91 4.02 -27.83
N VAL A 771 33.20 3.83 -27.60
CA VAL A 771 34.05 4.88 -27.07
C VAL A 771 34.76 5.56 -28.24
N VAL A 772 34.67 6.88 -28.30
CA VAL A 772 35.24 7.65 -29.39
C VAL A 772 36.23 8.66 -28.84
N ASP A 773 37.14 9.09 -29.71
CA ASP A 773 38.10 10.12 -29.37
C ASP A 773 37.53 11.50 -29.74
N ASN A 774 38.38 12.52 -29.73
CA ASN A 774 37.92 13.88 -29.99
C ASN A 774 37.43 14.06 -31.43
N ARG A 775 37.84 13.19 -32.35
CA ARG A 775 37.48 13.32 -33.76
C ARG A 775 36.44 12.29 -34.20
N ASN A 776 35.67 11.75 -33.25
CA ASN A 776 34.66 10.72 -33.53
C ASN A 776 35.28 9.48 -34.16
N GLN A 777 36.52 9.17 -33.80
CA GLN A 777 37.18 7.95 -34.23
C GLN A 777 36.98 6.87 -33.17
N VAL A 778 36.59 5.68 -33.62
CA VAL A 778 36.33 4.57 -32.69
C VAL A 778 37.65 4.15 -32.05
N VAL A 779 37.70 4.21 -30.72
CA VAL A 779 38.88 3.82 -29.97
C VAL A 779 38.63 2.66 -29.02
N GLY A 780 37.37 2.35 -28.71
CA GLY A 780 37.08 1.24 -27.82
C GLY A 780 35.61 0.91 -27.85
N LEU A 781 35.29 -0.23 -27.23
CA LEU A 781 33.92 -0.69 -27.11
C LEU A 781 33.67 -1.15 -25.68
N VAL A 782 32.49 -0.82 -25.15
CA VAL A 782 32.11 -1.16 -23.79
C VAL A 782 30.88 -2.04 -23.84
N THR A 783 30.99 -3.23 -23.26
CA THR A 783 29.88 -4.16 -23.08
C THR A 783 29.73 -4.45 -21.58
N ARG A 784 28.73 -5.25 -21.25
CA ARG A 784 28.44 -5.51 -19.83
C ARG A 784 29.59 -6.26 -19.15
N LYS A 785 30.30 -7.11 -19.89
CA LYS A 785 31.43 -7.81 -19.29
C LYS A 785 32.55 -6.85 -18.91
N ASP A 786 32.71 -5.75 -19.66
CA ASP A 786 33.71 -4.75 -19.30
C ASP A 786 33.35 -4.03 -18.02
N LEU A 787 32.06 -3.78 -17.78
CA LEU A 787 31.62 -3.08 -16.59
C LEU A 787 31.42 -3.99 -15.39
N ALA A 788 31.01 -5.24 -15.61
CA ALA A 788 30.72 -6.14 -14.50
C ALA A 788 31.97 -6.68 -13.83
N ARG A 789 33.13 -6.57 -14.47
CA ARG A 789 34.35 -7.14 -13.89
C ARG A 789 34.88 -6.34 -12.71
N TYR A 790 34.33 -5.15 -12.44
CA TYR A 790 34.78 -4.32 -11.34
C TYR A 790 33.92 -4.61 -10.11
N ARG A 791 34.58 -4.93 -9.00
CA ARG A 791 33.88 -5.28 -7.77
C ARG A 791 34.35 -4.43 -6.60
N LEU B 73 -52.23 13.25 27.95
CA LEU B 73 -51.28 12.64 27.03
C LEU B 73 -51.78 11.29 26.52
N PRO B 74 -51.40 10.95 25.29
CA PRO B 74 -51.71 9.61 24.78
C PRO B 74 -51.05 8.55 25.63
N PRO B 75 -51.71 7.41 25.83
CA PRO B 75 -51.18 6.35 26.70
C PRO B 75 -50.09 5.49 26.04
N ASP B 76 -49.22 6.14 25.27
CA ASP B 76 -48.11 5.45 24.62
C ASP B 76 -46.76 5.93 25.15
N LEU B 77 -46.53 7.25 25.18
CA LEU B 77 -45.21 7.75 25.59
C LEU B 77 -45.02 7.72 27.10
N PRO B 78 -45.84 8.40 27.92
CA PRO B 78 -45.52 8.46 29.35
C PRO B 78 -45.84 7.18 30.10
N ASP B 79 -46.89 6.46 29.72
CA ASP B 79 -47.29 5.21 30.37
C ASP B 79 -47.53 4.13 29.32
N LEU B 80 -47.57 2.88 29.79
CA LEU B 80 -47.73 1.76 28.88
C LEU B 80 -49.14 1.71 28.30
N ASP B 81 -49.21 1.37 27.01
CA ASP B 81 -50.46 1.02 26.36
C ASP B 81 -50.95 -0.32 26.88
N PRO B 82 -52.22 -0.42 27.26
CA PRO B 82 -52.70 -1.65 27.92
C PRO B 82 -52.51 -2.90 27.08
N GLU B 83 -52.62 -2.78 25.75
CA GLU B 83 -52.45 -3.95 24.89
C GLU B 83 -50.99 -4.36 24.80
N CYS B 84 -50.06 -3.49 25.17
CA CYS B 84 -48.63 -3.81 25.16
C CYS B 84 -48.06 -4.05 26.55
N ARG B 85 -48.79 -3.74 27.61
CA ARG B 85 -48.29 -3.98 28.96
C ARG B 85 -48.18 -5.47 29.27
N GLU B 86 -49.21 -6.25 28.94
CA GLU B 86 -49.19 -7.67 29.26
C GLU B 86 -48.24 -8.43 28.35
N LEU B 87 -48.07 -7.96 27.11
CA LEU B 87 -47.12 -8.61 26.21
C LEU B 87 -45.69 -8.40 26.68
N LEU B 88 -45.36 -7.18 27.13
CA LEU B 88 -44.04 -6.93 27.70
C LEU B 88 -43.83 -7.70 28.99
N LEU B 89 -44.86 -7.77 29.85
CA LEU B 89 -44.76 -8.56 31.07
C LEU B 89 -44.64 -10.04 30.77
N ASP B 90 -45.23 -10.50 29.66
CA ASP B 90 -45.03 -11.87 29.23
C ASP B 90 -43.57 -12.13 28.88
N PHE B 91 -42.94 -11.18 28.20
CA PHE B 91 -41.51 -11.29 27.90
C PHE B 91 -40.66 -11.16 29.16
N ALA B 92 -41.15 -10.45 30.18
CA ALA B 92 -40.35 -10.20 31.37
C ALA B 92 -40.07 -11.49 32.14
N ASN B 93 -41.11 -12.26 32.45
CA ASN B 93 -40.92 -13.49 33.21
C ASN B 93 -40.36 -14.61 32.35
N SER B 94 -40.70 -14.65 31.05
CA SER B 94 -40.15 -15.67 30.17
C SER B 94 -38.64 -15.49 30.01
N SER B 95 -38.18 -14.24 29.88
CA SER B 95 -36.74 -14.01 29.87
C SER B 95 -36.13 -14.21 31.24
N ALA B 96 -36.90 -13.95 32.30
CA ALA B 96 -36.42 -14.20 33.65
C ALA B 96 -36.24 -15.70 33.91
N GLU B 97 -37.17 -16.52 33.42
CA GLU B 97 -37.06 -17.95 33.62
C GLU B 97 -35.94 -18.54 32.77
N LEU B 98 -35.74 -18.02 31.57
CA LEU B 98 -34.62 -18.48 30.74
C LEU B 98 -33.29 -18.12 31.38
N THR B 99 -33.18 -16.90 31.91
CA THR B 99 -31.95 -16.50 32.57
C THR B 99 -31.69 -17.33 33.82
N GLY B 100 -32.74 -17.62 34.59
CA GLY B 100 -32.57 -18.45 35.78
C GLY B 100 -32.17 -19.87 35.44
N CYS B 101 -32.76 -20.44 34.39
CA CYS B 101 -32.43 -21.81 33.99
C CYS B 101 -31.05 -21.89 33.34
N LEU B 102 -30.63 -20.84 32.63
CA LEU B 102 -29.31 -20.85 32.00
C LEU B 102 -28.21 -20.91 33.05
N VAL B 103 -28.35 -20.16 34.14
CA VAL B 103 -27.32 -20.14 35.17
C VAL B 103 -27.28 -21.47 35.92
N ARG B 104 -28.45 -22.00 36.27
CA ARG B 104 -28.49 -23.24 37.04
C ARG B 104 -27.96 -24.43 36.24
N SER B 105 -28.03 -24.37 34.92
CA SER B 105 -27.53 -25.43 34.06
C SER B 105 -26.09 -25.19 33.59
N ALA B 106 -25.41 -24.18 34.15
CA ALA B 106 -24.10 -23.81 33.63
C ALA B 106 -23.05 -24.84 33.97
N ARG B 107 -23.00 -25.32 35.21
CA ARG B 107 -21.90 -26.19 35.61
C ARG B 107 -22.38 -27.39 36.40
N PRO B 108 -22.22 -28.62 35.87
CA PRO B 108 -21.77 -28.95 34.51
C PRO B 108 -22.85 -28.62 33.50
N VAL B 109 -22.50 -28.41 32.23
CA VAL B 109 -23.43 -27.80 31.29
C VAL B 109 -24.53 -28.78 30.94
N ARG B 110 -25.78 -28.37 31.13
CA ARG B 110 -26.95 -29.04 30.58
C ARG B 110 -27.85 -28.05 29.87
N LEU B 111 -27.26 -27.03 29.25
CA LEU B 111 -28.01 -25.89 28.73
C LEU B 111 -29.12 -26.28 27.76
N CYS B 112 -28.76 -26.87 26.63
CA CYS B 112 -29.70 -27.10 25.56
C CYS B 112 -30.44 -28.44 25.69
N GLN B 113 -30.38 -29.07 26.87
CA GLN B 113 -31.27 -30.17 27.21
C GLN B 113 -32.22 -29.82 28.34
N THR B 114 -31.92 -28.78 29.11
CA THR B 114 -32.79 -28.31 30.19
C THR B 114 -33.42 -26.96 29.90
N CYS B 115 -32.73 -26.06 29.20
CA CYS B 115 -33.25 -24.74 28.90
C CYS B 115 -33.97 -24.67 27.56
N TYR B 116 -34.07 -25.78 26.84
CA TYR B 116 -34.74 -25.74 25.53
C TYR B 116 -36.25 -25.48 25.59
N PRO B 117 -37.01 -25.77 26.69
CA PRO B 117 -38.40 -25.31 26.71
C PRO B 117 -38.46 -23.82 26.97
N LEU B 118 -37.61 -23.35 27.88
CA LEU B 118 -37.57 -21.96 28.29
C LEU B 118 -36.97 -21.04 27.24
N PHE B 119 -36.25 -21.58 26.26
CA PHE B 119 -35.70 -20.76 25.18
C PHE B 119 -36.69 -20.59 24.05
N GLN B 120 -37.36 -21.67 23.63
CA GLN B 120 -38.36 -21.56 22.57
C GLN B 120 -39.56 -20.73 23.05
N GLN B 121 -39.82 -20.73 24.36
CA GLN B 121 -40.85 -19.85 24.89
C GLN B 121 -40.49 -18.39 24.69
N VAL B 122 -39.22 -18.04 24.92
CA VAL B 122 -38.77 -16.66 24.71
C VAL B 122 -38.88 -16.29 23.24
N VAL B 123 -38.47 -17.19 22.34
CA VAL B 123 -38.52 -16.91 20.92
C VAL B 123 -39.97 -16.73 20.46
N SER B 124 -40.86 -17.61 20.92
CA SER B 124 -42.27 -17.50 20.54
C SER B 124 -42.90 -16.23 21.09
N LYS B 125 -42.59 -15.87 22.34
CA LYS B 125 -43.14 -14.66 22.93
C LYS B 125 -42.63 -13.42 22.20
N MET B 126 -41.36 -13.42 21.81
CA MET B 126 -40.85 -12.32 20.98
C MET B 126 -41.53 -12.31 19.62
N ASP B 127 -41.77 -13.49 19.05
CA ASP B 127 -42.51 -13.58 17.79
C ASP B 127 -43.94 -13.08 17.96
N ASN B 128 -44.57 -13.43 19.08
CA ASN B 128 -45.93 -12.95 19.36
C ASN B 128 -45.96 -11.46 19.67
N ILE B 129 -44.87 -10.89 20.20
CA ILE B 129 -44.81 -9.47 20.49
C ILE B 129 -44.42 -8.65 19.26
N SER B 130 -43.93 -9.28 18.20
CA SER B 130 -43.50 -8.60 16.98
C SER B 130 -44.19 -9.27 15.79
N ARG B 131 -45.32 -8.70 15.38
CA ARG B 131 -46.09 -9.20 14.24
C ARG B 131 -46.46 -10.66 14.39
N SER B 141 -50.03 -4.62 17.13
CA SER B 141 -49.84 -3.18 17.15
C SER B 141 -48.88 -2.76 18.26
N CYS B 142 -48.08 -3.72 18.74
CA CYS B 142 -47.12 -3.47 19.80
C CYS B 142 -45.67 -3.56 19.36
N ALA B 143 -45.40 -4.10 18.16
CA ALA B 143 -44.02 -4.22 17.71
C ALA B 143 -43.37 -2.86 17.48
N ARG B 144 -44.11 -1.93 16.87
CA ARG B 144 -43.57 -0.61 16.59
C ARG B 144 -43.19 0.12 17.87
N SER B 145 -44.01 -0.02 18.91
CA SER B 145 -43.87 0.75 20.13
C SER B 145 -43.00 0.08 21.18
N LEU B 146 -42.54 -1.15 20.95
CA LEU B 146 -41.83 -1.88 22.00
C LEU B 146 -40.40 -2.23 21.58
N LEU B 147 -40.17 -2.35 20.27
CA LEU B 147 -38.86 -2.77 19.79
C LEU B 147 -37.95 -1.58 19.53
N MET B 148 -38.34 -0.70 18.60
CA MET B 148 -37.52 0.44 18.21
C MET B 148 -38.04 1.76 18.77
N ALA B 149 -38.65 1.74 19.96
CA ALA B 149 -39.21 2.94 20.54
C ALA B 149 -38.18 3.81 21.25
N ASP B 150 -36.95 3.35 21.40
CA ASP B 150 -35.94 4.13 22.12
C ASP B 150 -34.57 3.66 21.68
N ARG B 151 -33.54 4.35 22.20
CA ARG B 151 -32.16 4.01 21.83
C ARG B 151 -31.77 2.64 22.35
N MET B 152 -32.18 2.30 23.57
CA MET B 152 -31.75 1.07 24.23
C MET B 152 -32.86 0.03 24.12
N GLN B 153 -32.87 -0.67 22.99
CA GLN B 153 -33.89 -1.67 22.70
C GLN B 153 -33.60 -2.91 23.54
N ILE B 154 -34.14 -2.94 24.76
CA ILE B 154 -33.88 -4.05 25.67
C ILE B 154 -34.43 -5.35 25.11
N VAL B 155 -35.65 -5.31 24.56
CA VAL B 155 -36.28 -6.53 24.06
C VAL B 155 -35.46 -7.10 22.91
N VAL B 156 -34.97 -6.23 22.02
CA VAL B 156 -34.22 -6.70 20.86
C VAL B 156 -32.87 -7.27 21.30
N ILE B 157 -32.15 -6.53 22.16
CA ILE B 157 -30.82 -6.98 22.55
C ILE B 157 -30.88 -8.22 23.44
N LEU B 158 -31.93 -8.33 24.27
CA LEU B 158 -32.09 -9.54 25.07
C LEU B 158 -32.37 -10.75 24.18
N SER B 159 -33.21 -10.57 23.16
CA SER B 159 -33.42 -11.64 22.18
C SER B 159 -32.15 -11.92 21.40
N GLU B 160 -31.38 -10.88 21.09
CA GLU B 160 -30.10 -11.08 20.42
C GLU B 160 -29.14 -11.87 21.31
N PHE B 161 -29.11 -11.55 22.61
CA PHE B 161 -28.23 -12.26 23.52
C PHE B 161 -28.61 -13.73 23.63
N PHE B 162 -29.91 -14.02 23.75
CA PHE B 162 -30.35 -15.41 23.83
C PHE B 162 -30.06 -16.15 22.53
N ASN B 163 -30.28 -15.50 21.39
CA ASN B 163 -29.96 -16.11 20.11
C ASN B 163 -28.46 -16.35 19.98
N THR B 164 -27.65 -15.37 20.38
CA THR B 164 -26.20 -15.54 20.32
C THR B 164 -25.74 -16.68 21.24
N THR B 165 -26.30 -16.73 22.46
CA THR B 165 -25.96 -17.81 23.38
C THR B 165 -26.42 -19.15 22.83
N TRP B 166 -27.61 -19.20 22.22
CA TRP B 166 -28.11 -20.45 21.65
C TRP B 166 -27.22 -20.93 20.51
N GLN B 167 -26.84 -20.03 19.60
CA GLN B 167 -26.02 -20.42 18.46
C GLN B 167 -24.57 -20.71 18.85
N GLU B 168 -24.03 -19.97 19.82
CA GLU B 168 -22.68 -20.25 20.29
C GLU B 168 -22.61 -21.62 20.95
N ALA B 169 -23.65 -21.98 21.71
CA ALA B 169 -23.74 -23.34 22.24
C ALA B 169 -23.92 -24.37 21.14
N ASN B 170 -24.41 -23.96 19.97
CA ASN B 170 -24.50 -24.81 18.78
C ASN B 170 -25.31 -26.08 19.07
N CYS B 171 -26.44 -25.92 19.73
CA CYS B 171 -27.34 -27.04 20.00
C CYS B 171 -28.44 -27.19 18.96
N ALA B 172 -28.47 -26.33 17.94
CA ALA B 172 -29.39 -26.54 16.83
C ALA B 172 -29.06 -27.82 16.06
N ASN B 173 -27.80 -28.26 16.10
CA ASN B 173 -27.40 -29.51 15.46
C ASN B 173 -27.70 -30.73 16.31
N CYS B 174 -27.96 -30.55 17.60
CA CYS B 174 -28.29 -31.66 18.49
C CYS B 174 -29.78 -31.81 18.73
N LEU B 175 -30.60 -31.03 18.06
CA LEU B 175 -32.05 -31.17 18.12
C LEU B 175 -32.59 -31.56 16.74
N THR B 176 -33.68 -32.32 16.75
CA THR B 176 -34.29 -32.77 15.51
C THR B 176 -34.91 -31.58 14.78
N ASN B 177 -35.34 -31.83 13.54
CA ASN B 177 -36.02 -30.80 12.76
C ASN B 177 -37.28 -30.32 13.45
N ASN B 178 -37.98 -31.23 14.14
CA ASN B 178 -39.13 -30.83 14.94
C ASN B 178 -38.71 -29.94 16.12
N SER B 179 -37.51 -30.17 16.65
CA SER B 179 -36.96 -29.42 17.78
C SER B 179 -37.81 -29.54 19.03
N GLU B 180 -38.65 -30.58 19.12
CA GLU B 180 -39.51 -30.74 20.28
C GLU B 180 -38.80 -31.46 21.42
N GLU B 181 -37.68 -32.14 21.13
CA GLU B 181 -36.93 -32.87 22.15
C GLU B 181 -35.54 -33.17 21.59
N LEU B 182 -34.73 -33.83 22.40
CA LEU B 182 -33.37 -34.17 22.00
C LEU B 182 -33.39 -35.23 20.91
N SER B 183 -32.41 -35.15 20.01
CA SER B 183 -32.28 -36.11 18.93
C SER B 183 -31.80 -37.46 19.47
N ASN B 184 -31.96 -38.49 18.64
CA ASN B 184 -31.56 -39.84 19.06
C ASN B 184 -30.06 -39.93 19.30
N SER B 185 -29.26 -39.28 18.46
CA SER B 185 -27.82 -39.28 18.66
C SER B 185 -27.44 -38.60 19.96
N THR B 186 -28.11 -37.50 20.29
CA THR B 186 -27.86 -36.83 21.56
C THR B 186 -28.27 -37.71 22.73
N VAL B 187 -29.48 -38.27 22.70
CA VAL B 187 -29.95 -39.12 23.79
C VAL B 187 -29.04 -40.34 23.93
N TYR B 188 -28.56 -40.86 22.80
CA TYR B 188 -27.64 -41.99 22.85
C TYR B 188 -26.34 -41.61 23.56
N PHE B 189 -25.89 -40.37 23.40
CA PHE B 189 -24.62 -39.99 23.99
C PHE B 189 -24.72 -39.82 25.50
N LEU B 190 -25.77 -39.18 26.01
CA LEU B 190 -25.87 -38.93 27.44
C LEU B 190 -26.01 -40.23 28.24
N ASN B 191 -26.81 -41.18 27.75
CA ASN B 191 -27.09 -42.35 28.56
C ASN B 191 -25.87 -43.26 28.71
N LEU B 192 -25.08 -43.45 27.65
CA LEU B 192 -23.84 -44.20 27.81
C LEU B 192 -22.73 -43.34 28.39
N PHE B 193 -22.85 -42.01 28.33
CA PHE B 193 -22.02 -41.15 29.17
C PHE B 193 -22.34 -41.39 30.63
N ASN B 194 -23.62 -41.52 30.96
CA ASN B 194 -24.01 -41.93 32.30
C ASN B 194 -23.55 -43.35 32.59
N HIS B 195 -23.64 -44.25 31.60
CA HIS B 195 -23.14 -45.60 31.77
C HIS B 195 -21.64 -45.62 32.06
N THR B 196 -20.88 -44.80 31.34
CA THR B 196 -19.46 -44.67 31.61
C THR B 196 -19.21 -44.09 33.00
N LEU B 197 -19.97 -43.07 33.38
CA LEU B 197 -19.78 -42.44 34.68
C LEU B 197 -20.09 -43.40 35.82
N THR B 198 -21.19 -44.15 35.70
CA THR B 198 -21.51 -45.12 36.75
C THR B 198 -20.58 -46.31 36.72
N CYS B 199 -20.01 -46.63 35.54
CA CYS B 199 -18.98 -47.65 35.46
C CYS B 199 -17.73 -47.21 36.20
N PHE B 200 -17.38 -45.92 36.12
CA PHE B 200 -16.29 -45.38 36.91
C PHE B 200 -16.57 -45.47 38.40
N GLU B 201 -17.84 -45.39 38.79
CA GLU B 201 -18.17 -45.25 40.21
C GLU B 201 -17.87 -46.52 40.98
N HIS B 202 -18.31 -47.67 40.48
CA HIS B 202 -18.16 -48.91 41.23
C HIS B 202 -16.79 -49.56 41.08
N ASN B 203 -15.93 -49.00 40.24
CA ASN B 203 -14.57 -49.54 40.07
C ASN B 203 -13.54 -48.82 40.93
N LEU B 204 -13.95 -47.84 41.74
CA LEU B 204 -13.03 -47.23 42.69
C LEU B 204 -12.81 -48.14 43.88
N GLN B 205 -13.87 -48.45 44.62
CA GLN B 205 -13.80 -49.36 45.75
C GLN B 205 -15.21 -49.80 46.17
N TYR B 217 -6.76 -46.33 41.42
CA TYR B 217 -7.62 -46.38 40.25
C TYR B 217 -7.16 -47.45 39.26
N SER B 218 -6.51 -48.49 39.80
CA SER B 218 -6.07 -49.60 38.95
C SER B 218 -7.24 -50.32 38.32
N GLU B 219 -8.30 -50.55 39.09
CA GLU B 219 -9.47 -51.27 38.57
C GLU B 219 -10.18 -50.46 37.48
N VAL B 220 -10.24 -49.14 37.64
CA VAL B 220 -10.99 -48.32 36.69
C VAL B 220 -10.38 -48.39 35.29
N CYS B 221 -9.05 -48.31 35.21
CA CYS B 221 -8.39 -48.34 33.90
C CYS B 221 -8.41 -49.74 33.30
N LYS B 222 -8.65 -50.77 34.12
CA LYS B 222 -8.55 -52.14 33.63
C LYS B 222 -9.80 -52.57 32.88
N ASN B 223 -10.95 -52.61 33.55
CA ASN B 223 -12.16 -53.14 32.95
C ASN B 223 -13.05 -52.06 32.34
N CYS B 224 -13.04 -50.86 32.90
CA CYS B 224 -13.86 -49.77 32.39
C CYS B 224 -13.14 -49.00 31.28
N ARG B 225 -12.67 -49.74 30.27
CA ARG B 225 -12.03 -49.15 29.11
C ARG B 225 -12.91 -49.23 27.87
N GLU B 226 -13.56 -50.37 27.63
CA GLU B 226 -14.44 -50.51 26.47
C GLU B 226 -15.58 -49.51 26.54
N ALA B 227 -16.09 -49.24 27.75
CA ALA B 227 -17.11 -48.22 27.91
C ALA B 227 -16.58 -46.84 27.52
N TYR B 228 -15.33 -46.56 27.88
CA TYR B 228 -14.72 -45.28 27.52
C TYR B 228 -14.46 -45.19 26.02
N LYS B 229 -13.97 -46.28 25.41
CA LYS B 229 -13.64 -46.25 23.98
C LYS B 229 -14.90 -46.04 23.13
N THR B 230 -15.99 -46.73 23.46
CA THR B 230 -17.22 -46.53 22.70
C THR B 230 -17.80 -45.15 22.93
N LEU B 231 -17.61 -44.57 24.12
CA LEU B 231 -17.95 -43.17 24.33
C LEU B 231 -17.10 -42.25 23.48
N SER B 232 -15.79 -42.52 23.42
CA SER B 232 -14.91 -41.69 22.59
C SER B 232 -15.16 -41.92 21.11
N SER B 233 -15.43 -43.17 20.71
CA SER B 233 -15.71 -43.46 19.30
C SER B 233 -17.01 -42.80 18.86
N LEU B 234 -18.04 -42.83 19.73
CA LEU B 234 -19.29 -42.17 19.41
C LEU B 234 -19.11 -40.67 19.26
N TYR B 235 -18.27 -40.07 20.09
CA TYR B 235 -18.00 -38.63 19.99
C TYR B 235 -17.39 -38.28 18.64
N SER B 236 -16.44 -39.09 18.17
CA SER B 236 -15.87 -38.87 16.85
C SER B 236 -16.91 -39.13 15.76
N GLU B 237 -17.73 -40.15 15.94
CA GLU B 237 -18.78 -40.44 14.96
C GLU B 237 -19.82 -39.32 14.91
N MET B 238 -20.24 -38.83 16.08
CA MET B 238 -21.17 -37.70 16.11
C MET B 238 -20.55 -36.46 15.49
N GLN B 239 -19.26 -36.25 15.72
CA GLN B 239 -18.55 -35.15 15.06
C GLN B 239 -18.58 -35.33 13.54
N LYS B 240 -18.35 -36.55 13.07
CA LYS B 240 -18.40 -36.82 11.63
C LYS B 240 -19.80 -36.58 11.08
N MET B 241 -20.84 -37.00 11.80
CA MET B 241 -22.19 -36.73 11.36
C MET B 241 -22.48 -35.24 11.28
N ASN B 242 -21.94 -34.45 12.22
CA ASN B 242 -22.04 -33.01 12.13
C ASN B 242 -21.30 -32.48 10.91
N GLU B 243 -20.27 -33.19 10.45
CA GLU B 243 -19.51 -32.76 9.27
C GLU B 243 -20.14 -33.20 7.97
N LEU B 244 -21.16 -34.07 8.00
CA LEU B 244 -21.84 -34.52 6.80
C LEU B 244 -23.30 -34.12 6.77
N GLU B 245 -24.06 -34.43 7.81
CA GLU B 245 -25.47 -34.04 7.86
C GLU B 245 -25.60 -32.52 7.92
N ASN B 246 -24.80 -31.87 8.74
CA ASN B 246 -24.77 -30.41 8.80
C ASN B 246 -23.72 -29.81 7.89
N LYS B 247 -22.63 -30.54 7.65
CA LYS B 247 -21.53 -30.14 6.75
C LYS B 247 -21.21 -28.66 6.86
N ALA B 248 -21.03 -28.19 8.10
CA ALA B 248 -20.77 -26.78 8.33
C ALA B 248 -19.29 -26.44 8.12
N GLU B 249 -18.41 -27.03 8.92
CA GLU B 249 -16.99 -26.70 8.90
C GLU B 249 -16.20 -27.70 9.73
N PRO B 250 -14.99 -28.05 9.32
CA PRO B 250 -14.13 -28.88 10.18
C PRO B 250 -13.85 -28.18 11.51
N GLY B 251 -13.84 -28.97 12.59
CA GLY B 251 -13.65 -28.42 13.90
C GLY B 251 -14.87 -27.77 14.52
N THR B 252 -16.03 -27.87 13.87
CA THR B 252 -17.24 -27.26 14.40
C THR B 252 -17.65 -27.92 15.72
N HIS B 253 -17.99 -27.10 16.70
CA HIS B 253 -18.39 -27.61 18.00
C HIS B 253 -19.79 -28.24 17.92
N LEU B 254 -20.00 -29.28 18.70
CA LEU B 254 -21.33 -29.85 18.90
C LEU B 254 -22.04 -29.02 19.98
N CYS B 255 -23.17 -29.54 20.47
CA CYS B 255 -23.83 -28.89 21.59
C CYS B 255 -22.92 -28.92 22.82
N ILE B 256 -22.98 -27.85 23.61
CA ILE B 256 -22.02 -27.67 24.69
C ILE B 256 -22.18 -28.75 25.75
N ASP B 257 -23.43 -29.18 26.02
CA ASP B 257 -23.65 -30.20 27.03
C ASP B 257 -23.00 -31.52 26.63
N VAL B 258 -23.11 -31.90 25.37
CA VAL B 258 -22.42 -33.09 24.89
C VAL B 258 -20.91 -32.91 24.93
N GLU B 259 -20.43 -31.74 24.47
CA GLU B 259 -19.00 -31.47 24.50
C GLU B 259 -18.47 -31.41 25.92
N ASP B 260 -19.22 -30.79 26.83
CA ASP B 260 -18.82 -30.76 28.23
C ASP B 260 -18.79 -32.16 28.82
N ALA B 261 -19.78 -32.98 28.52
CA ALA B 261 -19.85 -34.34 29.06
C ALA B 261 -18.65 -35.16 28.61
N MET B 262 -18.26 -35.02 27.34
CA MET B 262 -17.05 -35.69 26.86
C MET B 262 -15.81 -35.18 27.58
N ASN B 263 -15.75 -33.87 27.84
CA ASN B 263 -14.58 -33.29 28.50
C ASN B 263 -14.43 -33.80 29.92
N ILE B 264 -15.53 -33.87 30.68
CA ILE B 264 -15.46 -34.37 32.06
C ILE B 264 -14.91 -35.79 32.08
N THR B 265 -15.35 -36.64 31.14
CA THR B 265 -14.80 -37.98 31.05
C THR B 265 -13.31 -37.95 30.72
N ARG B 266 -12.91 -37.10 29.77
CA ARG B 266 -11.50 -37.02 29.39
C ARG B 266 -10.64 -36.52 30.55
N LYS B 267 -11.10 -35.49 31.27
CA LYS B 267 -10.35 -35.02 32.42
C LYS B 267 -10.28 -36.08 33.51
N LEU B 268 -11.38 -36.80 33.74
CA LEU B 268 -11.36 -37.90 34.69
C LEU B 268 -10.45 -39.02 34.21
N TRP B 269 -10.49 -39.34 32.92
CA TRP B 269 -9.76 -40.50 32.41
C TRP B 269 -8.26 -40.25 32.33
N SER B 270 -7.83 -39.02 32.04
CA SER B 270 -6.44 -38.74 31.73
C SER B 270 -5.73 -37.85 32.74
N ARG B 271 -6.45 -37.25 33.69
CA ARG B 271 -5.82 -36.36 34.65
C ARG B 271 -5.92 -36.83 36.09
N THR B 272 -6.99 -37.55 36.44
CA THR B 272 -7.14 -38.08 37.80
C THR B 272 -6.99 -39.59 37.84
N PHE B 273 -7.72 -40.32 36.99
CA PHE B 273 -7.58 -41.76 36.93
C PHE B 273 -6.22 -42.19 36.40
N ASN B 274 -5.56 -41.31 35.63
CA ASN B 274 -4.21 -41.56 35.12
C ASN B 274 -4.15 -42.83 34.28
N CYS B 275 -5.22 -43.09 33.52
CA CYS B 275 -5.26 -44.24 32.62
C CYS B 275 -4.42 -43.90 31.39
N SER B 276 -3.20 -44.43 31.34
CA SER B 276 -2.27 -44.18 30.25
C SER B 276 -1.93 -45.47 29.54
N VAL B 277 -1.71 -45.36 28.22
CA VAL B 277 -1.38 -46.50 27.38
C VAL B 277 0.12 -46.47 27.11
N PRO B 278 0.90 -47.41 27.62
CA PRO B 278 2.34 -47.40 27.34
C PRO B 278 2.64 -47.74 25.89
N CYS B 279 3.77 -47.22 25.41
CA CYS B 279 4.22 -47.45 24.05
C CYS B 279 5.63 -48.02 24.05
N SER B 280 5.84 -49.08 23.27
CA SER B 280 7.14 -49.71 23.13
C SER B 280 7.74 -49.44 21.75
N ASP B 281 7.36 -48.33 21.12
CA ASP B 281 7.81 -47.98 19.79
C ASP B 281 9.09 -47.16 19.79
N THR B 282 9.65 -46.85 20.97
CA THR B 282 10.80 -45.94 21.03
C THR B 282 12.01 -46.53 20.33
N VAL B 283 12.36 -47.78 20.65
CA VAL B 283 13.54 -48.39 20.05
C VAL B 283 13.40 -48.55 18.53
N PRO B 284 12.30 -49.09 17.99
CA PRO B 284 12.18 -49.14 16.53
C PRO B 284 12.18 -47.76 15.87
N VAL B 285 11.60 -46.76 16.52
CA VAL B 285 11.61 -45.41 15.95
C VAL B 285 13.03 -44.85 15.93
N ILE B 286 13.78 -45.07 17.01
CA ILE B 286 15.15 -44.57 17.07
C ILE B 286 16.00 -45.22 15.99
N ALA B 287 15.90 -46.54 15.85
CA ALA B 287 16.72 -47.25 14.87
C ALA B 287 16.41 -46.81 13.45
N VAL B 288 15.13 -46.68 13.11
CA VAL B 288 14.75 -46.24 11.77
C VAL B 288 15.20 -44.80 11.54
N SER B 289 14.98 -43.93 12.52
CA SER B 289 15.35 -42.52 12.36
C SER B 289 16.87 -42.35 12.26
N VAL B 290 17.62 -43.07 13.09
CA VAL B 290 19.08 -42.96 13.05
C VAL B 290 19.61 -43.43 11.70
N PHE B 291 19.06 -44.53 11.19
CA PHE B 291 19.49 -45.04 9.88
C PHE B 291 19.22 -44.01 8.78
N ILE B 292 18.05 -43.39 8.78
CA ILE B 292 17.72 -42.41 7.74
C ILE B 292 18.62 -41.19 7.86
N LEU B 293 18.83 -40.70 9.09
CA LEU B 293 19.69 -39.53 9.28
C LEU B 293 21.14 -39.81 8.93
N PHE B 294 21.56 -41.07 8.96
CA PHE B 294 22.92 -41.42 8.57
C PHE B 294 23.08 -41.51 7.06
N LEU B 295 21.99 -41.58 6.30
CA LEU B 295 22.08 -41.67 4.85
C LEU B 295 22.73 -40.45 4.22
N PRO B 296 22.33 -39.21 4.53
CA PRO B 296 23.03 -38.07 3.92
C PRO B 296 24.51 -38.00 4.25
N VAL B 297 24.90 -38.45 5.46
CA VAL B 297 26.32 -38.48 5.82
C VAL B 297 27.08 -39.43 4.91
N VAL B 298 26.52 -40.61 4.66
CA VAL B 298 27.16 -41.57 3.77
C VAL B 298 27.18 -41.04 2.34
N PHE B 299 26.06 -40.46 1.88
CA PHE B 299 25.96 -39.99 0.51
C PHE B 299 26.97 -38.87 0.24
N TYR B 300 27.09 -37.91 1.16
CA TYR B 300 28.01 -36.81 0.94
C TYR B 300 29.46 -37.25 1.08
N LEU B 301 29.75 -38.12 2.06
CA LEU B 301 31.10 -38.60 2.24
C LEU B 301 31.55 -39.48 1.07
N SER B 302 30.66 -40.37 0.62
CA SER B 302 31.01 -41.24 -0.51
C SER B 302 31.22 -40.43 -1.78
N SER B 303 30.40 -39.40 -2.00
CA SER B 303 30.59 -38.52 -3.14
C SER B 303 31.91 -37.78 -3.05
N PHE B 304 32.29 -37.37 -1.83
CA PHE B 304 33.57 -36.69 -1.64
C PHE B 304 34.74 -37.65 -1.89
N LEU B 305 34.65 -38.87 -1.35
CA LEU B 305 35.75 -39.82 -1.49
C LEU B 305 35.86 -40.34 -2.92
N HIS B 306 34.74 -40.48 -3.62
CA HIS B 306 34.79 -40.94 -5.01
C HIS B 306 35.54 -39.95 -5.89
N SER B 307 35.29 -38.66 -5.70
CA SER B 307 35.99 -37.63 -6.46
C SER B 307 37.40 -37.35 -5.93
N GLU B 308 37.76 -37.91 -4.77
CA GLU B 308 39.11 -37.73 -4.26
C GLU B 308 40.14 -38.35 -5.19
N GLN B 309 39.80 -39.48 -5.81
CA GLN B 309 40.66 -40.14 -6.79
C GLN B 309 39.77 -40.55 -7.96
N LYS B 310 39.63 -39.64 -8.93
CA LYS B 310 38.78 -39.86 -10.11
C LYS B 310 37.37 -40.30 -9.73
N SER C 91 7.98 33.02 -20.62
CA SER C 91 8.46 31.81 -21.30
C SER C 91 9.98 31.79 -21.34
N LEU C 92 10.58 32.91 -21.73
CA LEU C 92 12.03 33.02 -21.82
C LEU C 92 12.67 33.44 -20.49
N LYS C 93 11.87 33.71 -19.46
CA LYS C 93 12.41 34.11 -18.17
C LYS C 93 12.62 32.94 -17.23
N TYR C 94 12.26 31.72 -17.64
CA TYR C 94 12.46 30.54 -16.81
C TYR C 94 13.78 29.87 -17.18
N GLU C 95 14.60 29.59 -16.17
CA GLU C 95 15.89 28.95 -16.37
C GLU C 95 15.86 27.53 -15.82
N SER C 96 16.50 26.62 -16.55
CA SER C 96 16.53 25.22 -16.14
C SER C 96 17.56 24.98 -15.05
N LEU C 97 17.35 23.91 -14.29
CA LEU C 97 18.30 23.51 -13.27
C LEU C 97 19.56 22.93 -13.92
N ASP C 98 20.68 23.04 -13.21
CA ASP C 98 21.93 22.40 -13.63
C ASP C 98 22.05 21.02 -12.98
N TYR C 99 21.07 20.17 -13.30
CA TYR C 99 21.01 18.85 -12.67
C TYR C 99 22.18 17.97 -13.08
N ASP C 100 22.54 17.98 -14.36
CA ASP C 100 23.67 17.19 -14.83
C ASP C 100 24.96 17.78 -14.29
N ASN C 101 25.57 17.11 -13.33
CA ASN C 101 26.79 17.62 -12.71
C ASN C 101 27.93 17.64 -13.72
N SER C 102 28.65 18.76 -13.78
CA SER C 102 29.79 18.90 -14.68
C SER C 102 30.99 18.21 -14.06
N GLU C 103 31.41 17.09 -14.63
CA GLU C 103 32.52 16.30 -14.10
C GLU C 103 33.85 16.89 -14.55
N ASN C 104 34.05 18.16 -14.23
CA ASN C 104 35.27 18.85 -14.61
C ASN C 104 36.44 18.40 -13.74
N GLN C 105 37.61 19.00 -13.97
CA GLN C 105 38.79 18.64 -13.20
C GLN C 105 38.61 18.94 -11.72
N LEU C 106 38.00 20.07 -11.39
CA LEU C 106 37.82 20.44 -9.99
C LEU C 106 36.94 19.43 -9.26
N PHE C 107 35.89 18.95 -9.93
CA PHE C 107 35.03 17.94 -9.32
C PHE C 107 35.80 16.65 -9.04
N LEU C 108 36.66 16.24 -9.98
CA LEU C 108 37.41 15.01 -9.80
C LEU C 108 38.37 15.10 -8.61
N GLU C 109 39.03 16.24 -8.45
CA GLU C 109 39.94 16.40 -7.31
C GLU C 109 39.18 16.38 -5.99
N GLU C 110 38.01 17.00 -5.93
CA GLU C 110 37.24 17.02 -4.69
C GLU C 110 36.79 15.62 -4.31
N GLU C 111 36.27 14.85 -5.27
CA GLU C 111 35.85 13.48 -4.98
C GLU C 111 37.04 12.62 -4.58
N ARG C 112 38.18 12.80 -5.25
CA ARG C 112 39.39 12.08 -4.86
C ARG C 112 39.84 12.47 -3.46
N ARG C 113 39.76 13.76 -3.13
CA ARG C 113 40.15 14.22 -1.80
C ARG C 113 39.22 13.68 -0.73
N ILE C 114 37.91 13.60 -1.01
CA ILE C 114 36.96 13.14 -0.02
C ILE C 114 37.18 11.67 0.29
N ASN C 115 37.36 10.84 -0.75
CA ASN C 115 37.55 9.41 -0.54
C ASN C 115 38.82 9.08 0.22
N HIS C 116 39.81 9.98 0.22
CA HIS C 116 41.04 9.77 0.96
C HIS C 116 40.98 10.33 2.38
N THR C 117 39.90 10.99 2.75
CA THR C 117 39.76 11.59 4.08
C THR C 117 39.02 10.64 5.02
N ALA C 118 39.62 9.48 5.23
CA ALA C 118 39.11 8.45 6.15
C ALA C 118 37.70 8.07 5.71
N PHE C 119 36.75 7.96 6.63
CA PHE C 119 35.38 7.59 6.27
C PHE C 119 34.74 8.67 5.40
N ARG C 120 33.99 8.23 4.39
CA ARG C 120 33.22 9.14 3.55
C ARG C 120 31.83 9.28 4.17
N THR C 121 31.51 10.47 4.65
CA THR C 121 30.25 10.74 5.32
C THR C 121 29.23 11.42 4.43
N VAL C 122 29.48 11.50 3.12
CA VAL C 122 28.56 12.17 2.22
C VAL C 122 27.23 11.43 2.16
N GLU C 123 27.29 10.11 2.00
CA GLU C 123 26.06 9.33 1.91
C GLU C 123 25.29 9.34 3.22
N ILE C 124 26.01 9.30 4.35
CA ILE C 124 25.35 9.36 5.66
C ILE C 124 24.63 10.69 5.84
N LYS C 125 25.28 11.79 5.44
CA LYS C 125 24.65 13.10 5.56
C LYS C 125 23.40 13.19 4.69
N ARG C 126 23.39 12.50 3.55
CA ARG C 126 22.19 12.47 2.72
C ARG C 126 21.03 11.83 3.47
N TRP C 127 21.30 10.76 4.22
CA TRP C 127 20.25 10.11 4.99
C TRP C 127 19.80 10.98 6.16
N VAL C 128 20.75 11.66 6.81
CA VAL C 128 20.41 12.57 7.91
C VAL C 128 19.52 13.70 7.42
N ILE C 129 19.87 14.29 6.26
CA ILE C 129 19.07 15.37 5.70
C ILE C 129 17.69 14.87 5.33
N CYS C 130 17.61 13.69 4.71
CA CYS C 130 16.31 13.14 4.33
C CYS C 130 15.45 12.86 5.55
N ALA C 131 16.07 12.40 6.64
CA ALA C 131 15.33 12.22 7.88
C ALA C 131 14.81 13.54 8.41
N LEU C 132 15.66 14.58 8.38
CA LEU C 132 15.23 15.90 8.82
C LEU C 132 14.12 16.45 7.93
N ILE C 133 14.22 16.21 6.61
CA ILE C 133 13.18 16.65 5.69
C ILE C 133 11.85 16.02 6.06
N GLY C 134 11.85 14.72 6.34
CA GLY C 134 10.62 14.04 6.70
C GLY C 134 10.06 14.52 8.04
N ILE C 135 10.93 14.72 9.02
CA ILE C 135 10.48 15.16 10.34
C ILE C 135 9.86 16.56 10.25
N LEU C 136 10.56 17.49 9.61
CA LEU C 136 10.08 18.87 9.52
C LEU C 136 8.82 18.95 8.66
N THR C 137 8.76 18.17 7.57
CA THR C 137 7.55 18.15 6.76
C THR C 137 6.37 17.61 7.56
N GLY C 138 6.60 16.57 8.35
CA GLY C 138 5.54 16.06 9.22
C GLY C 138 5.12 17.07 10.27
N LEU C 139 6.09 17.78 10.86
CA LEU C 139 5.77 18.78 11.87
C LEU C 139 4.99 19.94 11.28
N VAL C 140 5.32 20.34 10.05
CA VAL C 140 4.55 21.39 9.38
C VAL C 140 3.12 20.95 9.17
N ALA C 141 2.92 19.69 8.76
CA ALA C 141 1.57 19.16 8.64
C ALA C 141 0.86 19.12 9.99
N CYS C 142 1.60 18.79 11.05
CA CYS C 142 1.03 18.85 12.40
C CYS C 142 0.62 20.27 12.76
N PHE C 143 1.48 21.25 12.45
CA PHE C 143 1.16 22.64 12.78
C PHE C 143 -0.08 23.12 12.03
N ILE C 144 -0.17 22.77 10.74
CA ILE C 144 -1.34 23.17 9.96
C ILE C 144 -2.60 22.49 10.50
N ASP C 145 -2.52 21.20 10.80
CA ASP C 145 -3.69 20.48 11.29
C ASP C 145 -4.16 21.01 12.64
N ILE C 146 -3.22 21.27 13.55
CA ILE C 146 -3.58 21.71 14.89
C ILE C 146 -4.14 23.13 14.86
N VAL C 147 -3.48 24.04 14.13
CA VAL C 147 -3.92 25.42 14.09
C VAL C 147 -5.28 25.54 13.39
N VAL C 148 -5.46 24.84 12.27
CA VAL C 148 -6.73 24.89 11.56
C VAL C 148 -7.87 24.35 12.43
N GLU C 149 -7.62 23.23 13.12
CA GLU C 149 -8.64 22.65 13.98
C GLU C 149 -9.05 23.60 15.08
N ASN C 150 -8.08 24.28 15.70
CA ASN C 150 -8.40 25.21 16.78
C ASN C 150 -9.06 26.47 16.25
N LEU C 151 -8.56 27.03 15.14
CA LEU C 151 -9.11 28.27 14.62
C LEU C 151 -10.48 28.06 14.00
N ALA C 152 -10.64 27.01 13.19
CA ALA C 152 -11.95 26.71 12.62
C ALA C 152 -12.95 26.33 13.69
N GLY C 153 -12.50 25.66 14.75
CA GLY C 153 -13.38 25.38 15.87
C GLY C 153 -13.87 26.63 16.55
N LEU C 154 -12.98 27.61 16.75
CA LEU C 154 -13.40 28.87 17.35
C LEU C 154 -14.37 29.62 16.44
N LYS C 155 -14.12 29.61 15.13
CA LYS C 155 -14.99 30.33 14.21
C LYS C 155 -16.38 29.71 14.17
N TYR C 156 -16.46 28.39 14.09
CA TYR C 156 -17.77 27.74 13.97
C TYR C 156 -18.54 27.77 15.28
N ARG C 157 -17.84 27.75 16.42
CA ARG C 157 -18.53 27.94 17.69
C ARG C 157 -19.16 29.32 17.78
N VAL C 158 -18.44 30.35 17.32
CA VAL C 158 -18.98 31.70 17.32
C VAL C 158 -20.18 31.79 16.39
N ILE C 159 -20.07 31.21 15.19
CA ILE C 159 -21.17 31.25 14.23
C ILE C 159 -22.36 30.45 14.74
N LYS C 160 -22.11 29.27 15.29
CA LYS C 160 -23.21 28.45 15.81
C LYS C 160 -23.90 29.14 16.97
N GLY C 161 -23.13 29.72 17.88
CA GLY C 161 -23.74 30.44 19.00
C GLY C 161 -24.58 31.62 18.56
N ASN C 162 -24.09 32.37 17.57
CA ASN C 162 -24.86 33.50 17.05
C ASN C 162 -26.13 33.04 16.36
N ILE C 163 -26.06 31.95 15.59
CA ILE C 163 -27.24 31.41 14.92
C ILE C 163 -28.26 30.93 15.95
N ASP C 164 -27.79 30.24 17.00
CA ASP C 164 -28.69 29.72 18.02
C ASP C 164 -29.43 30.85 18.72
N LYS C 165 -28.73 31.95 19.03
CA LYS C 165 -29.36 33.06 19.72
C LYS C 165 -30.44 33.72 18.88
N PHE C 166 -30.19 33.87 17.58
CA PHE C 166 -31.10 34.59 16.69
C PHE C 166 -32.14 33.67 16.05
N THR C 167 -32.10 32.36 16.32
CA THR C 167 -33.02 31.45 15.66
C THR C 167 -34.47 31.69 16.11
N GLU C 168 -34.69 31.82 17.42
CA GLU C 168 -36.03 32.02 17.96
C GLU C 168 -36.37 33.49 18.22
N LYS C 169 -35.40 34.28 18.66
CA LYS C 169 -35.65 35.69 18.92
C LYS C 169 -35.71 36.53 17.66
N GLY C 170 -35.17 36.03 16.55
CA GLY C 170 -35.15 36.77 15.30
C GLY C 170 -33.83 37.47 15.05
N GLY C 171 -33.65 37.86 13.79
CA GLY C 171 -32.43 38.53 13.39
C GLY C 171 -31.36 37.61 12.83
N LEU C 172 -31.77 36.55 12.13
CA LEU C 172 -30.79 35.63 11.54
C LEU C 172 -29.99 36.26 10.42
N SER C 173 -30.46 37.36 9.84
CA SER C 173 -29.68 38.05 8.82
C SER C 173 -28.36 38.56 9.38
N PHE C 174 -28.31 38.84 10.69
CA PHE C 174 -27.06 39.23 11.32
C PHE C 174 -26.10 38.04 11.41
N SER C 175 -26.64 36.85 11.64
CA SER C 175 -25.80 35.64 11.65
C SER C 175 -25.18 35.40 10.28
N LEU C 176 -25.95 35.63 9.21
CA LEU C 176 -25.40 35.54 7.86
C LEU C 176 -24.31 36.59 7.66
N LEU C 177 -24.53 37.81 8.12
CA LEU C 177 -23.52 38.86 8.00
C LEU C 177 -22.27 38.52 8.81
N LEU C 178 -22.46 37.98 10.02
CA LEU C 178 -21.31 37.59 10.83
C LEU C 178 -20.52 36.46 10.17
N TRP C 179 -21.22 35.48 9.60
CA TRP C 179 -20.53 34.38 8.91
C TRP C 179 -19.76 34.91 7.71
N ALA C 180 -20.38 35.79 6.91
CA ALA C 180 -19.71 36.35 5.75
C ALA C 180 -18.53 37.23 6.16
N THR C 181 -18.71 38.03 7.20
CA THR C 181 -17.64 38.90 7.66
C THR C 181 -16.46 38.10 8.20
N LEU C 182 -16.73 37.06 8.98
CA LEU C 182 -15.66 36.21 9.49
C LEU C 182 -14.93 35.51 8.35
N ASN C 183 -15.67 35.03 7.35
CA ASN C 183 -15.04 34.43 6.18
C ASN C 183 -14.19 35.46 5.45
N ALA C 184 -14.72 36.67 5.26
CA ALA C 184 -13.97 37.71 4.55
C ALA C 184 -12.72 38.12 5.32
N ALA C 185 -12.82 38.23 6.65
CA ALA C 185 -11.71 38.74 7.44
C ALA C 185 -10.49 37.82 7.36
N PHE C 186 -10.71 36.50 7.49
CA PHE C 186 -9.60 35.57 7.40
C PHE C 186 -9.02 35.51 6.00
N VAL C 187 -9.89 35.50 4.98
CA VAL C 187 -9.42 35.46 3.60
C VAL C 187 -8.71 36.76 3.22
N LEU C 188 -9.16 37.88 3.79
CA LEU C 188 -8.51 39.16 3.51
C LEU C 188 -7.02 39.11 3.86
N VAL C 189 -6.71 38.60 5.06
CA VAL C 189 -5.31 38.47 5.46
C VAL C 189 -4.61 37.45 4.58
N GLY C 190 -5.28 36.33 4.29
CA GLY C 190 -4.67 35.29 3.47
C GLY C 190 -4.43 35.74 2.04
N SER C 191 -5.35 36.51 1.48
CA SER C 191 -5.19 36.97 0.10
C SER C 191 -4.16 38.09 0.00
N VAL C 192 -4.10 38.96 1.01
CA VAL C 192 -3.17 40.10 0.95
C VAL C 192 -1.73 39.62 0.95
N ILE C 193 -1.40 38.67 1.82
CA ILE C 193 -0.03 38.19 1.91
C ILE C 193 0.38 37.45 0.66
N VAL C 194 -0.58 36.86 -0.07
CA VAL C 194 -0.26 36.17 -1.31
C VAL C 194 -0.20 37.17 -2.46
N ALA C 195 -1.20 38.04 -2.55
CA ALA C 195 -1.27 38.96 -3.70
C ALA C 195 -0.21 40.04 -3.65
N PHE C 196 0.20 40.47 -2.46
CA PHE C 196 1.09 41.62 -2.32
C PHE C 196 2.52 41.28 -1.95
N ILE C 197 2.76 40.12 -1.33
CA ILE C 197 4.08 39.79 -0.80
C ILE C 197 4.74 38.66 -1.58
N GLU C 198 3.98 37.64 -1.95
CA GLU C 198 4.54 36.49 -2.68
C GLU C 198 3.46 35.85 -3.52
N PRO C 199 3.28 36.33 -4.76
CA PRO C 199 2.27 35.72 -5.64
C PRO C 199 2.56 34.27 -5.99
N VAL C 200 3.81 33.81 -5.87
CA VAL C 200 4.13 32.44 -6.22
C VAL C 200 3.52 31.45 -5.23
N ALA C 201 3.06 31.92 -4.07
CA ALA C 201 2.42 31.06 -3.08
C ALA C 201 0.95 30.80 -3.41
N ALA C 202 0.42 31.41 -4.46
CA ALA C 202 -0.97 31.18 -4.84
C ALA C 202 -1.17 29.75 -5.34
N GLY C 203 -2.38 29.25 -5.16
CA GLY C 203 -2.68 27.89 -5.57
C GLY C 203 -2.07 26.86 -4.64
N SER C 204 -2.09 25.61 -5.10
CA SER C 204 -1.56 24.51 -4.29
C SER C 204 -0.04 24.49 -4.28
N GLY C 205 0.60 25.02 -5.31
CA GLY C 205 2.04 24.90 -5.47
C GLY C 205 2.49 23.62 -6.12
N ILE C 206 1.57 22.69 -6.37
CA ILE C 206 1.92 21.45 -7.07
C ILE C 206 2.44 21.71 -8.48
N PRO C 207 1.80 22.56 -9.29
CA PRO C 207 2.40 22.87 -10.61
C PRO C 207 3.80 23.44 -10.50
N GLN C 208 4.07 24.27 -9.49
CA GLN C 208 5.41 24.79 -9.31
C GLN C 208 6.40 23.69 -8.98
N ILE C 209 6.01 22.76 -8.10
CA ILE C 209 6.89 21.65 -7.75
C ILE C 209 7.03 20.70 -8.92
N LYS C 210 5.94 20.46 -9.66
CA LYS C 210 6.02 19.66 -10.87
C LYS C 210 7.02 20.25 -11.85
N CYS C 211 7.02 21.57 -12.00
CA CYS C 211 8.00 22.24 -12.85
C CYS C 211 9.41 22.08 -12.29
N PHE C 212 9.57 22.22 -10.97
CA PHE C 212 10.90 22.12 -10.37
C PHE C 212 11.50 20.73 -10.57
N LEU C 213 10.69 19.68 -10.39
CA LEU C 213 11.19 18.33 -10.65
C LEU C 213 11.30 18.06 -12.13
N ASN C 214 10.54 18.79 -12.96
CA ASN C 214 10.74 18.74 -14.40
C ASN C 214 12.07 19.35 -14.81
N GLY C 215 12.69 20.15 -13.95
CA GLY C 215 13.97 20.76 -14.22
C GLY C 215 13.95 22.24 -14.51
N VAL C 216 12.78 22.88 -14.51
CA VAL C 216 12.65 24.30 -14.80
C VAL C 216 12.33 25.04 -13.51
N LYS C 217 13.05 26.13 -13.26
CA LYS C 217 12.91 26.90 -12.02
C LYS C 217 11.91 28.03 -12.20
N ILE C 218 10.81 27.97 -11.46
CA ILE C 218 9.92 29.12 -11.32
C ILE C 218 10.50 30.00 -10.21
N PRO C 219 10.63 31.31 -10.41
CA PRO C 219 11.25 32.15 -9.38
C PRO C 219 10.53 32.08 -8.05
N HIS C 220 11.31 32.06 -6.97
CA HIS C 220 10.84 32.18 -5.60
C HIS C 220 10.06 30.95 -5.12
N VAL C 221 10.24 29.79 -5.76
CA VAL C 221 9.49 28.61 -5.34
C VAL C 221 9.98 28.10 -3.99
N VAL C 222 11.29 28.12 -3.76
CA VAL C 222 11.87 27.45 -2.61
C VAL C 222 12.50 28.48 -1.66
N ARG C 223 11.95 29.68 -1.65
CA ARG C 223 12.38 30.71 -0.72
C ARG C 223 11.66 30.56 0.61
N LEU C 224 12.32 31.02 1.68
CA LEU C 224 11.74 30.90 3.02
C LEU C 224 10.44 31.70 3.13
N LYS C 225 10.40 32.89 2.54
CA LYS C 225 9.19 33.70 2.59
C LYS C 225 8.02 32.99 1.91
N THR C 226 8.30 32.24 0.84
CA THR C 226 7.25 31.48 0.17
C THR C 226 6.66 30.43 1.10
N LEU C 227 7.52 29.73 1.85
CA LEU C 227 7.04 28.69 2.76
C LEU C 227 6.17 29.28 3.86
N VAL C 228 6.60 30.40 4.44
CA VAL C 228 5.86 31.03 5.53
C VAL C 228 4.48 31.47 5.05
N ILE C 229 4.43 32.10 3.88
CA ILE C 229 3.16 32.58 3.35
C ILE C 229 2.29 31.40 2.91
N LYS C 230 2.90 30.37 2.34
CA LYS C 230 2.14 29.19 1.93
C LYS C 230 1.47 28.52 3.13
N VAL C 231 2.20 28.36 4.23
CA VAL C 231 1.64 27.74 5.42
C VAL C 231 0.61 28.66 6.05
N SER C 232 0.94 29.93 6.22
CA SER C 232 0.00 30.89 6.78
C SER C 232 -1.22 31.07 5.87
N GLY C 233 -0.98 31.14 4.57
CA GLY C 233 -2.08 31.36 3.63
C GLY C 233 -3.08 30.22 3.61
N VAL C 234 -2.58 28.98 3.63
CA VAL C 234 -3.48 27.83 3.57
C VAL C 234 -4.30 27.73 4.86
N ILE C 235 -3.71 28.11 6.00
CA ILE C 235 -4.47 28.12 7.24
C ILE C 235 -5.58 29.15 7.17
N LEU C 236 -5.26 30.37 6.72
CA LEU C 236 -6.27 31.40 6.61
C LEU C 236 -7.30 31.07 5.54
N SER C 237 -6.87 30.40 4.46
CA SER C 237 -7.80 30.00 3.41
C SER C 237 -8.81 28.98 3.93
N VAL C 238 -8.33 27.97 4.66
CA VAL C 238 -9.24 26.94 5.17
C VAL C 238 -10.12 27.51 6.28
N VAL C 239 -9.52 28.25 7.22
CA VAL C 239 -10.30 28.89 8.27
C VAL C 239 -11.23 29.95 7.67
N GLY C 240 -10.85 30.54 6.55
CA GLY C 240 -11.68 31.52 5.88
C GLY C 240 -12.92 30.97 5.22
N GLY C 241 -13.11 29.65 5.23
CA GLY C 241 -14.31 29.05 4.71
C GLY C 241 -14.34 28.81 3.22
N LEU C 242 -13.22 29.00 2.53
CA LEU C 242 -13.18 28.76 1.10
C LEU C 242 -13.32 27.28 0.80
N ALA C 243 -13.91 26.98 -0.36
CA ALA C 243 -14.07 25.59 -0.79
C ALA C 243 -12.74 25.03 -1.26
N VAL C 244 -11.81 24.83 -0.32
CA VAL C 244 -10.43 24.47 -0.63
C VAL C 244 -9.98 23.36 0.31
N GLY C 245 -8.76 22.89 0.07
CA GLY C 245 -8.16 21.88 0.93
C GLY C 245 -6.74 22.26 1.31
N LYS C 246 -6.30 21.74 2.45
CA LYS C 246 -4.97 22.02 2.96
C LYS C 246 -3.97 20.91 2.66
N GLU C 247 -4.41 19.83 2.01
CA GLU C 247 -3.52 18.70 1.76
C GLU C 247 -2.56 19.00 0.60
N GLY C 248 -3.06 19.66 -0.44
CA GLY C 248 -2.26 19.96 -1.61
C GLY C 248 -1.03 20.82 -1.35
N PRO C 249 -1.18 21.93 -0.62
CA PRO C 249 -0.01 22.79 -0.34
C PRO C 249 1.09 22.10 0.44
N MET C 250 0.84 20.93 1.05
CA MET C 250 1.88 20.24 1.80
C MET C 250 3.03 19.83 0.89
N ILE C 251 2.74 19.54 -0.38
CA ILE C 251 3.79 19.16 -1.31
C ILE C 251 4.77 20.30 -1.53
N HIS C 252 4.25 21.51 -1.74
CA HIS C 252 5.10 22.68 -1.88
C HIS C 252 5.88 22.96 -0.61
N SER C 253 5.22 22.85 0.55
CA SER C 253 5.88 23.13 1.81
C SER C 253 7.03 22.18 2.07
N GLY C 254 6.84 20.90 1.77
CA GLY C 254 7.93 19.94 1.95
C GLY C 254 9.11 20.22 1.04
N SER C 255 8.84 20.67 -0.18
CA SER C 255 9.92 20.96 -1.12
C SER C 255 10.78 22.12 -0.64
N VAL C 256 10.15 23.18 -0.11
CA VAL C 256 10.91 24.33 0.37
C VAL C 256 11.79 23.95 1.54
N ILE C 257 11.26 23.13 2.46
CA ILE C 257 12.07 22.64 3.57
C ILE C 257 13.24 21.83 3.05
N ALA C 258 12.99 20.96 2.06
CA ALA C 258 14.05 20.13 1.50
C ALA C 258 15.14 20.99 0.84
N ALA C 259 14.73 22.01 0.09
CA ALA C 259 15.70 22.84 -0.63
C ALA C 259 16.45 23.80 0.28
N GLY C 260 16.01 23.99 1.51
CA GLY C 260 16.68 24.91 2.41
C GLY C 260 17.49 24.20 3.49
N ILE C 261 16.93 23.13 4.05
CA ILE C 261 17.63 22.37 5.08
C ILE C 261 18.88 21.71 4.51
N SER C 262 18.77 21.19 3.28
CA SER C 262 19.89 20.47 2.68
C SER C 262 21.09 21.37 2.45
N GLN C 263 20.86 22.69 2.30
CA GLN C 263 21.96 23.61 2.08
C GLN C 263 22.64 24.04 3.38
N GLY C 264 22.04 23.78 4.53
CA GLY C 264 22.63 24.16 5.80
C GLY C 264 22.80 25.65 5.97
N ARG C 265 21.93 26.46 5.38
CA ARG C 265 22.06 27.91 5.44
C ARG C 265 20.72 28.52 5.08
N SER C 266 20.57 29.81 5.38
CA SER C 266 19.38 30.57 5.02
C SER C 266 19.82 31.86 4.34
N THR C 267 19.62 31.93 3.02
CA THR C 267 19.96 33.15 2.28
C THR C 267 19.06 34.31 2.70
N SER C 268 17.77 34.04 2.90
CA SER C 268 16.84 35.10 3.27
C SER C 268 17.20 35.71 4.62
N LEU C 269 17.55 34.87 5.59
CA LEU C 269 17.91 35.33 6.92
C LEU C 269 19.39 35.70 7.04
N LYS C 270 20.17 35.50 5.98
CA LYS C 270 21.61 35.80 5.97
C LYS C 270 22.33 35.08 7.10
N ARG C 271 21.94 33.82 7.34
CA ARG C 271 22.54 32.98 8.36
C ARG C 271 23.14 31.76 7.68
N ASP C 272 24.45 31.59 7.82
CA ASP C 272 25.19 30.49 7.19
C ASP C 272 25.74 29.58 8.29
N PHE C 273 25.12 28.41 8.43
CA PHE C 273 25.68 27.37 9.28
C PHE C 273 26.70 26.57 8.48
N LYS C 274 27.88 26.37 9.05
CA LYS C 274 29.02 25.80 8.31
C LYS C 274 28.88 24.29 8.18
N ILE C 275 27.74 23.88 7.62
CA ILE C 275 27.42 22.47 7.39
C ILE C 275 26.76 22.32 6.03
N PHE C 276 26.86 21.12 5.47
CA PHE C 276 26.16 20.74 4.24
C PHE C 276 26.57 21.60 3.05
N GLU C 277 27.81 22.11 3.06
CA GLU C 277 28.29 22.89 1.93
C GLU C 277 28.49 22.03 0.69
N TYR C 278 28.69 20.72 0.87
CA TYR C 278 28.87 19.82 -0.26
C TYR C 278 27.62 19.73 -1.12
N PHE C 279 26.44 19.93 -0.52
CA PHE C 279 25.17 19.73 -1.20
C PHE C 279 24.64 21.00 -1.84
N ARG C 280 25.44 22.07 -1.89
CA ARG C 280 25.01 23.33 -2.49
C ARG C 280 25.22 23.29 -4.00
N ARG C 281 24.42 22.44 -4.64
CA ARG C 281 24.45 22.29 -6.09
C ARG C 281 23.07 21.82 -6.55
N ASP C 282 22.81 22.04 -7.85
CA ASP C 282 21.48 21.73 -8.38
C ASP C 282 21.21 20.23 -8.41
N THR C 283 22.25 19.41 -8.60
CA THR C 283 22.04 17.96 -8.64
C THR C 283 21.53 17.44 -7.30
N GLU C 284 22.14 17.88 -6.20
CA GLU C 284 21.70 17.44 -4.88
C GLU C 284 20.38 18.08 -4.51
N LYS C 285 20.19 19.35 -4.84
CA LYS C 285 18.98 20.07 -4.42
C LYS C 285 17.73 19.46 -5.02
N ARG C 286 17.77 19.12 -6.32
CA ARG C 286 16.60 18.53 -6.96
C ARG C 286 16.29 17.16 -6.37
N ASP C 287 17.33 16.39 -6.03
CA ASP C 287 17.11 15.09 -5.39
C ASP C 287 16.44 15.26 -4.03
N PHE C 288 16.88 16.25 -3.24
CA PHE C 288 16.28 16.48 -1.93
C PHE C 288 14.86 17.01 -2.06
N VAL C 289 14.61 17.87 -3.05
CA VAL C 289 13.27 18.41 -3.27
C VAL C 289 12.31 17.28 -3.60
N SER C 290 12.77 16.28 -4.36
CA SER C 290 11.93 15.13 -4.65
C SER C 290 11.59 14.38 -3.36
N ALA C 291 12.55 14.27 -2.44
CA ALA C 291 12.25 13.70 -1.14
C ALA C 291 11.27 14.59 -0.36
N GLY C 292 11.45 15.91 -0.46
CA GLY C 292 10.53 16.82 0.22
C GLY C 292 9.12 16.76 -0.35
N ALA C 293 9.01 16.73 -1.69
CA ALA C 293 7.70 16.61 -2.32
C ALA C 293 7.05 15.28 -1.97
N ALA C 294 7.83 14.20 -1.95
CA ALA C 294 7.29 12.91 -1.55
C ALA C 294 6.86 12.93 -0.09
N ALA C 295 7.65 13.57 0.77
CA ALA C 295 7.26 13.69 2.18
C ALA C 295 5.97 14.48 2.33
N GLY C 296 5.74 15.48 1.47
CA GLY C 296 4.49 16.22 1.53
C GLY C 296 3.29 15.37 1.16
N VAL C 297 3.44 14.52 0.13
CA VAL C 297 2.35 13.64 -0.26
C VAL C 297 2.03 12.66 0.85
N SER C 298 3.06 12.08 1.47
CA SER C 298 2.84 11.10 2.53
C SER C 298 2.15 11.73 3.72
N ALA C 299 2.55 12.95 4.10
CA ALA C 299 1.89 13.64 5.20
C ALA C 299 0.45 14.01 4.84
N ALA C 300 0.23 14.40 3.58
CA ALA C 300 -1.10 14.86 3.19
C ALA C 300 -2.12 13.72 3.18
N PHE C 301 -1.73 12.54 2.71
CA PHE C 301 -2.67 11.45 2.48
C PHE C 301 -2.34 10.17 3.22
N GLY C 302 -1.26 10.13 4.00
CA GLY C 302 -0.85 8.89 4.62
C GLY C 302 -0.46 7.83 3.61
N ALA C 303 0.19 8.25 2.52
CA ALA C 303 0.58 7.35 1.42
C ALA C 303 2.06 7.53 1.14
N PRO C 304 2.93 6.95 1.97
CA PRO C 304 4.38 7.06 1.72
C PRO C 304 4.81 6.51 0.37
N VAL C 305 4.23 5.40 -0.06
CA VAL C 305 4.58 4.84 -1.37
C VAL C 305 4.02 5.72 -2.47
N GLY C 306 2.81 6.25 -2.29
CA GLY C 306 2.26 7.20 -3.25
C GLY C 306 3.10 8.45 -3.38
N GLY C 307 3.72 8.89 -2.28
CA GLY C 307 4.63 10.02 -2.37
C GLY C 307 5.87 9.72 -3.19
N VAL C 308 6.41 8.51 -3.04
CA VAL C 308 7.59 8.13 -3.81
C VAL C 308 7.27 8.13 -5.30
N LEU C 309 6.12 7.53 -5.66
CA LEU C 309 5.76 7.43 -7.07
C LEU C 309 5.42 8.79 -7.66
N PHE C 310 4.93 9.73 -6.84
CA PHE C 310 4.70 11.09 -7.33
C PHE C 310 6.01 11.74 -7.72
N SER C 311 7.02 11.65 -6.86
CA SER C 311 8.32 12.25 -7.18
C SER C 311 9.00 11.51 -8.33
N LEU C 312 8.84 10.19 -8.38
CA LEU C 312 9.40 9.43 -9.50
C LEU C 312 8.74 9.81 -10.81
N GLU C 313 7.43 10.02 -10.80
CA GLU C 313 6.72 10.44 -12.01
C GLU C 313 7.20 11.81 -12.48
N GLU C 314 7.34 12.75 -11.53
CA GLU C 314 7.70 14.12 -11.92
C GLU C 314 9.16 14.22 -12.31
N GLY C 315 10.04 13.53 -11.59
CA GLY C 315 11.44 13.51 -11.99
C GLY C 315 11.65 12.85 -13.33
N ALA C 316 11.03 11.69 -13.53
CA ALA C 316 11.10 10.95 -14.79
C ALA C 316 12.55 10.75 -15.24
N SER C 317 13.41 10.43 -14.27
CA SER C 317 14.84 10.32 -14.53
C SER C 317 15.25 8.86 -14.62
N PHE C 318 16.55 8.63 -14.78
CA PHE C 318 17.09 7.29 -14.70
C PHE C 318 16.86 6.73 -13.30
N TRP C 319 16.63 5.41 -13.23
CA TRP C 319 16.38 4.79 -11.94
C TRP C 319 17.59 4.94 -11.03
N ASN C 320 17.38 5.55 -9.87
CA ASN C 320 18.43 5.76 -8.87
C ASN C 320 17.97 5.02 -7.62
N GLN C 321 18.53 3.83 -7.39
CA GLN C 321 18.08 2.98 -6.30
C GLN C 321 18.30 3.65 -4.94
N PHE C 322 19.47 4.25 -4.75
CA PHE C 322 19.79 4.86 -3.47
C PHE C 322 18.96 6.12 -3.23
N LEU C 323 18.71 6.89 -4.30
CA LEU C 323 17.85 8.07 -4.15
C LEU C 323 16.41 7.66 -3.85
N THR C 324 15.89 6.66 -4.56
CA THR C 324 14.53 6.20 -4.31
C THR C 324 14.40 5.63 -2.89
N TRP C 325 15.42 4.93 -2.42
CA TRP C 325 15.42 4.45 -1.05
C TRP C 325 15.41 5.59 -0.04
N ARG C 326 16.18 6.66 -0.33
CA ARG C 326 16.16 7.83 0.54
C ARG C 326 14.83 8.58 0.44
N ILE C 327 14.24 8.64 -0.76
CA ILE C 327 12.95 9.29 -0.93
C ILE C 327 11.88 8.55 -0.13
N PHE C 328 11.90 7.22 -0.18
CA PHE C 328 10.98 6.43 0.64
C PHE C 328 11.26 6.63 2.13
N PHE C 329 12.53 6.83 2.48
CA PHE C 329 12.90 7.08 3.86
C PHE C 329 12.26 8.37 4.37
N ALA C 330 12.25 9.42 3.56
CA ALA C 330 11.63 10.67 3.96
C ALA C 330 10.11 10.55 4.02
N SER C 331 9.51 9.85 3.05
CA SER C 331 8.06 9.68 3.05
C SER C 331 7.59 8.90 4.27
N MET C 332 8.32 7.84 4.62
CA MET C 332 7.97 7.05 5.80
C MET C 332 8.07 7.86 7.07
N ILE C 333 9.14 8.64 7.23
CA ILE C 333 9.32 9.44 8.44
C ILE C 333 8.26 10.54 8.50
N SER C 334 7.93 11.14 7.35
CA SER C 334 6.98 12.25 7.33
C SER C 334 5.61 11.80 7.84
N THR C 335 5.10 10.68 7.31
CA THR C 335 3.79 10.22 7.75
C THR C 335 3.83 9.68 9.17
N PHE C 336 4.99 9.16 9.62
CA PHE C 336 5.11 8.69 10.99
C PHE C 336 5.19 9.86 11.97
N THR C 337 5.93 10.90 11.61
CA THR C 337 6.04 12.08 12.48
C THR C 337 4.68 12.75 12.65
N LEU C 338 3.91 12.87 11.57
CA LEU C 338 2.57 13.40 11.68
C LEU C 338 1.69 12.52 12.56
N ASN C 339 1.79 11.20 12.38
CA ASN C 339 1.00 10.28 13.20
C ASN C 339 1.41 10.35 14.66
N PHE C 340 2.72 10.40 14.94
CA PHE C 340 3.19 10.35 16.31
C PHE C 340 2.87 11.63 17.06
N VAL C 341 3.09 12.79 16.43
CA VAL C 341 2.87 14.06 17.10
C VAL C 341 1.38 14.31 17.32
N LEU C 342 0.55 13.99 16.31
CA LEU C 342 -0.89 14.16 16.45
C LEU C 342 -1.44 13.26 17.56
N SER C 343 -0.89 12.05 17.68
CA SER C 343 -1.30 11.15 18.75
C SER C 343 -1.00 11.75 20.12
N ILE C 344 0.16 12.40 20.26
CA ILE C 344 0.47 13.09 21.50
C ILE C 344 -0.49 14.24 21.74
N TYR C 345 -0.79 15.01 20.69
CA TYR C 345 -1.72 16.13 20.82
C TYR C 345 -3.11 15.66 21.21
N HIS C 346 -3.55 14.53 20.65
CA HIS C 346 -4.86 13.98 20.96
C HIS C 346 -4.87 13.16 22.24
N GLY C 347 -3.74 13.03 22.92
CA GLY C 347 -3.66 12.30 24.18
C GLY C 347 -3.29 10.83 24.10
N ASN C 348 -3.95 10.08 23.22
CA ASN C 348 -3.71 8.65 23.09
C ASN C 348 -2.42 8.44 22.31
N MET C 349 -1.30 8.38 23.02
CA MET C 349 -0.01 8.14 22.40
C MET C 349 0.09 6.74 21.79
N TRP C 350 -0.71 5.80 22.26
CA TRP C 350 -0.65 4.42 21.79
C TRP C 350 -1.49 4.17 20.53
N ASP C 351 -2.22 5.17 20.05
CA ASP C 351 -3.12 5.03 18.91
C ASP C 351 -2.56 5.84 17.74
N LEU C 352 -1.92 5.17 16.80
CA LEU C 352 -1.40 5.82 15.60
C LEU C 352 -2.41 5.70 14.47
N SER C 353 -3.52 6.43 14.64
CA SER C 353 -4.66 6.35 13.74
C SER C 353 -4.75 7.54 12.79
N SER C 354 -3.73 8.38 12.72
CA SER C 354 -3.73 9.55 11.85
C SER C 354 -2.44 9.61 11.04
N PRO C 355 -2.25 8.67 10.10
CA PRO C 355 -1.04 8.73 9.26
C PRO C 355 -1.01 9.91 8.30
N GLY C 356 -2.16 10.50 7.97
CA GLY C 356 -2.20 11.60 7.04
C GLY C 356 -3.12 12.70 7.53
N LEU C 357 -3.08 13.82 6.80
CA LEU C 357 -3.99 14.93 7.11
C LEU C 357 -5.44 14.54 6.85
N ILE C 358 -5.68 13.75 5.80
CA ILE C 358 -6.96 13.13 5.54
C ILE C 358 -6.79 11.62 5.71
N ASN C 359 -7.72 11.00 6.43
CA ASN C 359 -7.67 9.58 6.73
C ASN C 359 -8.97 8.94 6.24
N PHE C 360 -8.88 8.17 5.16
CA PHE C 360 -10.09 7.64 4.52
C PHE C 360 -10.86 6.69 5.42
N GLY C 361 -10.18 6.03 6.34
CA GLY C 361 -10.82 5.05 7.21
C GLY C 361 -10.55 3.63 6.74
N ARG C 362 -11.40 2.72 7.22
CA ARG C 362 -11.26 1.30 6.95
C ARG C 362 -12.32 0.83 5.97
N PHE C 363 -11.87 0.18 4.89
CA PHE C 363 -12.75 -0.47 3.93
C PHE C 363 -12.70 -1.99 4.03
N ASP C 364 -12.37 -2.51 5.20
CA ASP C 364 -12.29 -3.95 5.42
C ASP C 364 -13.61 -4.47 5.99
N SER C 365 -14.63 -4.42 5.14
CA SER C 365 -15.97 -4.81 5.54
C SER C 365 -16.65 -5.56 4.40
N GLU C 366 -17.68 -6.34 4.75
CA GLU C 366 -18.47 -7.03 3.74
C GLU C 366 -19.22 -6.03 2.88
N LYS C 367 -19.65 -4.90 3.46
CA LYS C 367 -20.27 -3.84 2.68
C LYS C 367 -19.29 -3.28 1.66
N MET C 368 -18.02 -3.16 2.03
CA MET C 368 -16.98 -2.65 1.14
C MET C 368 -16.34 -3.76 0.32
N ALA C 369 -17.18 -4.54 -0.36
CA ALA C 369 -16.73 -5.59 -1.26
C ALA C 369 -17.47 -5.45 -2.58
N TYR C 370 -16.78 -5.75 -3.68
CA TYR C 370 -17.33 -5.60 -5.01
C TYR C 370 -17.27 -6.93 -5.76
N THR C 371 -18.18 -7.07 -6.72
CA THR C 371 -18.25 -8.23 -7.59
C THR C 371 -17.74 -7.86 -8.98
N ILE C 372 -17.54 -8.89 -9.80
CA ILE C 372 -17.04 -8.67 -11.15
C ILE C 372 -18.08 -7.97 -12.02
N HIS C 373 -19.37 -8.08 -11.69
CA HIS C 373 -20.41 -7.44 -12.47
C HIS C 373 -20.42 -5.92 -12.28
N GLU C 374 -19.84 -5.44 -11.18
CA GLU C 374 -19.76 -3.99 -10.95
C GLU C 374 -18.65 -3.33 -11.74
N ILE C 375 -17.77 -4.10 -12.39
CA ILE C 375 -16.67 -3.51 -13.14
C ILE C 375 -17.15 -2.60 -14.26
N PRO C 376 -18.10 -3.01 -15.12
CA PRO C 376 -18.61 -2.05 -16.12
C PRO C 376 -19.27 -0.82 -15.50
N VAL C 377 -19.88 -0.97 -14.32
CA VAL C 377 -20.46 0.18 -13.65
C VAL C 377 -19.37 1.15 -13.21
N PHE C 378 -18.25 0.62 -12.69
CA PHE C 378 -17.15 1.47 -12.28
C PHE C 378 -16.55 2.22 -13.46
N ILE C 379 -16.42 1.55 -14.61
CA ILE C 379 -15.93 2.21 -15.81
C ILE C 379 -16.85 3.36 -16.21
N ALA C 380 -18.16 3.15 -16.09
CA ALA C 380 -19.11 4.22 -16.40
C ALA C 380 -18.93 5.40 -15.44
N MET C 381 -18.59 5.13 -14.19
CA MET C 381 -18.34 6.20 -13.24
C MET C 381 -17.12 7.03 -13.63
N GLY C 382 -16.06 6.35 -14.10
CA GLY C 382 -14.90 7.07 -14.59
C GLY C 382 -15.20 7.93 -15.80
N VAL C 383 -16.14 7.49 -16.63
CA VAL C 383 -16.59 8.33 -17.74
C VAL C 383 -17.24 9.60 -17.21
N VAL C 384 -18.07 9.47 -16.17
CA VAL C 384 -18.67 10.65 -15.56
C VAL C 384 -17.60 11.53 -14.93
N GLY C 385 -16.63 10.92 -14.24
CA GLY C 385 -15.55 11.70 -13.65
C GLY C 385 -14.72 12.43 -14.69
N GLY C 386 -14.45 11.77 -15.81
CA GLY C 386 -13.73 12.44 -16.89
C GLY C 386 -14.52 13.57 -17.51
N VAL C 387 -15.83 13.36 -17.72
CA VAL C 387 -16.67 14.40 -18.30
C VAL C 387 -16.82 15.58 -17.34
N LEU C 388 -17.12 15.29 -16.08
CA LEU C 388 -17.26 16.35 -15.09
C LEU C 388 -15.92 17.04 -14.83
N GLY C 389 -14.84 16.26 -14.80
CA GLY C 389 -13.51 16.86 -14.65
C GLY C 389 -13.16 17.77 -15.80
N ALA C 390 -13.55 17.38 -17.02
CA ALA C 390 -13.33 18.24 -18.18
C ALA C 390 -14.14 19.54 -18.07
N VAL C 391 -15.40 19.43 -17.63
CA VAL C 391 -16.21 20.62 -17.41
C VAL C 391 -15.60 21.49 -16.32
N PHE C 392 -15.12 20.86 -15.24
CA PHE C 392 -14.46 21.60 -14.17
C PHE C 392 -13.23 22.33 -14.70
N ASN C 393 -12.43 21.65 -15.52
CA ASN C 393 -11.21 22.26 -16.04
C ASN C 393 -11.54 23.31 -17.11
N ALA C 394 -12.57 23.07 -17.91
CA ALA C 394 -12.93 24.02 -18.95
C ALA C 394 -13.43 25.33 -18.36
N LEU C 395 -14.30 25.25 -17.35
CA LEU C 395 -14.79 26.46 -16.70
C LEU C 395 -13.66 27.20 -15.99
N ASN C 396 -12.75 26.45 -15.35
CA ASN C 396 -11.63 27.09 -14.66
C ASN C 396 -10.68 27.76 -15.65
N TYR C 397 -10.49 27.16 -16.83
CA TYR C 397 -9.65 27.78 -17.86
C TYR C 397 -10.25 29.10 -18.33
N TRP C 398 -11.56 29.11 -18.59
CA TRP C 398 -12.23 30.34 -18.99
C TRP C 398 -12.16 31.38 -17.89
N LEU C 399 -12.35 30.96 -16.64
CA LEU C 399 -12.23 31.88 -15.52
C LEU C 399 -10.80 32.39 -15.36
N THR C 400 -9.81 31.51 -15.53
CA THR C 400 -8.42 31.92 -15.41
C THR C 400 -8.04 32.93 -16.49
N MET C 401 -8.52 32.71 -17.71
CA MET C 401 -8.28 33.68 -18.79
C MET C 401 -8.91 35.02 -18.44
N PHE C 402 -10.11 35.01 -17.87
CA PHE C 402 -10.76 36.25 -17.47
C PHE C 402 -9.96 36.96 -16.37
N ARG C 403 -9.47 36.20 -15.39
CA ARG C 403 -8.72 36.81 -14.29
C ARG C 403 -7.38 37.37 -14.77
N ILE C 404 -6.72 36.66 -15.68
CA ILE C 404 -5.45 37.15 -16.22
C ILE C 404 -5.67 38.46 -16.98
N ARG C 405 -6.77 38.54 -17.72
CA ARG C 405 -7.02 39.72 -18.54
C ARG C 405 -7.46 40.91 -17.70
N TYR C 406 -8.31 40.67 -16.70
CA TYR C 406 -9.02 41.75 -16.03
C TYR C 406 -8.77 41.86 -14.53
N ILE C 407 -8.30 40.79 -13.88
CA ILE C 407 -8.17 40.79 -12.42
C ILE C 407 -6.72 40.57 -12.03
N HIS C 408 -5.80 41.08 -12.84
CA HIS C 408 -4.37 40.89 -12.58
C HIS C 408 -3.81 41.84 -11.53
N ARG C 409 -4.53 42.89 -11.16
CA ARG C 409 -3.99 43.81 -10.17
C ARG C 409 -4.08 43.20 -8.77
N PRO C 410 -3.07 43.40 -7.93
CA PRO C 410 -3.11 42.82 -6.58
C PRO C 410 -4.30 43.30 -5.75
N CYS C 411 -4.70 44.56 -5.88
CA CYS C 411 -5.84 45.06 -5.14
C CYS C 411 -7.13 44.36 -5.56
N LEU C 412 -7.31 44.17 -6.88
CA LEU C 412 -8.49 43.45 -7.36
C LEU C 412 -8.44 41.98 -6.97
N GLN C 413 -7.24 41.40 -6.92
CA GLN C 413 -7.11 40.00 -6.51
C GLN C 413 -7.56 39.79 -5.08
N VAL C 414 -7.20 40.73 -4.18
CA VAL C 414 -7.62 40.63 -2.80
C VAL C 414 -9.13 40.77 -2.68
N ILE C 415 -9.70 41.72 -3.43
CA ILE C 415 -11.15 41.93 -3.38
C ILE C 415 -11.89 40.70 -3.89
N GLU C 416 -11.39 40.09 -4.96
CA GLU C 416 -12.03 38.91 -5.53
C GLU C 416 -12.05 37.76 -4.52
N ALA C 417 -10.94 37.53 -3.84
CA ALA C 417 -10.91 36.46 -2.84
C ALA C 417 -11.84 36.76 -1.67
N VAL C 418 -11.90 38.02 -1.25
CA VAL C 418 -12.82 38.40 -0.17
C VAL C 418 -14.27 38.18 -0.59
N LEU C 419 -14.60 38.56 -1.82
CA LEU C 419 -15.96 38.38 -2.31
C LEU C 419 -16.34 36.91 -2.42
N VAL C 420 -15.39 36.06 -2.84
CA VAL C 420 -15.66 34.63 -2.90
C VAL C 420 -15.94 34.07 -1.51
N ALA C 421 -15.16 34.51 -0.51
CA ALA C 421 -15.38 34.06 0.85
C ALA C 421 -16.76 34.45 1.35
N ALA C 422 -17.20 35.68 1.08
CA ALA C 422 -18.51 36.12 1.52
C ALA C 422 -19.62 35.37 0.79
N VAL C 423 -19.44 35.14 -0.51
CA VAL C 423 -20.45 34.41 -1.28
C VAL C 423 -20.52 32.96 -0.83
N THR C 424 -19.37 32.36 -0.52
CA THR C 424 -19.35 30.97 -0.07
C THR C 424 -20.16 30.80 1.21
N ALA C 425 -20.00 31.73 2.16
CA ALA C 425 -20.80 31.68 3.38
C ALA C 425 -22.26 31.95 3.07
N THR C 426 -22.54 32.87 2.15
CA THR C 426 -23.92 33.25 1.85
C THR C 426 -24.67 32.10 1.18
N VAL C 427 -24.05 31.44 0.21
CA VAL C 427 -24.70 30.31 -0.45
C VAL C 427 -24.90 29.17 0.54
N ALA C 428 -23.91 28.93 1.40
CA ALA C 428 -24.06 27.92 2.43
C ALA C 428 -25.21 28.28 3.38
N PHE C 429 -25.28 29.54 3.79
CA PHE C 429 -26.36 29.96 4.69
C PHE C 429 -27.72 29.81 4.04
N VAL C 430 -27.83 30.18 2.76
CA VAL C 430 -29.11 30.07 2.06
C VAL C 430 -29.55 28.62 1.96
N LEU C 431 -28.62 27.72 1.63
CA LEU C 431 -28.96 26.31 1.55
C LEU C 431 -29.35 25.76 2.92
N ILE C 432 -28.63 26.15 3.96
CA ILE C 432 -28.98 25.73 5.31
C ILE C 432 -30.32 26.33 5.73
N TYR C 433 -30.55 27.60 5.41
CA TYR C 433 -31.78 28.27 5.82
C TYR C 433 -33.01 27.60 5.20
N SER C 434 -32.93 27.25 3.92
CA SER C 434 -34.04 26.65 3.20
C SER C 434 -34.06 25.13 3.29
N SER C 435 -33.13 24.53 4.03
CA SER C 435 -33.09 23.07 4.15
C SER C 435 -34.18 22.60 5.09
N ARG C 436 -35.06 21.74 4.59
CA ARG C 436 -36.17 21.19 5.37
C ARG C 436 -35.91 19.76 5.83
N ASP C 437 -34.66 19.31 5.73
CA ASP C 437 -34.28 17.96 6.14
C ASP C 437 -33.35 18.06 7.34
N CYS C 438 -33.71 17.40 8.43
CA CYS C 438 -32.85 17.29 9.60
C CYS C 438 -32.97 15.89 10.17
N GLN C 439 -31.94 15.47 10.91
CA GLN C 439 -31.85 14.14 11.46
C GLN C 439 -31.39 14.21 12.92
N PRO C 440 -31.71 13.20 13.72
CA PRO C 440 -31.21 13.17 15.09
C PRO C 440 -29.70 13.03 15.11
N LEU C 441 -29.09 13.59 16.17
CA LEU C 441 -27.64 13.63 16.26
C LEU C 441 -27.09 12.23 16.53
N GLN C 442 -26.14 11.81 15.68
CA GLN C 442 -25.43 10.56 15.88
C GLN C 442 -24.29 10.78 16.87
N GLY C 443 -23.40 9.80 17.00
CA GLY C 443 -22.29 9.93 17.91
C GLY C 443 -21.34 11.06 17.52
N GLY C 444 -20.91 11.05 16.26
CA GLY C 444 -19.99 12.07 15.78
C GLY C 444 -20.29 12.54 14.37
N SER C 445 -21.56 12.50 13.97
CA SER C 445 -21.92 12.87 12.61
C SER C 445 -21.72 14.36 12.35
N MET C 446 -21.98 15.21 13.35
CA MET C 446 -21.86 16.65 13.20
C MET C 446 -20.94 17.18 14.29
N SER C 447 -19.89 17.88 13.88
CA SER C 447 -18.99 18.50 14.85
C SER C 447 -19.67 19.64 15.58
N TYR C 448 -20.47 20.43 14.86
CA TYR C 448 -21.19 21.57 15.43
C TYR C 448 -22.64 21.45 14.98
N PRO C 449 -23.41 20.57 15.63
CA PRO C 449 -24.79 20.33 15.18
C PRO C 449 -25.66 21.57 15.33
N LEU C 450 -26.23 22.01 14.21
CA LEU C 450 -26.98 23.26 14.15
C LEU C 450 -28.46 22.94 14.03
N GLN C 451 -29.22 23.25 15.08
CA GLN C 451 -30.68 23.17 15.04
C GLN C 451 -31.22 24.48 14.51
N LEU C 452 -32.00 24.41 13.43
CA LEU C 452 -32.51 25.62 12.80
C LEU C 452 -33.86 25.29 12.16
N PHE C 453 -34.93 25.75 12.78
CA PHE C 453 -36.32 25.71 12.32
C PHE C 453 -36.95 24.32 12.36
N CYS C 454 -36.27 23.30 12.85
CA CYS C 454 -36.89 21.99 12.97
C CYS C 454 -36.81 21.50 14.40
N ALA C 455 -37.34 20.31 14.64
CA ALA C 455 -37.70 19.88 15.99
C ALA C 455 -36.49 19.74 16.89
N ASP C 456 -36.73 19.90 18.19
CA ASP C 456 -35.68 19.71 19.19
C ASP C 456 -35.18 18.27 19.16
N GLY C 457 -33.88 18.11 19.34
CA GLY C 457 -33.23 16.82 19.19
C GLY C 457 -32.81 16.50 17.78
N GLU C 458 -33.25 17.28 16.80
CA GLU C 458 -32.84 17.14 15.42
C GLU C 458 -31.98 18.33 15.03
N TYR C 459 -31.08 18.12 14.07
CA TYR C 459 -30.15 19.15 13.64
C TYR C 459 -30.11 19.20 12.12
N ASN C 460 -29.98 20.40 11.58
CA ASN C 460 -30.06 20.61 10.14
C ASN C 460 -28.99 19.79 9.41
N SER C 461 -29.45 18.90 8.53
CA SER C 461 -28.52 18.02 7.83
C SER C 461 -27.63 18.79 6.87
N MET C 462 -28.19 19.79 6.17
CA MET C 462 -27.39 20.57 5.23
C MET C 462 -26.33 21.38 5.97
N ALA C 463 -26.60 21.78 7.22
CA ALA C 463 -25.61 22.51 7.99
C ALA C 463 -24.37 21.66 8.24
N ALA C 464 -24.56 20.35 8.48
CA ALA C 464 -23.43 19.47 8.68
C ALA C 464 -22.53 19.39 7.44
N ALA C 465 -23.14 19.48 6.24
CA ALA C 465 -22.35 19.43 5.02
C ALA C 465 -21.39 20.61 4.92
N PHE C 466 -21.77 21.77 5.45
CA PHE C 466 -20.94 22.96 5.37
C PHE C 466 -20.13 23.23 6.63
N PHE C 467 -20.67 22.89 7.81
CA PHE C 467 -19.94 23.13 9.04
C PHE C 467 -18.82 22.12 9.27
N ASN C 468 -18.99 20.88 8.81
CA ASN C 468 -17.94 19.89 8.94
C ASN C 468 -16.79 20.21 8.00
N THR C 469 -15.59 19.83 8.41
CA THR C 469 -14.44 19.95 7.53
C THR C 469 -14.63 19.03 6.32
N PRO C 470 -14.12 19.42 5.16
CA PRO C 470 -14.28 18.57 3.97
C PRO C 470 -13.69 17.18 4.14
N GLU C 471 -12.65 17.04 4.97
CA GLU C 471 -12.12 15.72 5.27
C GLU C 471 -13.16 14.86 5.99
N LYS C 472 -13.85 15.44 6.97
CA LYS C 472 -14.88 14.70 7.68
C LYS C 472 -16.04 14.34 6.77
N SER C 473 -16.42 15.28 5.88
CA SER C 473 -17.50 15.00 4.93
C SER C 473 -17.13 13.86 3.99
N VAL C 474 -15.87 13.83 3.54
CA VAL C 474 -15.42 12.75 2.66
C VAL C 474 -15.44 11.42 3.40
N VAL C 475 -14.96 11.40 4.64
CA VAL C 475 -14.95 10.16 5.41
C VAL C 475 -16.36 9.66 5.68
N SER C 476 -17.26 10.58 6.04
CA SER C 476 -18.65 10.18 6.28
C SER C 476 -19.30 9.63 5.02
N LEU C 477 -19.04 10.27 3.88
CA LEU C 477 -19.57 9.75 2.62
C LEU C 477 -19.01 8.38 2.30
N PHE C 478 -17.74 8.14 2.64
CA PHE C 478 -17.16 6.81 2.45
C PHE C 478 -17.78 5.79 3.39
N HIS C 479 -17.87 6.13 4.67
CA HIS C 479 -18.35 5.20 5.70
C HIS C 479 -19.62 5.76 6.34
N ASP C 480 -20.78 5.41 5.75
CA ASP C 480 -22.08 5.74 6.30
C ASP C 480 -23.04 4.64 5.89
N PRO C 481 -23.94 4.23 6.78
CA PRO C 481 -24.92 3.21 6.40
C PRO C 481 -25.83 3.73 5.31
N PRO C 482 -26.36 2.84 4.46
CA PRO C 482 -27.27 3.28 3.41
C PRO C 482 -28.48 4.00 3.98
N GLY C 483 -28.96 5.01 3.25
CA GLY C 483 -30.03 5.85 3.73
C GLY C 483 -29.61 6.99 4.63
N SER C 484 -28.30 7.20 4.81
CA SER C 484 -27.83 8.27 5.67
C SER C 484 -27.99 9.65 5.02
N TYR C 485 -28.01 9.71 3.69
CA TYR C 485 -28.07 10.97 2.97
C TYR C 485 -29.35 11.06 2.18
N ASN C 486 -30.08 12.16 2.36
CA ASN C 486 -31.20 12.46 1.48
C ASN C 486 -30.66 12.91 0.13
N PRO C 487 -31.11 12.32 -0.97
CA PRO C 487 -30.54 12.68 -2.28
C PRO C 487 -30.69 14.16 -2.62
N LEU C 488 -31.74 14.83 -2.15
CA LEU C 488 -31.95 16.23 -2.52
C LEU C 488 -30.91 17.13 -1.88
N THR C 489 -30.69 16.99 -0.57
CA THR C 489 -29.73 17.85 0.11
C THR C 489 -28.30 17.54 -0.32
N LEU C 490 -27.98 16.27 -0.55
CA LEU C 490 -26.67 15.91 -1.06
C LEU C 490 -26.50 16.37 -2.50
N GLY C 491 -27.56 16.28 -3.30
CA GLY C 491 -27.49 16.75 -4.67
C GLY C 491 -27.30 18.26 -4.77
N LEU C 492 -28.02 19.00 -3.93
CA LEU C 492 -27.88 20.45 -3.93
C LEU C 492 -26.48 20.88 -3.47
N PHE C 493 -25.94 20.19 -2.46
CA PHE C 493 -24.59 20.50 -2.00
C PHE C 493 -23.56 20.19 -3.09
N THR C 494 -23.72 19.06 -3.78
CA THR C 494 -22.78 18.69 -4.82
C THR C 494 -22.77 19.71 -5.96
N LEU C 495 -23.96 20.13 -6.40
CA LEU C 495 -24.04 21.10 -7.49
C LEU C 495 -23.41 22.43 -7.09
N VAL C 496 -23.69 22.89 -5.87
CA VAL C 496 -23.16 24.17 -5.42
C VAL C 496 -21.65 24.07 -5.17
N TYR C 497 -21.22 23.02 -4.48
CA TYR C 497 -19.81 22.89 -4.14
C TYR C 497 -18.95 22.68 -5.38
N PHE C 498 -19.51 22.06 -6.43
CA PHE C 498 -18.77 21.91 -7.68
C PHE C 498 -18.41 23.27 -8.27
N PHE C 499 -19.37 24.19 -8.32
CA PHE C 499 -19.10 25.50 -8.90
C PHE C 499 -18.29 26.37 -7.95
N LEU C 500 -18.51 26.23 -6.65
CA LEU C 500 -17.72 26.98 -5.69
C LEU C 500 -16.25 26.58 -5.75
N ALA C 501 -15.96 25.28 -5.82
CA ALA C 501 -14.58 24.82 -5.90
C ALA C 501 -13.94 25.28 -7.20
N CYS C 502 -14.67 25.19 -8.32
CA CYS C 502 -14.14 25.68 -9.60
C CYS C 502 -13.90 27.18 -9.55
N TRP C 503 -14.83 27.93 -8.98
CA TRP C 503 -14.67 29.37 -8.86
C TRP C 503 -13.52 29.72 -7.93
N THR C 504 -13.36 28.97 -6.83
CA THR C 504 -12.35 29.31 -5.84
C THR C 504 -10.94 28.99 -6.32
N TYR C 505 -10.78 27.91 -7.10
CA TYR C 505 -9.45 27.59 -7.62
C TYR C 505 -9.00 28.67 -8.59
N GLY C 506 -7.72 29.02 -8.50
CA GLY C 506 -7.19 30.14 -9.24
C GLY C 506 -7.23 31.46 -8.51
N LEU C 507 -7.87 31.51 -7.34
CA LEU C 507 -7.82 32.71 -6.51
C LEU C 507 -6.41 32.95 -6.00
N THR C 508 -6.10 34.20 -5.69
CA THR C 508 -4.78 34.58 -5.21
C THR C 508 -4.64 34.26 -3.72
N VAL C 509 -4.84 32.97 -3.42
CA VAL C 509 -4.71 32.44 -2.06
C VAL C 509 -3.96 31.13 -2.13
N SER C 510 -3.35 30.76 -1.01
CA SER C 510 -2.66 29.47 -0.89
C SER C 510 -3.71 28.43 -0.50
N ALA C 511 -3.96 27.47 -1.41
CA ALA C 511 -5.04 26.53 -1.22
C ALA C 511 -4.90 25.38 -2.19
N GLY C 512 -5.34 24.19 -1.75
CA GLY C 512 -5.29 23.00 -2.56
C GLY C 512 -6.62 22.66 -3.19
N VAL C 513 -6.57 21.83 -4.22
CA VAL C 513 -7.76 21.37 -4.93
C VAL C 513 -7.98 19.86 -4.81
N PHE C 514 -7.04 19.13 -4.20
CA PHE C 514 -7.22 17.69 -4.04
C PHE C 514 -8.50 17.36 -3.27
N ILE C 515 -8.62 17.87 -2.05
CA ILE C 515 -9.77 17.54 -1.21
C ILE C 515 -11.09 18.00 -1.83
N PRO C 516 -11.22 19.24 -2.34
CA PRO C 516 -12.49 19.60 -2.98
C PRO C 516 -12.89 18.68 -4.11
N SER C 517 -11.93 18.23 -4.91
CA SER C 517 -12.24 17.26 -5.97
C SER C 517 -12.66 15.92 -5.38
N LEU C 518 -12.01 15.50 -4.30
CA LEU C 518 -12.42 14.28 -3.61
C LEU C 518 -13.83 14.42 -3.05
N LEU C 519 -14.13 15.57 -2.44
CA LEU C 519 -15.46 15.78 -1.86
C LEU C 519 -16.54 15.79 -2.93
N ILE C 520 -16.28 16.44 -4.07
CA ILE C 520 -17.25 16.47 -5.15
C ILE C 520 -17.53 15.05 -5.65
N GLY C 521 -16.47 14.28 -5.88
CA GLY C 521 -16.64 12.93 -6.38
C GLY C 521 -17.31 12.01 -5.38
N ALA C 522 -16.92 12.11 -4.11
CA ALA C 522 -17.58 11.31 -3.07
C ALA C 522 -19.05 11.67 -2.95
N ALA C 523 -19.41 12.92 -3.31
CA ALA C 523 -20.79 13.35 -3.22
C ALA C 523 -21.65 12.73 -4.31
N TRP C 524 -21.29 12.97 -5.57
CA TRP C 524 -22.07 12.38 -6.67
C TRP C 524 -21.81 10.88 -6.80
N GLY C 525 -20.67 10.39 -6.31
CA GLY C 525 -20.47 8.95 -6.22
C GLY C 525 -21.46 8.31 -5.25
N ARG C 526 -21.67 8.94 -4.10
CA ARG C 526 -22.69 8.46 -3.17
C ARG C 526 -24.08 8.56 -3.77
N LEU C 527 -24.35 9.64 -4.51
CA LEU C 527 -25.64 9.76 -5.18
C LEU C 527 -25.82 8.67 -6.21
N PHE C 528 -24.76 8.29 -6.91
CA PHE C 528 -24.84 7.15 -7.84
C PHE C 528 -25.15 5.87 -7.10
N GLY C 529 -24.52 5.66 -5.94
CA GLY C 529 -24.83 4.49 -5.13
C GLY C 529 -26.26 4.47 -4.64
N ILE C 530 -26.78 5.63 -4.27
CA ILE C 530 -28.17 5.72 -3.84
C ILE C 530 -29.11 5.37 -4.99
N SER C 531 -28.82 5.86 -6.19
CA SER C 531 -29.64 5.54 -7.34
C SER C 531 -29.59 4.05 -7.67
N LEU C 532 -28.40 3.45 -7.58
CA LEU C 532 -28.27 2.02 -7.83
C LEU C 532 -29.05 1.21 -6.80
N SER C 533 -28.99 1.61 -5.53
CA SER C 533 -29.77 0.92 -4.50
C SER C 533 -31.26 1.03 -4.77
N TYR C 534 -31.70 2.17 -5.29
CA TYR C 534 -33.11 2.33 -5.65
C TYR C 534 -33.50 1.48 -6.84
N LEU C 535 -32.58 1.29 -7.79
CA LEU C 535 -32.85 0.53 -9.00
C LEU C 535 -32.68 -0.98 -8.83
N THR C 536 -32.05 -1.42 -7.74
CA THR C 536 -31.83 -2.84 -7.50
C THR C 536 -32.47 -3.34 -6.21
N GLY C 537 -33.41 -2.57 -5.66
CA GLY C 537 -34.09 -2.98 -4.44
C GLY C 537 -33.17 -3.10 -3.25
N ALA C 538 -32.27 -2.13 -3.06
CA ALA C 538 -31.34 -2.10 -1.93
C ALA C 538 -30.49 -3.38 -1.88
N ALA C 539 -29.97 -3.78 -3.03
CA ALA C 539 -29.09 -4.94 -3.10
C ALA C 539 -27.82 -4.68 -2.30
N ILE C 540 -27.28 -5.74 -1.72
CA ILE C 540 -26.12 -5.59 -0.83
C ILE C 540 -24.89 -5.12 -1.59
N TRP C 541 -24.78 -5.45 -2.88
CA TRP C 541 -23.62 -5.00 -3.64
C TRP C 541 -23.69 -3.52 -3.98
N ALA C 542 -24.88 -2.93 -3.96
CA ALA C 542 -25.05 -1.51 -4.26
C ALA C 542 -24.92 -0.67 -2.99
N ASP C 543 -23.74 -0.76 -2.37
CA ASP C 543 -23.47 0.01 -1.16
C ASP C 543 -23.06 1.43 -1.53
N PRO C 544 -23.79 2.45 -1.09
CA PRO C 544 -23.44 3.83 -1.50
C PRO C 544 -22.05 4.25 -1.06
N GLY C 545 -21.59 3.77 0.10
CA GLY C 545 -20.26 4.17 0.57
C GLY C 545 -19.15 3.72 -0.35
N LYS C 546 -19.27 2.51 -0.90
CA LYS C 546 -18.28 2.01 -1.85
C LYS C 546 -18.25 2.86 -3.11
N TYR C 547 -19.43 3.25 -3.60
CA TYR C 547 -19.49 4.08 -4.80
C TYR C 547 -19.06 5.51 -4.53
N ALA C 548 -19.12 5.97 -3.28
CA ALA C 548 -18.55 7.26 -2.94
C ALA C 548 -17.04 7.26 -3.13
N LEU C 549 -16.38 6.14 -2.79
CA LEU C 549 -14.95 6.03 -3.00
C LEU C 549 -14.61 6.03 -4.49
N MET C 550 -15.39 5.33 -5.30
CA MET C 550 -15.15 5.31 -6.75
C MET C 550 -15.43 6.68 -7.36
N GLY C 551 -16.48 7.35 -6.91
CA GLY C 551 -16.76 8.68 -7.42
C GLY C 551 -15.66 9.67 -7.07
N ALA C 552 -15.16 9.60 -5.84
CA ALA C 552 -14.07 10.49 -5.42
C ALA C 552 -12.82 10.27 -6.27
N ALA C 553 -12.48 9.01 -6.53
CA ALA C 553 -11.36 8.71 -7.40
C ALA C 553 -11.63 9.18 -8.83
N ALA C 554 -12.85 8.95 -9.33
CA ALA C 554 -13.17 9.32 -10.70
C ALA C 554 -13.09 10.83 -10.90
N GLN C 555 -13.63 11.61 -9.95
CA GLN C 555 -13.60 13.06 -10.10
C GLN C 555 -12.19 13.60 -9.94
N LEU C 556 -11.43 13.08 -8.97
CA LEU C 556 -10.05 13.53 -8.81
C LEU C 556 -9.21 13.17 -10.04
N GLY C 557 -9.40 11.97 -10.58
CA GLY C 557 -8.69 11.62 -11.81
C GLY C 557 -9.14 12.45 -12.99
N GLY C 558 -10.43 12.79 -13.04
CA GLY C 558 -10.94 13.62 -14.12
C GLY C 558 -10.43 15.04 -14.10
N ILE C 559 -9.95 15.52 -12.96
CA ILE C 559 -9.52 16.90 -12.80
C ILE C 559 -7.99 17.02 -12.91
N VAL C 560 -7.25 16.25 -12.13
CA VAL C 560 -5.79 16.35 -12.11
C VAL C 560 -5.10 15.34 -13.02
N ARG C 561 -5.83 14.33 -13.52
CA ARG C 561 -5.30 13.35 -14.47
C ARG C 561 -4.11 12.57 -13.93
N MET C 562 -4.06 12.39 -12.61
CA MET C 562 -3.03 11.54 -12.01
C MET C 562 -3.52 10.10 -12.00
N THR C 563 -2.67 9.18 -12.47
CA THR C 563 -3.08 7.78 -12.60
C THR C 563 -2.28 6.84 -11.72
N LEU C 564 -0.95 6.82 -11.84
CA LEU C 564 -0.17 5.82 -11.12
C LEU C 564 0.05 6.21 -9.67
N SER C 565 0.50 7.43 -9.42
CA SER C 565 0.65 7.90 -8.05
C SER C 565 -0.70 7.98 -7.35
N LEU C 566 -1.72 8.45 -8.07
CA LEU C 566 -3.05 8.58 -7.46
C LEU C 566 -3.63 7.23 -7.08
N THR C 567 -3.46 6.22 -7.94
CA THR C 567 -3.99 4.89 -7.63
C THR C 567 -3.35 4.32 -6.37
N VAL C 568 -2.03 4.46 -6.24
CA VAL C 568 -1.34 3.96 -5.05
C VAL C 568 -1.72 4.78 -3.83
N ILE C 569 -1.90 6.10 -4.00
CA ILE C 569 -2.36 6.93 -2.89
C ILE C 569 -3.72 6.47 -2.40
N MET C 570 -4.63 6.21 -3.34
CA MET C 570 -5.96 5.69 -2.97
C MET C 570 -5.83 4.32 -2.30
N MET C 571 -4.95 3.47 -2.83
CA MET C 571 -4.77 2.14 -2.25
C MET C 571 -4.26 2.22 -0.81
N GLU C 572 -3.26 3.08 -0.58
CA GLU C 572 -2.70 3.22 0.76
C GLU C 572 -3.69 3.88 1.71
N ALA C 573 -4.44 4.87 1.23
CA ALA C 573 -5.41 5.55 2.07
C ALA C 573 -6.52 4.61 2.51
N THR C 574 -7.02 3.78 1.60
CA THR C 574 -8.07 2.84 1.94
C THR C 574 -7.54 1.59 2.64
N SER C 575 -6.23 1.36 2.61
CA SER C 575 -5.61 0.20 3.25
C SER C 575 -6.24 -1.11 2.74
N ASN C 576 -6.56 -1.14 1.44
CA ASN C 576 -7.20 -2.29 0.82
C ASN C 576 -6.58 -2.48 -0.56
N VAL C 577 -5.77 -3.54 -0.71
CA VAL C 577 -5.10 -3.79 -1.98
C VAL C 577 -6.12 -4.13 -3.07
N THR C 578 -7.13 -4.94 -2.73
CA THR C 578 -8.09 -5.39 -3.73
C THR C 578 -8.87 -4.23 -4.34
N TYR C 579 -9.04 -3.14 -3.61
CA TYR C 579 -9.68 -1.95 -4.16
C TYR C 579 -8.84 -1.26 -5.21
N GLY C 580 -7.56 -1.62 -5.37
CA GLY C 580 -6.75 -1.04 -6.41
C GLY C 580 -7.27 -1.33 -7.81
N PHE C 581 -7.82 -2.53 -8.03
CA PHE C 581 -8.29 -2.89 -9.36
C PHE C 581 -9.43 -2.00 -9.84
N PRO C 582 -10.51 -1.79 -9.08
CA PRO C 582 -11.52 -0.82 -9.53
C PRO C 582 -11.01 0.61 -9.57
N ILE C 583 -10.17 1.00 -8.61
CA ILE C 583 -9.65 2.36 -8.58
C ILE C 583 -8.77 2.62 -9.79
N MET C 584 -7.94 1.63 -10.16
CA MET C 584 -7.12 1.78 -11.37
C MET C 584 -8.00 1.95 -12.60
N LEU C 585 -9.05 1.14 -12.70
CA LEU C 585 -9.91 1.17 -13.89
C LEU C 585 -10.63 2.51 -14.01
N VAL C 586 -11.17 3.03 -12.91
CA VAL C 586 -11.90 4.30 -12.98
C VAL C 586 -10.93 5.44 -13.28
N LEU C 587 -9.71 5.38 -12.73
CA LEU C 587 -8.73 6.42 -13.02
C LEU C 587 -8.25 6.36 -14.47
N MET C 588 -8.17 5.17 -15.06
CA MET C 588 -7.76 5.07 -16.46
C MET C 588 -8.79 5.72 -17.37
N THR C 589 -10.06 5.37 -17.20
CA THR C 589 -11.09 5.93 -18.08
C THR C 589 -11.36 7.40 -17.77
N ALA C 590 -11.17 7.83 -16.52
CA ALA C 590 -11.33 9.25 -16.20
C ALA C 590 -10.29 10.09 -16.93
N LYS C 591 -9.04 9.64 -16.94
CA LYS C 591 -8.00 10.35 -17.70
C LYS C 591 -8.26 10.29 -19.19
N ILE C 592 -8.64 9.12 -19.70
CA ILE C 592 -8.84 8.95 -21.14
C ILE C 592 -9.99 9.82 -21.63
N VAL C 593 -11.12 9.77 -20.92
CA VAL C 593 -12.26 10.60 -21.30
C VAL C 593 -11.94 12.08 -21.11
N GLY C 594 -11.30 12.41 -19.99
CA GLY C 594 -10.95 13.81 -19.74
C GLY C 594 -9.97 14.36 -20.76
N ASP C 595 -8.97 13.56 -21.14
CA ASP C 595 -7.96 14.01 -22.09
C ASP C 595 -8.55 14.31 -23.47
N VAL C 596 -9.73 13.75 -23.77
CA VAL C 596 -10.36 14.01 -25.07
C VAL C 596 -10.74 15.48 -25.20
N PHE C 597 -11.18 16.08 -24.09
CA PHE C 597 -11.73 17.44 -24.11
C PHE C 597 -10.70 18.50 -23.72
N ILE C 598 -9.95 18.27 -22.65
CA ILE C 598 -9.04 19.30 -22.13
C ILE C 598 -7.98 18.61 -21.29
N GLU C 599 -6.86 19.29 -21.10
CA GLU C 599 -5.77 18.77 -20.29
C GLU C 599 -6.09 18.89 -18.80
N GLY C 600 -5.24 18.31 -17.98
CA GLY C 600 -5.45 18.33 -16.54
C GLY C 600 -5.26 19.71 -15.95
N LEU C 601 -5.76 19.86 -14.72
CA LEU C 601 -5.73 21.17 -14.06
C LEU C 601 -4.31 21.66 -13.83
N TYR C 602 -3.43 20.78 -13.35
CA TYR C 602 -2.05 21.17 -13.11
C TYR C 602 -1.32 21.50 -14.42
N ASP C 603 -1.52 20.68 -15.44
CA ASP C 603 -0.89 20.95 -16.73
C ASP C 603 -1.50 22.19 -17.38
N MET C 604 -2.79 22.42 -17.16
CA MET C 604 -3.45 23.61 -17.71
C MET C 604 -2.83 24.89 -17.19
N HIS C 605 -2.58 24.96 -15.88
CA HIS C 605 -2.05 26.17 -15.29
C HIS C 605 -0.56 26.32 -15.55
N ILE C 606 0.17 25.22 -15.72
CA ILE C 606 1.55 25.31 -16.16
C ILE C 606 1.63 25.89 -17.56
N GLN C 607 0.75 25.44 -18.45
CA GLN C 607 0.72 25.97 -19.81
C GLN C 607 0.35 27.45 -19.83
N LEU C 608 -0.62 27.84 -18.99
CA LEU C 608 -1.05 29.24 -18.96
C LEU C 608 0.06 30.15 -18.45
N GLN C 609 1.00 29.62 -17.67
CA GLN C 609 2.14 30.40 -17.23
C GLN C 609 3.29 30.37 -18.24
N SER C 610 3.10 29.71 -19.38
CA SER C 610 4.10 29.62 -20.44
C SER C 610 5.40 29.00 -19.95
N VAL C 611 5.30 28.05 -19.03
CA VAL C 611 6.48 27.36 -18.51
C VAL C 611 6.96 26.34 -19.55
N PRO C 612 8.26 26.27 -19.85
CA PRO C 612 8.75 25.22 -20.76
C PRO C 612 8.75 23.86 -20.09
N PHE C 613 7.59 23.20 -20.08
CA PHE C 613 7.40 21.94 -19.38
C PHE C 613 7.61 20.78 -20.34
N LEU C 614 8.48 19.84 -19.96
CA LEU C 614 8.73 18.64 -20.74
C LEU C 614 7.84 17.51 -20.25
N HIS C 615 7.10 16.90 -21.18
CA HIS C 615 6.25 15.77 -20.85
C HIS C 615 7.10 14.50 -20.76
N TRP C 616 6.43 13.36 -20.61
CA TRP C 616 7.15 12.10 -20.46
C TRP C 616 7.81 11.67 -21.76
N GLU C 617 7.22 12.04 -22.90
CA GLU C 617 7.77 11.67 -24.20
C GLU C 617 7.35 12.72 -25.22
N ALA C 618 8.06 12.71 -26.36
CA ALA C 618 7.72 13.61 -27.45
C ALA C 618 6.36 13.24 -28.04
N PRO C 619 5.64 14.22 -28.60
CA PRO C 619 4.33 13.93 -29.18
C PRO C 619 4.44 12.95 -30.34
N VAL C 620 3.37 12.16 -30.52
CA VAL C 620 3.35 11.13 -31.55
C VAL C 620 3.52 11.73 -32.93
N THR C 621 3.08 12.97 -33.13
CA THR C 621 3.17 13.64 -34.41
C THR C 621 4.55 14.25 -34.67
N SER C 622 5.57 13.83 -33.92
CA SER C 622 6.90 14.39 -34.10
C SER C 622 7.99 13.32 -34.10
N HIS C 623 7.65 12.05 -34.37
CA HIS C 623 8.66 11.01 -34.46
C HIS C 623 9.45 11.09 -35.76
N SER C 624 8.87 11.67 -36.80
CA SER C 624 9.57 11.84 -38.08
C SER C 624 10.66 12.90 -38.02
N LEU C 625 10.73 13.68 -36.94
CA LEU C 625 11.72 14.72 -36.79
C LEU C 625 13.02 14.15 -36.23
N THR C 626 14.13 14.82 -36.55
CA THR C 626 15.45 14.44 -36.06
C THR C 626 16.01 15.59 -35.22
N ALA C 627 17.21 15.38 -34.68
CA ALA C 627 17.87 16.42 -33.90
C ALA C 627 18.17 17.65 -34.74
N ARG C 628 18.38 17.47 -36.04
CA ARG C 628 18.70 18.59 -36.91
C ARG C 628 17.54 19.59 -36.98
N GLU C 629 16.31 19.09 -37.04
CA GLU C 629 15.15 19.97 -37.15
C GLU C 629 14.83 20.69 -35.84
N VAL C 630 15.15 20.07 -34.70
CA VAL C 630 14.78 20.66 -33.41
C VAL C 630 15.90 21.48 -32.78
N MET C 631 17.15 21.29 -33.21
CA MET C 631 18.27 21.99 -32.61
C MET C 631 18.29 23.46 -33.00
N SER C 632 18.98 24.25 -32.18
CA SER C 632 19.17 25.67 -32.43
C SER C 632 20.53 25.90 -33.07
N THR C 633 20.57 26.61 -34.19
CA THR C 633 21.78 26.87 -34.94
C THR C 633 21.70 28.28 -35.51
N PRO C 634 22.82 29.01 -35.60
CA PRO C 634 24.19 28.63 -35.20
C PRO C 634 24.40 28.65 -33.69
N VAL C 635 25.47 28.04 -33.21
CA VAL C 635 25.75 27.91 -31.79
C VAL C 635 26.86 28.88 -31.40
N THR C 636 26.65 29.60 -30.31
CA THR C 636 27.69 30.46 -29.75
C THR C 636 28.63 29.59 -28.92
N CYS C 637 29.84 29.39 -29.42
CA CYS C 637 30.82 28.53 -28.78
C CYS C 637 32.00 29.35 -28.30
N LEU C 638 32.82 28.72 -27.46
CA LEU C 638 34.03 29.33 -26.93
C LEU C 638 35.21 28.39 -27.15
N ARG C 639 36.35 28.96 -27.49
CA ARG C 639 37.55 28.15 -27.66
C ARG C 639 38.06 27.67 -26.31
N ARG C 640 38.83 26.57 -26.35
CA ARG C 640 39.38 26.01 -25.13
C ARG C 640 40.29 27.01 -24.42
N ARG C 641 41.12 27.71 -25.19
CA ARG C 641 41.89 28.85 -24.70
C ARG C 641 41.30 30.09 -25.37
N GLU C 642 40.40 30.77 -24.66
CA GLU C 642 39.60 31.84 -25.22
C GLU C 642 40.03 33.18 -24.65
N LYS C 643 40.01 34.21 -25.49
CA LYS C 643 40.31 35.56 -25.05
C LYS C 643 39.25 36.04 -24.07
N VAL C 644 39.69 36.79 -23.06
CA VAL C 644 38.77 37.29 -22.03
C VAL C 644 37.77 38.25 -22.65
N GLY C 645 38.22 39.11 -23.57
CA GLY C 645 37.31 40.04 -24.22
C GLY C 645 36.22 39.34 -25.00
N VAL C 646 36.55 38.22 -25.64
CA VAL C 646 35.53 37.44 -26.36
C VAL C 646 34.51 36.87 -25.39
N ILE C 647 34.98 36.34 -24.25
CA ILE C 647 34.07 35.77 -23.26
C ILE C 647 33.13 36.84 -22.72
N VAL C 648 33.67 38.02 -22.40
CA VAL C 648 32.84 39.09 -21.86
C VAL C 648 31.82 39.55 -22.89
N ASP C 649 32.24 39.72 -24.15
CA ASP C 649 31.30 40.16 -25.18
C ASP C 649 30.19 39.15 -25.39
N VAL C 650 30.53 37.85 -25.35
CA VAL C 650 29.51 36.81 -25.49
C VAL C 650 28.53 36.87 -24.33
N LEU C 651 29.04 37.01 -23.11
CA LEU C 651 28.17 37.06 -21.94
C LEU C 651 27.39 38.38 -21.87
N SER C 652 27.99 39.48 -22.31
CA SER C 652 27.35 40.78 -22.22
C SER C 652 26.33 41.03 -23.32
N ASP C 653 26.23 40.14 -24.31
CA ASP C 653 25.26 40.30 -25.37
C ASP C 653 23.84 40.30 -24.81
N THR C 654 23.05 41.29 -25.19
CA THR C 654 21.69 41.44 -24.66
C THR C 654 20.63 40.88 -25.60
N ALA C 655 20.99 40.51 -26.82
CA ALA C 655 20.03 39.90 -27.72
C ALA C 655 19.63 38.50 -27.28
N SER C 656 20.45 37.86 -26.45
CA SER C 656 20.15 36.53 -25.94
C SER C 656 20.76 36.39 -24.56
N ASN C 657 20.32 35.36 -23.84
CA ASN C 657 20.78 35.08 -22.48
C ASN C 657 21.13 33.61 -22.33
N HIS C 658 21.91 33.09 -23.27
CA HIS C 658 22.35 31.70 -23.20
C HIS C 658 23.16 31.45 -21.95
N ASN C 659 22.96 30.29 -21.34
CA ASN C 659 23.65 29.92 -20.11
C ASN C 659 24.60 28.75 -20.30
N GLY C 660 24.64 28.15 -21.48
CA GLY C 660 25.58 27.08 -21.76
C GLY C 660 26.26 27.30 -23.09
N PHE C 661 27.56 27.06 -23.12
CA PHE C 661 28.38 27.33 -24.30
C PHE C 661 29.27 26.13 -24.56
N PRO C 662 29.14 25.44 -25.69
CA PRO C 662 30.09 24.37 -26.03
C PRO C 662 31.50 24.91 -26.17
N VAL C 663 32.47 24.13 -25.72
CA VAL C 663 33.88 24.48 -25.83
C VAL C 663 34.46 23.72 -27.01
N VAL C 664 35.07 24.45 -27.95
CA VAL C 664 35.53 23.88 -29.21
C VAL C 664 37.01 24.21 -29.39
N GLU C 665 37.62 23.52 -30.34
CA GLU C 665 39.02 23.74 -30.70
C GLU C 665 39.20 23.78 -32.21
N ALA C 673 35.47 23.85 -35.16
CA ALA C 673 34.41 23.75 -34.16
C ALA C 673 34.31 22.33 -33.61
N ARG C 674 35.46 21.71 -33.38
CA ARG C 674 35.50 20.36 -32.83
C ARG C 674 35.19 20.40 -31.34
N LEU C 675 34.12 19.71 -30.95
CA LEU C 675 33.64 19.79 -29.57
C LEU C 675 34.68 19.26 -28.59
N GLN C 676 34.91 20.01 -27.52
CA GLN C 676 35.78 19.61 -26.43
C GLN C 676 35.07 19.52 -25.09
N GLY C 677 34.00 20.28 -24.89
CA GLY C 677 33.31 20.27 -23.62
C GLY C 677 32.19 21.29 -23.61
N LEU C 678 31.65 21.52 -22.41
CA LEU C 678 30.56 22.46 -22.22
C LEU C 678 30.86 23.28 -20.98
N ILE C 679 30.67 24.60 -21.10
CA ILE C 679 30.90 25.53 -19.99
C ILE C 679 29.63 26.32 -19.76
N LEU C 680 29.33 26.59 -18.49
CA LEU C 680 28.14 27.33 -18.11
C LEU C 680 28.45 28.82 -17.94
N ARG C 681 27.42 29.65 -18.07
CA ARG C 681 27.58 31.08 -17.83
C ARG C 681 27.98 31.34 -16.39
N SER C 682 27.38 30.61 -15.44
CA SER C 682 27.72 30.80 -14.04
C SER C 682 29.19 30.45 -13.77
N GLN C 683 29.69 29.39 -14.41
CA GLN C 683 31.10 29.05 -14.26
C GLN C 683 31.99 30.15 -14.81
N LEU C 684 31.62 30.72 -15.97
CA LEU C 684 32.42 31.79 -16.55
C LEU C 684 32.45 33.02 -15.66
N ILE C 685 31.32 33.36 -15.04
CA ILE C 685 31.28 34.52 -14.15
C ILE C 685 32.23 34.33 -12.97
N VAL C 686 32.24 33.12 -12.40
CA VAL C 686 33.14 32.84 -11.29
C VAL C 686 34.60 32.96 -11.73
N LEU C 687 34.91 32.45 -12.93
CA LEU C 687 36.27 32.54 -13.44
C LEU C 687 36.67 33.99 -13.69
N LEU C 688 35.76 34.79 -14.24
CA LEU C 688 36.04 36.20 -14.46
C LEU C 688 36.17 36.95 -13.14
N LYS C 689 35.33 36.61 -12.16
CA LYS C 689 35.39 37.30 -10.87
C LYS C 689 36.71 37.04 -10.17
N HIS C 690 37.20 35.80 -10.22
CA HIS C 690 38.47 35.44 -9.59
C HIS C 690 39.67 35.73 -10.49
N LYS C 691 39.43 36.22 -11.71
CA LYS C 691 40.50 36.58 -12.65
C LYS C 691 41.44 35.39 -12.90
N VAL C 692 40.84 34.24 -13.21
CA VAL C 692 41.63 33.05 -13.53
C VAL C 692 42.05 33.12 -14.99
N PHE C 693 43.19 33.75 -15.25
CA PHE C 693 43.70 33.96 -16.59
C PHE C 693 45.06 33.30 -16.73
N VAL C 694 45.41 32.95 -17.98
CA VAL C 694 46.70 32.36 -18.27
C VAL C 694 47.82 33.35 -17.99
N GLU C 695 47.54 34.65 -18.08
CA GLU C 695 48.52 35.71 -17.85
C GLU C 695 49.67 35.64 -18.84
N ARG C 704 45.02 30.17 -4.17
CA ARG C 704 45.57 30.30 -5.51
C ARG C 704 44.63 29.66 -6.54
N ARG C 705 44.84 28.38 -6.81
CA ARG C 705 43.99 27.66 -7.75
C ARG C 705 42.58 27.52 -7.20
N LEU C 706 41.60 27.68 -8.08
CA LEU C 706 40.21 27.55 -7.67
C LEU C 706 39.87 26.10 -7.35
N ARG C 707 39.01 25.91 -6.36
CA ARG C 707 38.44 24.62 -6.01
C ARG C 707 36.96 24.62 -6.36
N LEU C 708 36.35 23.43 -6.32
CA LEU C 708 34.93 23.33 -6.62
C LEU C 708 34.09 24.09 -5.59
N LYS C 709 34.61 24.25 -4.37
CA LYS C 709 33.90 25.02 -3.35
C LYS C 709 33.72 26.48 -3.77
N ASP C 710 34.70 27.03 -4.50
CA ASP C 710 34.61 28.42 -4.93
C ASP C 710 33.42 28.62 -5.87
N PHE C 711 33.12 27.62 -6.70
CA PHE C 711 31.96 27.72 -7.57
C PHE C 711 30.66 27.55 -6.78
N ARG C 712 30.69 26.72 -5.74
CA ARG C 712 29.52 26.56 -4.89
C ARG C 712 29.31 27.76 -3.96
N ASP C 713 30.34 28.59 -3.77
CA ASP C 713 30.20 29.74 -2.88
C ASP C 713 29.22 30.77 -3.46
N ALA C 714 29.21 30.92 -4.79
CA ALA C 714 28.28 31.83 -5.45
C ALA C 714 26.93 31.19 -5.73
N TYR C 715 26.80 29.89 -5.52
CA TYR C 715 25.52 29.22 -5.74
C TYR C 715 24.53 29.63 -4.66
N PRO C 716 23.25 29.80 -5.00
CA PRO C 716 22.64 29.72 -6.34
C PRO C 716 22.45 31.07 -7.00
N ARG C 717 22.83 32.18 -6.35
CA ARG C 717 22.64 33.51 -6.89
C ARG C 717 23.96 34.02 -7.44
N PHE C 718 24.23 33.66 -8.69
CA PHE C 718 25.45 34.09 -9.37
C PHE C 718 25.31 35.54 -9.83
N PRO C 719 26.35 36.36 -9.64
CA PRO C 719 26.26 37.75 -10.06
C PRO C 719 26.20 37.85 -11.58
N PRO C 720 25.56 38.90 -12.10
CA PRO C 720 25.48 39.06 -13.56
C PRO C 720 26.81 39.52 -14.13
N ILE C 721 26.89 39.47 -15.46
CA ILE C 721 28.11 39.89 -16.15
C ILE C 721 28.36 41.38 -15.97
N GLN C 722 27.29 42.17 -15.79
CA GLN C 722 27.45 43.60 -15.59
C GLN C 722 28.21 43.92 -14.31
N SER C 723 28.12 43.06 -13.29
CA SER C 723 28.87 43.30 -12.07
C SER C 723 30.35 43.03 -12.26
N ILE C 724 30.73 42.36 -13.35
CA ILE C 724 32.12 42.04 -13.61
C ILE C 724 32.79 43.23 -14.28
N HIS C 725 33.85 43.74 -13.65
CA HIS C 725 34.62 44.84 -14.19
C HIS C 725 35.95 44.31 -14.71
N VAL C 726 36.15 44.38 -16.02
CA VAL C 726 37.36 43.89 -16.67
C VAL C 726 38.01 45.05 -17.41
N SER C 727 39.33 45.13 -17.32
CA SER C 727 40.07 46.21 -17.96
C SER C 727 40.44 45.84 -19.40
N GLN C 728 40.87 46.85 -20.15
CA GLN C 728 41.30 46.60 -21.53
C GLN C 728 42.51 45.68 -21.57
N ASP C 729 43.44 45.85 -20.62
CA ASP C 729 44.58 44.94 -20.53
C ASP C 729 44.13 43.52 -20.23
N GLU C 730 43.15 43.36 -19.34
CA GLU C 730 42.66 42.03 -19.02
C GLU C 730 41.83 41.44 -20.16
N ARG C 731 41.23 42.30 -21.00
CA ARG C 731 40.48 41.79 -22.13
C ARG C 731 41.37 41.07 -23.14
N GLU C 732 42.65 41.43 -23.18
CA GLU C 732 43.60 40.76 -24.06
C GLU C 732 44.16 39.48 -23.45
N CYS C 733 43.90 39.23 -22.17
CA CYS C 733 44.34 37.98 -21.55
C CYS C 733 43.51 36.81 -22.07
N THR C 734 44.05 35.60 -21.88
CA THR C 734 43.39 34.39 -22.30
C THR C 734 43.00 33.55 -21.08
N MET C 735 41.84 32.90 -21.17
CA MET C 735 41.33 32.05 -20.11
C MET C 735 41.30 30.62 -20.59
N ASP C 736 41.90 29.72 -19.81
CA ASP C 736 41.94 28.29 -20.14
C ASP C 736 40.76 27.60 -19.47
N LEU C 737 39.87 27.03 -20.28
CA LEU C 737 38.65 26.40 -19.79
C LEU C 737 38.81 24.90 -19.59
N SER C 738 40.02 24.36 -19.76
CA SER C 738 40.20 22.91 -19.72
C SER C 738 39.83 22.32 -18.37
N GLU C 739 40.22 22.98 -17.28
CA GLU C 739 39.99 22.45 -15.95
C GLU C 739 38.57 22.68 -15.45
N PHE C 740 37.77 23.49 -16.14
CA PHE C 740 36.47 23.90 -15.64
C PHE C 740 35.29 23.43 -16.49
N MET C 741 35.50 23.18 -17.78
CA MET C 741 34.39 22.75 -18.63
C MET C 741 33.96 21.34 -18.28
N ASN C 742 32.72 21.02 -18.61
CA ASN C 742 32.26 19.64 -18.56
C ASN C 742 32.96 18.87 -19.67
N PRO C 743 33.94 18.02 -19.36
CA PRO C 743 34.75 17.43 -20.43
C PRO C 743 34.01 16.42 -21.28
N SER C 744 32.89 15.87 -20.81
CA SER C 744 32.12 14.88 -21.55
C SER C 744 30.64 15.27 -21.54
N PRO C 745 30.27 16.33 -22.26
CA PRO C 745 28.85 16.66 -22.40
C PRO C 745 28.14 15.61 -23.24
N TYR C 746 26.87 15.40 -22.93
CA TYR C 746 26.07 14.45 -23.71
C TYR C 746 25.79 15.02 -25.09
N THR C 747 25.98 14.18 -26.11
CA THR C 747 25.84 14.58 -27.50
C THR C 747 24.96 13.60 -28.25
N VAL C 748 24.34 14.09 -29.32
CA VAL C 748 23.54 13.25 -30.22
C VAL C 748 23.95 13.57 -31.65
N PRO C 749 23.88 12.61 -32.57
CA PRO C 749 24.16 12.91 -33.98
C PRO C 749 23.06 13.78 -34.59
N GLN C 750 23.39 14.40 -35.72
CA GLN C 750 22.43 15.24 -36.42
C GLN C 750 21.18 14.47 -36.81
N GLU C 751 21.33 13.19 -37.14
CA GLU C 751 20.24 12.37 -37.64
C GLU C 751 19.51 11.61 -36.54
N ALA C 752 19.89 11.79 -35.27
CA ALA C 752 19.21 11.12 -34.18
C ALA C 752 17.75 11.55 -34.11
N SER C 753 16.85 10.58 -33.96
CA SER C 753 15.42 10.87 -33.97
C SER C 753 15.02 11.63 -32.72
N LEU C 754 13.93 12.40 -32.86
CA LEU C 754 13.45 13.21 -31.74
C LEU C 754 13.10 12.38 -30.50
N PRO C 755 12.38 11.25 -30.60
CA PRO C 755 12.14 10.45 -29.39
C PRO C 755 13.41 10.01 -28.69
N ARG C 756 14.45 9.66 -29.45
CA ARG C 756 15.74 9.33 -28.85
C ARG C 756 16.36 10.55 -28.17
N VAL C 757 16.27 11.71 -28.84
CA VAL C 757 16.77 12.95 -28.25
C VAL C 757 15.97 13.31 -27.00
N PHE C 758 14.65 13.22 -27.09
CA PHE C 758 13.79 13.59 -25.98
C PHE C 758 14.01 12.68 -24.78
N LYS C 759 14.13 11.37 -25.01
CA LYS C 759 14.28 10.42 -23.92
C LYS C 759 15.59 10.66 -23.16
N LEU C 760 16.68 10.87 -23.90
CA LEU C 760 17.96 11.11 -23.24
C LEU C 760 17.95 12.43 -22.47
N PHE C 761 17.35 13.47 -23.05
CA PHE C 761 17.31 14.77 -22.40
C PHE C 761 16.50 14.71 -21.10
N ARG C 762 15.32 14.10 -21.16
CA ARG C 762 14.44 14.07 -19.99
C ARG C 762 15.00 13.15 -18.90
N ALA C 763 15.49 11.98 -19.28
CA ALA C 763 15.93 11.00 -18.28
C ALA C 763 17.14 11.49 -17.50
N LEU C 764 18.09 12.14 -18.18
CA LEU C 764 19.29 12.61 -17.52
C LEU C 764 19.12 13.97 -16.86
N GLY C 765 17.96 14.61 -17.03
CA GLY C 765 17.79 15.96 -16.50
C GLY C 765 18.74 16.96 -17.11
N LEU C 766 18.97 16.86 -18.42
CA LEU C 766 19.93 17.71 -19.09
C LEU C 766 19.40 19.14 -19.23
N ARG C 767 20.32 20.08 -19.31
CA ARG C 767 20.01 21.47 -19.66
C ARG C 767 20.48 21.84 -21.05
N HIS C 768 21.63 21.33 -21.49
CA HIS C 768 22.16 21.56 -22.82
C HIS C 768 22.58 20.24 -23.44
N LEU C 769 22.11 19.97 -24.65
CA LEU C 769 22.44 18.76 -25.39
C LEU C 769 23.07 19.18 -26.72
N VAL C 770 24.36 18.90 -26.87
CA VAL C 770 25.11 19.35 -28.04
C VAL C 770 24.83 18.40 -29.19
N VAL C 771 24.44 18.95 -30.34
CA VAL C 771 24.26 18.17 -31.56
C VAL C 771 25.53 18.29 -32.39
N VAL C 772 26.06 17.14 -32.83
CA VAL C 772 27.30 17.10 -33.57
C VAL C 772 27.09 16.32 -34.87
N ASP C 773 27.97 16.57 -35.82
CA ASP C 773 28.01 15.80 -37.05
C ASP C 773 28.92 14.60 -36.87
N ASN C 774 29.24 13.89 -37.96
CA ASN C 774 30.06 12.70 -37.87
C ASN C 774 31.53 13.00 -37.60
N ARG C 775 31.95 14.27 -37.67
CA ARG C 775 33.32 14.66 -37.37
C ARG C 775 33.45 15.31 -35.99
N ASN C 776 32.43 15.17 -35.14
CA ASN C 776 32.40 15.78 -33.81
C ASN C 776 32.51 17.30 -33.90
N GLN C 777 31.90 17.87 -34.93
CA GLN C 777 31.80 19.32 -35.08
C GLN C 777 30.44 19.77 -34.58
N VAL C 778 30.44 20.82 -33.76
CA VAL C 778 29.19 21.32 -33.17
C VAL C 778 28.34 21.92 -34.28
N VAL C 779 27.11 21.41 -34.43
CA VAL C 779 26.19 21.91 -35.43
C VAL C 779 24.91 22.46 -34.82
N GLY C 780 24.60 22.14 -33.57
CA GLY C 780 23.39 22.65 -32.95
C GLY C 780 23.41 22.40 -31.46
N LEU C 781 22.45 23.03 -30.79
CA LEU C 781 22.28 22.89 -29.35
C LEU C 781 20.80 22.66 -29.04
N VAL C 782 20.53 21.74 -28.12
CA VAL C 782 19.17 21.39 -27.73
C VAL C 782 18.98 21.73 -26.26
N THR C 783 18.00 22.56 -25.97
CA THR C 783 17.58 22.88 -24.61
C THR C 783 16.11 22.52 -24.46
N ARG C 784 15.58 22.71 -23.24
CA ARG C 784 14.21 22.30 -22.97
C ARG C 784 13.20 23.10 -23.79
N LYS C 785 13.50 24.36 -24.10
CA LYS C 785 12.58 25.15 -24.92
C LYS C 785 12.52 24.63 -26.36
N ASP C 786 13.60 24.00 -26.83
CA ASP C 786 13.57 23.39 -28.16
C ASP C 786 12.68 22.16 -28.19
N LEU C 787 12.62 21.41 -27.09
CA LEU C 787 11.81 20.20 -27.03
C LEU C 787 10.38 20.45 -26.58
N ALA C 788 10.16 21.46 -25.74
CA ALA C 788 8.82 21.72 -25.21
C ALA C 788 7.90 22.39 -26.21
N ARG C 789 8.45 22.95 -27.29
CA ARG C 789 7.61 23.66 -28.25
C ARG C 789 6.77 22.74 -29.12
N TYR C 790 6.99 21.43 -29.06
CA TYR C 790 6.24 20.47 -29.85
C TYR C 790 5.07 19.95 -29.04
N ARG C 791 3.87 20.05 -29.60
CA ARG C 791 2.66 19.64 -28.90
C ARG C 791 1.83 18.67 -29.75
N ASP D 79 -20.18 -33.11 39.45
CA ASP D 79 -20.94 -31.98 39.96
C ASP D 79 -20.17 -31.28 41.08
N LEU D 80 -20.47 -30.00 41.29
CA LEU D 80 -19.81 -29.23 42.33
C LEU D 80 -20.36 -29.59 43.70
N ASP D 81 -19.65 -29.16 44.74
CA ASP D 81 -20.08 -29.40 46.10
C ASP D 81 -21.34 -28.60 46.42
N PRO D 82 -22.19 -29.10 47.30
CA PRO D 82 -23.40 -28.33 47.67
C PRO D 82 -23.08 -26.97 48.28
N GLU D 83 -21.98 -26.86 49.04
CA GLU D 83 -21.57 -25.57 49.55
C GLU D 83 -20.97 -24.68 48.46
N CYS D 84 -20.71 -25.22 47.28
CA CYS D 84 -20.26 -24.44 46.14
C CYS D 84 -21.39 -24.15 45.15
N ARG D 85 -22.40 -25.02 45.08
CA ARG D 85 -23.56 -24.78 44.23
C ARG D 85 -24.67 -24.06 44.99
N GLU D 86 -24.31 -22.96 45.62
CA GLU D 86 -25.24 -22.02 46.24
C GLU D 86 -24.93 -20.58 45.86
N LEU D 87 -23.66 -20.23 45.69
CA LEU D 87 -23.32 -18.98 45.03
C LEU D 87 -23.81 -19.00 43.59
N LEU D 88 -23.68 -20.14 42.93
CA LEU D 88 -24.24 -20.31 41.58
C LEU D 88 -25.76 -20.16 41.61
N LEU D 89 -26.41 -20.75 42.62
CA LEU D 89 -27.88 -20.66 42.70
C LEU D 89 -28.32 -19.26 43.08
N ASP D 90 -27.56 -18.58 43.95
CA ASP D 90 -27.87 -17.20 44.29
C ASP D 90 -27.73 -16.29 43.07
N PHE D 91 -26.67 -16.52 42.27
CA PHE D 91 -26.48 -15.77 41.04
C PHE D 91 -27.58 -16.06 40.01
N ALA D 92 -28.24 -17.21 40.11
CA ALA D 92 -29.26 -17.57 39.13
C ALA D 92 -30.50 -16.70 39.27
N ASN D 93 -31.13 -16.72 40.45
CA ASN D 93 -32.33 -15.93 40.66
C ASN D 93 -32.04 -14.43 40.66
N SER D 94 -30.84 -14.03 41.10
CA SER D 94 -30.47 -12.62 41.05
C SER D 94 -30.36 -12.13 39.61
N SER D 95 -29.78 -12.95 38.72
CA SER D 95 -29.78 -12.60 37.31
C SER D 95 -31.16 -12.76 36.69
N ALA D 96 -31.97 -13.67 37.24
CA ALA D 96 -33.35 -13.80 36.77
C ALA D 96 -34.17 -12.57 37.13
N GLU D 97 -33.96 -12.02 38.33
CA GLU D 97 -34.71 -10.84 38.73
C GLU D 97 -34.20 -9.58 38.05
N LEU D 98 -32.89 -9.51 37.76
CA LEU D 98 -32.38 -8.39 36.97
C LEU D 98 -32.93 -8.43 35.55
N THR D 99 -32.96 -9.62 34.95
CA THR D 99 -33.57 -9.75 33.63
C THR D 99 -35.06 -9.45 33.69
N GLY D 100 -35.71 -9.75 34.81
CA GLY D 100 -37.13 -9.46 34.94
C GLY D 100 -37.42 -7.96 34.89
N CYS D 101 -36.65 -7.17 35.64
CA CYS D 101 -36.86 -5.73 35.66
C CYS D 101 -36.47 -5.10 34.33
N LEU D 102 -35.38 -5.57 33.72
CA LEU D 102 -34.89 -4.95 32.50
C LEU D 102 -35.92 -4.97 31.38
N VAL D 103 -36.85 -5.94 31.40
CA VAL D 103 -37.86 -6.03 30.36
C VAL D 103 -39.07 -5.17 30.68
N ARG D 104 -39.58 -5.25 31.90
CA ARG D 104 -40.77 -4.48 32.28
C ARG D 104 -40.47 -3.02 32.56
N SER D 105 -39.22 -2.59 32.39
CA SER D 105 -38.83 -1.19 32.50
C SER D 105 -38.17 -0.70 31.22
N ALA D 106 -38.60 -1.22 30.07
CA ALA D 106 -37.90 -1.00 28.82
C ALA D 106 -38.58 0.00 27.89
N ARG D 107 -39.88 -0.16 27.59
CA ARG D 107 -40.50 0.78 26.65
C ARG D 107 -40.53 2.19 27.22
N PRO D 108 -41.14 2.46 28.39
CA PRO D 108 -40.77 3.67 29.14
C PRO D 108 -39.53 3.37 29.97
N VAL D 109 -38.39 3.92 29.54
CA VAL D 109 -37.12 3.49 30.12
C VAL D 109 -37.01 4.05 31.54
N ARG D 110 -37.05 3.16 32.54
CA ARG D 110 -36.70 3.51 33.91
C ARG D 110 -35.61 2.58 34.44
N LEU D 111 -34.64 2.25 33.59
CA LEU D 111 -33.67 1.21 33.92
C LEU D 111 -32.83 1.57 35.13
N CYS D 112 -32.21 2.75 35.12
CA CYS D 112 -31.24 3.09 36.16
C CYS D 112 -31.90 3.50 37.46
N GLN D 113 -33.22 3.66 37.49
CA GLN D 113 -33.93 4.01 38.71
C GLN D 113 -34.75 2.87 39.30
N THR D 114 -35.23 1.95 38.48
CA THR D 114 -36.05 0.83 38.97
C THR D 114 -35.20 -0.29 39.53
N CYS D 115 -34.14 -0.68 38.80
CA CYS D 115 -33.31 -1.82 39.17
C CYS D 115 -31.83 -1.48 39.10
N TYR D 116 -31.46 -0.33 39.65
CA TYR D 116 -30.05 -0.15 39.98
C TYR D 116 -29.62 -0.99 41.19
N PRO D 117 -30.52 -1.34 42.17
CA PRO D 117 -30.10 -2.31 43.18
C PRO D 117 -29.95 -3.71 42.61
N LEU D 118 -30.95 -4.16 41.84
CA LEU D 118 -30.91 -5.49 41.25
C LEU D 118 -29.73 -5.69 40.31
N PHE D 119 -29.20 -4.62 39.72
CA PHE D 119 -27.95 -4.74 38.98
C PHE D 119 -26.76 -4.88 39.93
N GLN D 120 -26.75 -4.10 41.01
CA GLN D 120 -25.68 -4.21 41.99
C GLN D 120 -25.74 -5.52 42.75
N GLN D 121 -26.95 -6.07 42.92
CA GLN D 121 -27.08 -7.39 43.52
C GLN D 121 -26.39 -8.46 42.68
N VAL D 122 -26.56 -8.38 41.35
CA VAL D 122 -25.88 -9.31 40.46
C VAL D 122 -24.38 -9.10 40.53
N VAL D 123 -23.93 -7.84 40.51
CA VAL D 123 -22.50 -7.55 40.53
C VAL D 123 -21.87 -8.04 41.83
N SER D 124 -22.53 -7.77 42.96
CA SER D 124 -21.97 -8.19 44.25
C SER D 124 -21.95 -9.71 44.38
N LYS D 125 -23.06 -10.37 44.00
CA LYS D 125 -23.11 -11.83 44.10
C LYS D 125 -22.15 -12.49 43.12
N MET D 126 -21.87 -11.86 41.98
CA MET D 126 -20.83 -12.37 41.10
C MET D 126 -19.45 -12.18 41.71
N ASP D 127 -19.22 -11.04 42.37
CA ASP D 127 -17.93 -10.80 43.00
C ASP D 127 -17.69 -11.76 44.17
N ASN D 128 -18.76 -12.25 44.79
CA ASN D 128 -18.59 -13.26 45.84
C ASN D 128 -17.97 -14.53 45.30
N ILE D 129 -18.36 -14.94 44.09
CA ILE D 129 -17.74 -16.08 43.45
C ILE D 129 -16.26 -15.82 43.19
N SER D 130 -15.92 -14.60 42.77
CA SER D 130 -14.53 -14.26 42.51
C SER D 130 -13.71 -14.31 43.79
N ARG D 131 -14.29 -13.89 44.91
CA ARG D 131 -13.60 -13.91 46.19
C ARG D 131 -13.27 -15.34 46.61
N SER D 141 -14.24 -20.92 47.31
CA SER D 141 -13.50 -21.83 46.45
C SER D 141 -14.37 -22.28 45.27
N CYS D 142 -15.04 -21.32 44.64
CA CYS D 142 -15.95 -21.60 43.53
C CYS D 142 -15.55 -20.90 42.23
N ALA D 143 -14.57 -20.01 42.26
CA ALA D 143 -14.22 -19.24 41.06
C ALA D 143 -13.69 -20.15 39.97
N ARG D 144 -12.79 -21.06 40.31
CA ARG D 144 -12.16 -21.91 39.29
C ARG D 144 -13.17 -22.91 38.71
N SER D 145 -14.10 -23.39 39.54
CA SER D 145 -15.03 -24.42 39.13
C SER D 145 -16.32 -23.88 38.53
N LEU D 146 -16.47 -22.56 38.42
CA LEU D 146 -17.71 -21.97 37.93
C LEU D 146 -17.54 -20.91 36.87
N LEU D 147 -16.35 -20.32 36.72
CA LEU D 147 -16.15 -19.21 35.79
C LEU D 147 -15.47 -19.63 34.49
N MET D 148 -14.35 -20.35 34.57
CA MET D 148 -13.60 -20.77 33.40
C MET D 148 -13.46 -22.28 33.33
N ALA D 149 -14.45 -23.00 33.86
CA ALA D 149 -14.40 -24.46 33.91
C ALA D 149 -14.95 -25.12 32.65
N ASP D 150 -15.38 -24.34 31.65
CA ASP D 150 -15.87 -24.92 30.40
C ASP D 150 -15.85 -23.85 29.32
N ARG D 151 -16.16 -24.27 28.10
CA ARG D 151 -16.09 -23.37 26.95
C ARG D 151 -17.16 -22.28 27.04
N MET D 152 -18.38 -22.64 27.42
CA MET D 152 -19.51 -21.71 27.41
C MET D 152 -19.67 -21.15 28.83
N GLN D 153 -18.87 -20.12 29.12
CA GLN D 153 -18.83 -19.52 30.45
C GLN D 153 -20.10 -18.66 30.62
N ILE D 154 -21.18 -19.32 31.02
CA ILE D 154 -22.48 -18.65 31.13
C ILE D 154 -22.42 -17.54 32.18
N VAL D 155 -21.80 -17.82 33.32
CA VAL D 155 -21.75 -16.82 34.39
C VAL D 155 -20.96 -15.60 33.94
N VAL D 156 -19.84 -15.82 33.25
CA VAL D 156 -19.00 -14.71 32.81
C VAL D 156 -19.71 -13.88 31.74
N ILE D 157 -20.28 -14.55 30.73
CA ILE D 157 -20.91 -13.82 29.63
C ILE D 157 -22.18 -13.11 30.09
N LEU D 158 -22.92 -13.70 31.04
CA LEU D 158 -24.08 -13.03 31.58
C LEU D 158 -23.69 -11.77 32.35
N SER D 159 -22.61 -11.85 33.13
CA SER D 159 -22.09 -10.67 33.81
C SER D 159 -21.56 -9.65 32.81
N GLU D 160 -20.95 -10.12 31.73
CA GLU D 160 -20.51 -9.22 30.68
C GLU D 160 -21.69 -8.53 30.01
N PHE D 161 -22.78 -9.28 29.77
CA PHE D 161 -23.96 -8.68 29.16
C PHE D 161 -24.57 -7.60 30.04
N PHE D 162 -24.68 -7.87 31.34
CA PHE D 162 -25.22 -6.87 32.26
C PHE D 162 -24.31 -5.65 32.34
N ASN D 163 -23.00 -5.87 32.37
CA ASN D 163 -22.06 -4.75 32.38
C ASN D 163 -22.15 -3.94 31.09
N THR D 164 -22.23 -4.63 29.94
CA THR D 164 -22.38 -3.93 28.68
C THR D 164 -23.68 -3.15 28.61
N THR D 165 -24.78 -3.76 29.08
CA THR D 165 -26.05 -3.04 29.13
C THR D 165 -25.99 -1.86 30.08
N TRP D 166 -25.33 -2.04 31.23
CA TRP D 166 -25.19 -0.94 32.19
C TRP D 166 -24.38 0.21 31.60
N GLN D 167 -23.26 -0.10 30.93
CA GLN D 167 -22.40 0.95 30.40
C GLN D 167 -23.05 1.63 29.20
N GLU D 168 -23.71 0.87 28.34
CA GLU D 168 -24.38 1.47 27.18
C GLU D 168 -25.53 2.36 27.63
N ALA D 169 -26.26 1.96 28.66
CA ALA D 169 -27.33 2.78 29.22
C ALA D 169 -26.79 4.00 29.97
N ASN D 170 -25.49 4.04 30.27
CA ASN D 170 -24.87 5.16 30.98
C ASN D 170 -25.54 5.40 32.33
N CYS D 171 -25.89 4.31 33.02
CA CYS D 171 -26.52 4.42 34.33
C CYS D 171 -25.58 4.95 35.40
N ALA D 172 -24.26 4.92 35.17
CA ALA D 172 -23.33 5.51 36.12
C ALA D 172 -23.54 7.00 36.25
N ASN D 173 -23.75 7.70 35.13
CA ASN D 173 -24.10 9.11 35.17
C ASN D 173 -25.45 9.32 35.85
N CYS D 174 -26.32 8.32 35.81
CA CYS D 174 -27.68 8.47 36.32
C CYS D 174 -27.73 8.47 37.83
N LEU D 175 -26.66 8.02 38.48
CA LEU D 175 -26.50 8.06 39.93
C LEU D 175 -25.29 8.93 40.29
N THR D 176 -24.98 8.99 41.58
CA THR D 176 -23.82 9.73 42.03
C THR D 176 -22.59 8.83 42.04
N ASN D 177 -21.50 9.35 42.62
CA ASN D 177 -20.22 8.65 42.56
C ASN D 177 -20.26 7.33 43.32
N ASN D 178 -20.87 7.32 44.51
CA ASN D 178 -20.90 6.10 45.31
C ASN D 178 -21.84 5.04 44.74
N SER D 179 -22.74 5.43 43.84
CA SER D 179 -23.67 4.51 43.18
C SER D 179 -24.53 3.77 44.20
N GLU D 180 -25.25 4.55 45.00
CA GLU D 180 -26.18 4.00 46.00
C GLU D 180 -27.60 4.52 45.86
N GLU D 181 -27.80 5.67 45.23
CA GLU D 181 -29.14 6.21 44.98
C GLU D 181 -29.05 7.21 43.84
N LEU D 182 -30.22 7.63 43.36
CA LEU D 182 -30.28 8.60 42.28
C LEU D 182 -29.66 9.92 42.71
N SER D 183 -28.93 10.55 41.79
CA SER D 183 -28.34 11.85 42.06
C SER D 183 -29.42 12.93 42.08
N ASN D 184 -29.08 14.08 42.67
CA ASN D 184 -30.05 15.16 42.79
C ASN D 184 -30.45 15.70 41.42
N SER D 185 -29.50 15.80 40.48
CA SER D 185 -29.82 16.31 39.15
C SER D 185 -30.80 15.40 38.43
N THR D 186 -30.62 14.08 38.53
CA THR D 186 -31.56 13.15 37.93
C THR D 186 -32.94 13.28 38.56
N VAL D 187 -32.99 13.39 39.88
CA VAL D 187 -34.27 13.62 40.56
C VAL D 187 -34.84 14.97 40.18
N TYR D 188 -33.97 15.98 40.06
CA TYR D 188 -34.42 17.30 39.63
C TYR D 188 -35.04 17.24 38.23
N PHE D 189 -34.38 16.54 37.31
CA PHE D 189 -34.91 16.38 35.96
C PHE D 189 -36.19 15.54 35.98
N LEU D 190 -36.23 14.50 36.81
CA LEU D 190 -37.38 13.59 36.81
C LEU D 190 -38.65 14.30 37.26
N ASN D 191 -38.56 15.15 38.28
CA ASN D 191 -39.76 15.85 38.74
C ASN D 191 -40.16 16.98 37.80
N LEU D 192 -39.19 17.66 37.19
CA LEU D 192 -39.52 18.56 36.09
C LEU D 192 -40.16 17.83 34.93
N PHE D 193 -39.67 16.62 34.63
CA PHE D 193 -40.34 15.76 33.67
C PHE D 193 -41.77 15.48 34.11
N ASN D 194 -41.97 15.16 35.39
CA ASN D 194 -43.32 14.96 35.90
C ASN D 194 -44.11 16.26 35.86
N HIS D 195 -43.47 17.38 36.23
CA HIS D 195 -44.16 18.67 36.22
C HIS D 195 -44.58 19.06 34.81
N THR D 196 -43.70 18.87 33.83
CA THR D 196 -44.05 19.21 32.45
C THR D 196 -45.19 18.34 31.95
N LEU D 197 -45.13 17.04 32.21
CA LEU D 197 -46.22 16.15 31.82
C LEU D 197 -47.50 16.50 32.57
N THR D 198 -47.37 16.94 33.83
CA THR D 198 -48.54 17.43 34.57
C THR D 198 -49.11 18.67 33.92
N CYS D 199 -48.24 19.57 33.45
CA CYS D 199 -48.71 20.77 32.75
C CYS D 199 -49.50 20.40 31.49
N PHE D 200 -49.02 19.40 30.75
CA PHE D 200 -49.70 19.00 29.52
C PHE D 200 -51.11 18.49 29.81
N GLU D 201 -51.29 17.71 30.87
CA GLU D 201 -52.62 17.24 31.24
C GLU D 201 -53.53 18.40 31.62
N HIS D 202 -53.01 19.37 32.38
CA HIS D 202 -53.84 20.48 32.84
C HIS D 202 -54.36 21.31 31.67
N ASN D 203 -53.53 21.55 30.67
CA ASN D 203 -53.89 22.37 29.53
C ASN D 203 -54.34 21.54 28.32
N LEU D 204 -54.46 20.23 28.47
CA LEU D 204 -54.89 19.39 27.37
C LEU D 204 -56.33 19.73 26.95
N GLN D 205 -57.20 19.95 27.92
CA GLN D 205 -58.60 20.28 27.63
C GLN D 205 -59.11 21.35 28.58
N TYR D 217 -54.70 21.92 20.77
CA TYR D 217 -53.39 21.96 21.39
C TYR D 217 -52.94 23.41 21.61
N SER D 218 -53.87 24.35 21.39
CA SER D 218 -53.54 25.76 21.51
C SER D 218 -53.17 26.12 22.94
N GLU D 219 -53.90 25.59 23.93
CA GLU D 219 -53.64 25.94 25.32
C GLU D 219 -52.32 25.39 25.80
N VAL D 220 -51.92 24.21 25.32
CA VAL D 220 -50.68 23.59 25.80
C VAL D 220 -49.47 24.44 25.41
N CYS D 221 -49.46 24.95 24.18
CA CYS D 221 -48.29 25.68 23.70
C CYS D 221 -48.07 26.99 24.45
N LYS D 222 -49.14 27.61 24.94
CA LYS D 222 -49.07 28.97 25.48
C LYS D 222 -49.33 29.04 26.99
N ASN D 223 -49.32 27.90 27.67
CA ASN D 223 -49.55 27.89 29.11
C ASN D 223 -48.32 27.48 29.91
N CYS D 224 -47.78 26.30 29.64
CA CYS D 224 -46.57 25.83 30.31
C CYS D 224 -45.41 25.69 29.32
N ARG D 225 -45.28 26.67 28.42
CA ARG D 225 -44.13 26.69 27.52
C ARG D 225 -42.84 26.83 28.30
N GLU D 226 -42.80 27.74 29.28
CA GLU D 226 -41.58 27.93 30.06
C GLU D 226 -41.23 26.69 30.87
N ALA D 227 -42.21 25.82 31.15
CA ALA D 227 -41.91 24.53 31.75
C ALA D 227 -41.11 23.66 30.78
N TYR D 228 -41.45 23.72 29.49
CA TYR D 228 -40.70 22.97 28.49
C TYR D 228 -39.29 23.55 28.32
N LYS D 229 -39.17 24.88 28.29
CA LYS D 229 -37.86 25.49 28.09
C LYS D 229 -36.92 25.19 29.26
N THR D 230 -37.42 25.28 30.50
CA THR D 230 -36.55 24.99 31.64
C THR D 230 -36.18 23.53 31.70
N LEU D 231 -37.07 22.63 31.27
CA LEU D 231 -36.70 21.23 31.13
C LEU D 231 -35.67 21.05 30.03
N SER D 232 -35.87 21.72 28.89
CA SER D 232 -34.90 21.65 27.80
C SER D 232 -33.58 22.31 28.18
N SER D 233 -33.64 23.46 28.87
CA SER D 233 -32.43 24.12 29.30
C SER D 233 -31.66 23.29 30.32
N LEU D 234 -32.37 22.66 31.25
CA LEU D 234 -31.72 21.78 32.21
C LEU D 234 -31.08 20.59 31.51
N TYR D 235 -31.78 20.01 30.53
CA TYR D 235 -31.24 18.88 29.80
C TYR D 235 -29.95 19.24 29.07
N SER D 236 -29.85 20.50 28.60
CA SER D 236 -28.60 20.96 28.02
C SER D 236 -27.56 21.22 29.10
N GLU D 237 -27.99 21.60 30.29
CA GLU D 237 -27.05 21.86 31.39
C GLU D 237 -26.35 20.57 31.82
N MET D 238 -27.12 19.51 32.06
CA MET D 238 -26.51 18.23 32.42
C MET D 238 -25.75 17.61 31.27
N GLN D 239 -26.12 17.92 30.02
CA GLN D 239 -25.34 17.47 28.88
C GLN D 239 -23.96 18.13 28.84
N LYS D 240 -23.81 19.31 29.44
CA LYS D 240 -22.55 20.03 29.43
C LYS D 240 -21.65 19.62 30.59
N MET D 241 -22.18 19.55 31.80
CA MET D 241 -21.38 19.10 32.94
C MET D 241 -21.00 17.63 32.84
N ASN D 242 -21.74 16.85 32.04
CA ASN D 242 -21.35 15.46 31.81
C ASN D 242 -20.03 15.40 31.06
N GLU D 243 -19.80 16.34 30.14
CA GLU D 243 -18.53 16.42 29.45
C GLU D 243 -17.36 16.65 30.39
N LEU D 244 -17.54 17.53 31.39
CA LEU D 244 -16.47 17.91 32.30
C LEU D 244 -16.34 17.00 33.50
N GLU D 245 -17.42 16.33 33.91
CA GLU D 245 -17.36 15.51 35.13
C GLU D 245 -16.55 14.24 34.89
N ASN D 246 -16.77 13.57 33.78
CA ASN D 246 -16.08 12.32 33.48
C ASN D 246 -15.11 12.44 32.30
N LYS D 247 -14.80 13.66 31.87
CA LYS D 247 -13.82 13.92 30.81
C LYS D 247 -14.19 13.19 29.51
N ALA D 248 -15.48 13.18 29.19
CA ALA D 248 -15.92 12.63 27.92
C ALA D 248 -15.57 13.58 26.78
N GLU D 249 -15.21 13.00 25.63
CA GLU D 249 -14.84 13.83 24.49
C GLU D 249 -16.09 14.52 23.91
N PRO D 250 -17.11 13.78 23.42
CA PRO D 250 -18.32 14.46 22.95
C PRO D 250 -19.38 14.53 24.03
N GLY D 251 -20.50 15.18 23.73
CA GLY D 251 -21.70 15.01 24.54
C GLY D 251 -22.69 14.15 23.79
N THR D 252 -22.77 12.87 24.15
CA THR D 252 -23.52 11.90 23.36
C THR D 252 -24.73 11.35 24.10
N HIS D 253 -24.54 10.77 25.28
CA HIS D 253 -25.63 10.06 25.95
C HIS D 253 -25.51 10.20 27.46
N LEU D 254 -26.57 10.70 28.08
CA LEU D 254 -26.69 10.74 29.53
C LEU D 254 -27.40 9.47 30.01
N CYS D 255 -27.89 9.49 31.25
CA CYS D 255 -28.73 8.41 31.74
C CYS D 255 -29.88 8.16 30.77
N ILE D 256 -30.06 6.90 30.38
CA ILE D 256 -31.04 6.56 29.35
C ILE D 256 -32.44 6.96 29.78
N ASP D 257 -32.72 6.89 31.08
CA ASP D 257 -34.03 7.32 31.57
C ASP D 257 -34.22 8.81 31.35
N VAL D 258 -33.17 9.60 31.58
CA VAL D 258 -33.25 11.04 31.31
C VAL D 258 -33.38 11.29 29.81
N GLU D 259 -32.58 10.60 29.00
CA GLU D 259 -32.63 10.80 27.56
C GLU D 259 -33.97 10.36 26.98
N ASP D 260 -34.50 9.24 27.46
CA ASP D 260 -35.82 8.80 27.00
C ASP D 260 -36.90 9.80 27.43
N ALA D 261 -36.82 10.30 28.66
CA ALA D 261 -37.80 11.26 29.14
C ALA D 261 -37.77 12.54 28.31
N MET D 262 -36.58 13.04 28.01
CA MET D 262 -36.49 14.25 27.17
C MET D 262 -37.05 13.98 25.78
N ASN D 263 -36.76 12.81 25.21
CA ASN D 263 -37.32 12.48 23.90
C ASN D 263 -38.84 12.38 23.94
N ILE D 264 -39.39 11.79 25.01
CA ILE D 264 -40.84 11.72 25.16
C ILE D 264 -41.45 13.11 25.10
N THR D 265 -40.85 14.07 25.81
CA THR D 265 -41.34 15.44 25.76
C THR D 265 -41.18 16.04 24.37
N ARG D 266 -40.04 15.81 23.72
CA ARG D 266 -39.79 16.41 22.41
C ARG D 266 -40.74 15.89 21.36
N LYS D 267 -40.99 14.57 21.33
CA LYS D 267 -41.95 14.03 20.38
C LYS D 267 -43.34 14.57 20.63
N LEU D 268 -43.72 14.71 21.90
CA LEU D 268 -45.01 15.31 22.22
C LEU D 268 -45.03 16.80 21.84
N TRP D 269 -43.97 17.53 22.18
CA TRP D 269 -43.96 18.98 21.99
C TRP D 269 -43.82 19.37 20.53
N SER D 270 -43.27 18.49 19.69
CA SER D 270 -43.00 18.82 18.30
C SER D 270 -43.79 18.00 17.30
N ARG D 271 -43.93 16.70 17.51
CA ARG D 271 -44.58 15.83 16.53
C ARG D 271 -46.09 15.68 16.77
N THR D 272 -46.51 15.50 18.01
CA THR D 272 -47.94 15.44 18.29
C THR D 272 -48.57 16.82 18.23
N PHE D 273 -48.09 17.74 19.07
CA PHE D 273 -48.48 19.14 19.00
C PHE D 273 -47.38 19.94 18.32
N ASN D 274 -47.79 20.96 17.57
CA ASN D 274 -46.86 21.86 16.89
C ASN D 274 -46.78 23.14 17.73
N CYS D 275 -45.96 23.11 18.77
CA CYS D 275 -45.83 24.23 19.69
C CYS D 275 -44.60 25.08 19.44
N SER D 276 -43.57 24.53 18.81
CA SER D 276 -42.34 25.29 18.57
C SER D 276 -42.58 26.37 17.51
N VAL D 277 -41.91 27.49 17.67
CA VAL D 277 -42.03 28.60 16.73
C VAL D 277 -40.72 29.40 16.71
N PRO D 278 -39.75 29.02 15.89
CA PRO D 278 -38.57 29.86 15.71
C PRO D 278 -38.83 30.96 14.70
N CYS D 279 -38.33 32.16 15.00
CA CYS D 279 -38.59 33.32 14.16
C CYS D 279 -37.78 33.23 12.88
N SER D 280 -38.47 33.13 11.74
CA SER D 280 -37.82 33.04 10.43
C SER D 280 -37.86 34.42 9.80
N ASP D 281 -36.71 35.09 9.76
CA ASP D 281 -36.59 36.39 9.11
C ASP D 281 -36.27 36.19 7.63
N THR D 282 -37.27 35.68 6.91
CA THR D 282 -37.09 35.30 5.51
C THR D 282 -36.76 36.51 4.65
N VAL D 283 -37.54 37.59 4.78
CA VAL D 283 -37.30 38.78 3.97
C VAL D 283 -35.93 39.41 4.28
N PRO D 284 -35.55 39.66 5.54
CA PRO D 284 -34.20 40.19 5.78
C PRO D 284 -33.09 39.26 5.31
N VAL D 285 -33.28 37.95 5.43
CA VAL D 285 -32.27 37.02 4.96
C VAL D 285 -32.16 37.06 3.44
N ILE D 286 -33.29 37.13 2.75
CA ILE D 286 -33.27 37.19 1.29
C ILE D 286 -32.57 38.46 0.81
N ALA D 287 -32.91 39.60 1.42
CA ALA D 287 -32.33 40.87 0.98
C ALA D 287 -30.82 40.90 1.20
N VAL D 288 -30.36 40.43 2.37
CA VAL D 288 -28.93 40.42 2.64
C VAL D 288 -28.22 39.43 1.71
N SER D 289 -28.80 38.24 1.53
CA SER D 289 -28.17 37.24 0.69
C SER D 289 -28.13 37.67 -0.78
N VAL D 290 -29.23 38.26 -1.28
CA VAL D 290 -29.27 38.71 -2.66
C VAL D 290 -28.23 39.81 -2.89
N PHE D 291 -28.11 40.73 -1.94
CA PHE D 291 -27.11 41.80 -2.06
C PHE D 291 -25.70 41.23 -2.13
N ILE D 292 -25.38 40.27 -1.27
CA ILE D 292 -24.03 39.71 -1.25
C ILE D 292 -23.76 38.94 -2.54
N LEU D 293 -24.72 38.13 -2.99
CA LEU D 293 -24.54 37.39 -4.24
C LEU D 293 -24.46 38.30 -5.46
N PHE D 294 -24.99 39.51 -5.36
CA PHE D 294 -24.92 40.47 -6.45
C PHE D 294 -23.58 41.19 -6.49
N LEU D 295 -22.79 41.13 -5.41
CA LEU D 295 -21.49 41.78 -5.39
C LEU D 295 -20.51 41.21 -6.41
N PRO D 296 -20.30 39.89 -6.50
CA PRO D 296 -19.35 39.39 -7.52
C PRO D 296 -19.75 39.75 -8.94
N VAL D 297 -21.05 39.83 -9.24
CA VAL D 297 -21.50 40.24 -10.56
C VAL D 297 -21.04 41.67 -10.86
N VAL D 298 -21.19 42.57 -9.88
CA VAL D 298 -20.75 43.95 -10.06
C VAL D 298 -19.24 44.01 -10.19
N PHE D 299 -18.52 43.27 -9.33
CA PHE D 299 -17.06 43.33 -9.32
C PHE D 299 -16.49 42.84 -10.65
N TYR D 300 -17.01 41.74 -11.18
CA TYR D 300 -16.49 41.20 -12.43
C TYR D 300 -16.89 42.08 -13.61
N LEU D 301 -18.14 42.55 -13.63
CA LEU D 301 -18.60 43.41 -14.71
C LEU D 301 -17.88 44.75 -14.71
N SER D 302 -17.71 45.36 -13.54
CA SER D 302 -17.00 46.63 -13.46
C SER D 302 -15.55 46.49 -13.87
N SER D 303 -14.91 45.38 -13.47
CA SER D 303 -13.54 45.12 -13.90
C SER D 303 -13.47 44.92 -15.40
N PHE D 304 -14.46 44.25 -15.98
CA PHE D 304 -14.50 44.06 -17.42
C PHE D 304 -14.72 45.40 -18.14
N LEU D 305 -15.64 46.23 -17.63
CA LEU D 305 -15.94 47.50 -18.26
C LEU D 305 -14.89 48.57 -17.96
N HIS D 306 -13.97 48.33 -17.04
CA HIS D 306 -12.91 49.29 -16.79
C HIS D 306 -11.71 49.07 -17.69
N SER D 307 -11.30 47.81 -17.88
CA SER D 307 -10.24 47.53 -18.85
C SER D 307 -10.66 47.91 -20.26
N GLU D 308 -11.91 47.60 -20.62
CA GLU D 308 -12.50 48.18 -21.81
C GLU D 308 -12.59 49.69 -21.64
N GLN D 309 -12.24 50.43 -22.70
CA GLN D 309 -12.08 51.88 -22.73
C GLN D 309 -10.90 52.35 -21.88
N LYS D 310 -10.13 51.44 -21.29
CA LYS D 310 -8.97 51.77 -20.47
C LYS D 310 -9.31 52.76 -19.36
PG ATP E . 27.37 -9.47 -24.92
O1G ATP E . 25.95 -9.77 -25.26
O2G ATP E . 27.53 -8.42 -23.82
O3G ATP E . 28.19 -10.70 -24.57
PB ATP E . 29.04 -9.29 -27.39
O1B ATP E . 28.64 -10.61 -27.90
O2B ATP E . 29.06 -8.15 -28.40
O3B ATP E . 28.12 -8.84 -26.18
PA ATP E . 31.55 -10.44 -26.33
O1A ATP E . 32.30 -10.89 -27.51
O2A ATP E . 30.80 -11.56 -25.59
O3A ATP E . 30.48 -9.33 -26.70
O5' ATP E . 32.48 -9.71 -25.29
C5' ATP E . 33.83 -10.15 -25.04
C4' ATP E . 34.76 -8.96 -25.05
O4' ATP E . 34.92 -8.48 -26.41
C3' ATP E . 34.30 -7.76 -24.22
O3' ATP E . 35.39 -7.18 -23.53
C2' ATP E . 33.73 -6.80 -25.28
O2' ATP E . 33.85 -5.45 -24.89
C1' ATP E . 34.64 -7.10 -26.47
N9 ATP E . 34.01 -6.82 -27.77
C8 ATP E . 32.69 -6.96 -28.10
N7 ATP E . 32.42 -6.64 -29.35
C5 ATP E . 33.64 -6.27 -29.87
C6 ATP E . 34.04 -5.82 -31.14
N6 ATP E . 33.20 -5.67 -32.17
N1 ATP E . 35.35 -5.54 -31.32
C2 ATP E . 36.20 -5.68 -30.31
N3 ATP E . 35.94 -6.10 -29.07
C4 ATP E . 34.64 -6.38 -28.91
MG MG F . 28.73 -12.04 -26.00
CL CL G . 8.94 -18.94 -1.58
CL CL H . 12.61 -17.24 -3.32
CL CL I . 17.02 -20.15 -9.03
C4 A1IIT J . -0.39 -17.47 -27.47
C5 A1IIT J . 1.09 -17.72 -27.75
C6 A1IIT J . 1.51 -19.15 -27.47
C7 A1IIT J . 2.48 -19.26 -26.30
C8 A1IIT J . 4.06 -20.55 -25.09
C10 A1IIT J . 6.29 -19.57 -25.68
C13 A1IIT J . 12.40 -18.72 -26.49
C15 A1IIT J . 10.60 -16.99 -25.97
C17 A1IIT J . 4.57 -19.97 -22.46
C20 A1IIT J . 0.83 -20.10 -22.06
C21 A1IIT J . -0.24 -19.80 -21.01
C22 A1IIT J . 0.01 -20.53 -19.69
C24 A1IIT J . -1.88 -20.53 -18.00
C A1IIT J . -2.85 -15.21 -26.41
O A1IIT J . 2.35 -18.55 -25.35
C1 A1IIT J . -2.31 -14.53 -27.66
C11 A1IIT J . 9.91 -19.34 -26.47
C12 A1IIT J . 11.31 -19.65 -27.03
C14 A1IIT J . 11.99 -17.23 -26.56
C16 A1IIT J . 9.56 -17.86 -26.68
C18 A1IIT J . 3.21 -19.26 -22.41
C19 A1IIT J . 2.24 -19.99 -21.48
C2 A1IIT J . -0.95 -15.08 -28.08
C23 A1IIT J . -1.24 -21.24 -19.18
C3 A1IIT J . -1.02 -16.54 -28.51
C9 A1IIT J . 5.10 -19.49 -24.72
O1 A1IIT J . 3.51 -20.20 -26.34
O10 A1IIT J . 15.45 -17.41 -26.37
O11 A1IIT J . 12.92 -16.45 -25.84
O12 A1IIT J . 10.25 -15.63 -26.15
O13 A1IIT J . 9.63 -17.58 -28.05
O14 A1IIT J . 7.96 -18.70 -29.66
O15 A1IIT J . 7.09 -17.12 -27.99
O16 A1IIT J . 8.40 -16.29 -29.90
O17 A1IIT J . 5.54 -19.63 -23.41
O18 A1IIT J . 4.80 -20.82 -21.68
O2 A1IIT J . 7.14 -20.60 -25.25
O3 A1IIT J . 9.15 -22.15 -25.61
O4 A1IIT J . 7.36 -22.13 -27.31
O5 A1IIT J . 8.96 -20.11 -27.16
O6 A1IIT J . 11.64 -20.98 -26.70
O7 A1IIT J . 13.54 -18.91 -27.28
O8 A1IIT J . 16.04 -19.51 -27.51
O9 A1IIT J . 15.02 -19.57 -25.26
P A1IIT J . 8.15 -21.29 -26.34
P1 A1IIT J . 15.05 -18.84 -26.59
P2 A1IIT J . 8.24 -17.42 -28.91
CAA Y01 K . 29.90 -8.96 14.64
CBA Y01 K . 28.52 -9.62 14.65
CAB Y01 K . 27.45 -8.64 15.14
CAN Y01 K . 28.49 -10.89 15.50
CAJ Y01 K . 29.58 -11.91 15.19
CAO Y01 K . 29.08 -13.34 15.31
CBB Y01 K . 30.02 -14.42 14.73
CAC Y01 K . 30.26 -15.52 15.75
CBE Y01 K . 29.50 -14.96 13.37
CAP Y01 K . 28.10 -14.40 12.99
CAQ Y01 K . 28.14 -14.04 11.50
CBG Y01 K . 29.32 -14.86 10.99
CBI Y01 K . 30.36 -14.75 12.10
CAE Y01 K . 31.02 -13.37 12.15
CAU Y01 K . 31.40 -15.84 11.79
CAS Y01 K . 32.01 -15.66 10.40
CBF Y01 K . 30.99 -15.57 9.26
CBD Y01 K . 29.84 -14.60 9.59
CAK Y01 K . 28.73 -14.75 8.56
CAI Y01 K . 29.26 -14.83 7.17
CAZ Y01 K . 30.55 -14.97 6.85
CAV Y01 K . 30.98 -14.91 5.42
CBH Y01 K . 31.62 -15.25 7.89
CAD Y01 K . 32.56 -14.03 7.96
CAT Y01 K . 32.43 -16.48 7.41
CAR Y01 K . 32.93 -16.37 5.97
CBC Y01 K . 31.78 -16.15 5.02
OAW Y01 K . 32.31 -15.99 3.69
CAY Y01 K . 32.38 -17.05 2.88
OAG Y01 K . 32.69 -18.16 3.25
CAM Y01 K . 32.02 -16.68 1.47
CAL Y01 K . 32.87 -15.55 0.90
CAX Y01 K . 32.62 -15.26 -0.60
OAH Y01 K . 31.43 -15.04 -0.92
OAF Y01 K . 33.60 -15.26 -1.36
CAA Y01 L . 23.64 -39.10 11.66
CBA Y01 L . 23.47 -39.40 13.15
CAB Y01 L . 23.80 -40.86 13.42
CAN Y01 L . 22.05 -39.08 13.64
CAJ Y01 L . 21.86 -39.17 15.15
CAO Y01 L . 20.42 -38.91 15.57
CBB Y01 L . 20.17 -38.94 17.08
CAC Y01 L . 21.06 -37.89 17.76
CBE Y01 L . 18.68 -38.77 17.39
CAP Y01 L . 17.78 -39.49 16.35
CAQ Y01 L . 16.56 -40.05 17.09
CBG Y01 L . 16.63 -39.38 18.45
CBI Y01 L . 18.13 -39.27 18.76
CAE Y01 L . 18.75 -40.64 19.09
CAU Y01 L . 18.25 -38.31 19.94
CAS Y01 L . 17.44 -38.78 21.15
CBF Y01 L . 15.97 -39.09 20.85
CBD Y01 L . 15.79 -39.95 19.59
CAK Y01 L . 14.32 -40.01 19.22
CAI Y01 L . 13.45 -40.27 20.40
CAZ Y01 L . 13.86 -40.22 21.67
CAV Y01 L . 12.95 -40.65 22.79
CBH Y01 L . 15.22 -39.68 22.07
CAD Y01 L . 16.02 -40.83 22.73
CAT Y01 L . 14.97 -38.58 23.11
CAR Y01 L . 14.15 -39.04 24.31
CBC Y01 L . 12.81 -39.59 23.88
OAW Y01 L . 12.21 -40.17 25.05
CAY Y01 L . 10.99 -40.70 24.98
OAG Y01 L . 10.76 -41.87 25.13
CAM Y01 L . 9.96 -39.63 24.70
CAL Y01 L . 9.03 -39.96 23.57
CAX Y01 L . 7.65 -40.50 24.01
OAH Y01 L . 7.66 -41.65 24.48
OAF Y01 L . 6.67 -39.76 23.85
CAA Y01 M . 3.64 -37.53 -10.14
CBA Y01 M . 2.61 -36.49 -10.58
CAB Y01 M . 1.33 -36.64 -9.78
CAN Y01 M . 2.32 -36.58 -12.08
CAJ Y01 M . 3.42 -36.07 -13.01
CAO Y01 M . 3.28 -34.58 -13.30
CBB Y01 M . 4.50 -33.95 -14.00
CAC Y01 M . 5.77 -34.36 -13.27
CBE Y01 M . 4.48 -34.27 -15.50
CAP Y01 M . 3.09 -34.00 -16.13
CAQ Y01 M . 3.30 -33.45 -17.54
CBG Y01 M . 4.76 -33.79 -17.82
CBI Y01 M . 5.46 -33.54 -16.47
CAE Y01 M . 5.54 -32.06 -16.12
CAU Y01 M . 6.86 -34.15 -16.62
CAS Y01 M . 7.62 -33.54 -17.79
CBF Y01 M . 6.88 -33.65 -19.12
CBD Y01 M . 5.43 -33.15 -19.02
CAK Y01 M . 4.68 -33.48 -20.31
CAI Y01 M . 5.50 -33.28 -21.54
CAZ Y01 M . 6.81 -33.07 -21.57
CAV Y01 M . 7.52 -32.77 -22.87
CBH Y01 M . 7.65 -32.99 -20.30
CAD Y01 M . 7.96 -31.51 -20.02
CAT Y01 M . 8.96 -33.76 -20.53
CAR Y01 M . 9.71 -33.35 -21.79
CBC Y01 M . 8.81 -33.55 -23.01
OAW Y01 M . 9.56 -33.10 -24.15
CAY Y01 M . 10.16 -33.98 -24.95
OAG Y01 M . 9.57 -34.89 -25.48
CAM Y01 M . 11.64 -33.68 -25.09
CAL Y01 M . 12.47 -34.17 -23.92
CAX Y01 M . 13.96 -33.79 -23.99
OAH Y01 M . 14.59 -34.24 -24.97
OAF Y01 M . 14.42 -33.08 -23.08
CAA Y01 N . 19.38 -31.72 13.53
CBA Y01 N . 19.95 -30.88 12.40
CAB Y01 N . 20.94 -29.85 12.94
CAN Y01 N . 18.85 -30.17 11.59
CAJ Y01 N . 18.62 -30.72 10.18
CAO Y01 N . 19.75 -30.35 9.23
CBB Y01 N . 20.70 -31.51 8.88
CAC Y01 N . 19.90 -32.79 8.64
CBE Y01 N . 21.63 -31.15 7.70
CAP Y01 N . 21.95 -29.63 7.66
CAQ Y01 N . 23.44 -29.48 7.30
CBG Y01 N . 23.83 -30.86 6.78
CBI Y01 N . 23.02 -31.84 7.64
CAE Y01 N . 23.59 -31.98 9.05
CAU Y01 N . 23.08 -33.17 6.88
CAS Y01 N . 24.51 -33.66 6.72
CBF Y01 N . 25.49 -32.63 6.12
CBD Y01 N . 25.30 -31.21 6.69
CAK Y01 N . 26.06 -30.23 5.81
CAI Y01 N . 27.44 -30.71 5.49
CAZ Y01 N . 27.87 -31.95 5.74
CAV Y01 N . 29.33 -32.29 5.56
CBH Y01 N . 26.98 -33.06 6.24
CAD Y01 N . 27.35 -33.38 7.70
CAT Y01 N . 27.22 -34.30 5.37
CAR Y01 N . 28.70 -34.69 5.27
CBC Y01 N . 29.53 -33.55 4.73
OAW Y01 N . 30.90 -33.99 4.77
CAY Y01 N . 31.87 -33.20 4.30
OAG Y01 N . 31.70 -32.33 3.50
CAM Y01 N . 33.20 -33.57 4.92
CAL Y01 N . 34.30 -32.57 4.62
CAX Y01 N . 35.48 -33.14 3.81
OAH Y01 N . 36.35 -32.31 3.46
OAF Y01 N . 35.48 -34.37 3.57
PG ATP O . 17.55 27.17 -20.18
O1G ATP O . 17.88 27.04 -18.74
O2G ATP O . 16.89 25.93 -20.79
O3G ATP O . 16.70 28.40 -20.52
PB ATP O . 19.76 28.55 -21.65
O1B ATP O . 19.79 29.71 -20.75
O2B ATP O . 21.12 27.95 -22.01
O3B ATP O . 18.88 27.38 -21.04
PA ATP O . 18.15 30.06 -23.61
O1A ATP O . 19.04 31.15 -24.06
O2A ATP O . 17.12 30.46 -22.56
O3A ATP O . 18.99 28.86 -23.00
O5' ATP O . 17.40 29.39 -24.82
C5' ATP O . 16.92 30.17 -25.93
C4' ATP O . 17.28 29.50 -27.23
O4' ATP O . 18.70 29.65 -27.48
C3' ATP O . 16.99 28.00 -27.30
O3' ATP O . 16.46 27.64 -28.57
C2' ATP O . 18.35 27.37 -27.04
O2' ATP O . 18.47 26.10 -27.69
C1' ATP O . 19.28 28.39 -27.70
N9 ATP O . 20.64 28.40 -27.14
C8 ATP O . 20.99 28.15 -25.85
N7 ATP O . 22.28 28.24 -25.62
C5 ATP O . 22.81 28.56 -26.86
C6 ATP O . 24.13 28.80 -27.30
N6 ATP O . 25.20 28.73 -26.52
N1 ATP O . 24.31 29.10 -28.61
C2 ATP O . 23.23 29.16 -29.41
N3 ATP O . 21.95 28.97 -29.10
C4 ATP O . 21.81 28.67 -27.81
MG MG P . 17.50 30.26 -20.44
CL CL Q . -6.10 19.90 -1.16
CL CL R . -4.16 20.44 -5.08
CL CL S . -0.31 26.63 -7.72
C4 A1IIT T . 11.99 24.92 9.32
C5 A1IIT T . 12.84 25.01 8.05
C6 A1IIT T . 12.19 25.91 7.00
C7 A1IIT T . 13.08 26.08 5.77
C8 A1IIT T . 13.87 27.30 3.93
C10 A1IIT T . 15.94 28.38 3.01
C13 A1IIT T . 16.80 30.16 -2.80
C15 A1IIT T . 17.09 27.83 -1.80
C17 A1IIT T . 16.72 27.15 5.99
C20 A1IIT T . 19.20 25.74 8.62
C21 A1IIT T . 19.55 24.45 7.87
C22 A1IIT T . 20.42 23.53 8.71
C24 A1IIT T . 20.50 21.10 9.44
C A1IIT T . 8.39 23.34 12.10
O A1IIT T . 13.75 25.18 5.39
C1 A1IIT T . 9.49 23.17 11.05
C11 A1IIT T . 16.76 29.78 -0.26
C12 A1IIT T . 17.06 30.76 -1.40
C14 A1IIT T . 17.44 28.76 -2.96
C16 A1IIT T . 17.50 28.46 -0.46
C18 A1IIT T . 17.76 26.18 6.57
C19 A1IIT T . 18.51 26.79 7.74
C2 A1IIT T . 9.66 24.41 10.19
C23 A1IIT T . 19.64 22.36 9.29
C3 A1IIT T . 10.67 24.20 9.06
C9 A1IIT T . 15.27 27.84 4.27
O1 A1IIT T . 13.10 27.31 5.10
O10 A1IIT T . 15.15 31.40 -4.99
O11 A1IIT T . 16.99 28.18 -4.16
O12 A1IIT T . 17.76 26.62 -1.96
O13 A1IIT T . 18.87 28.74 -0.54
O14 A1IIT T . 19.19 27.40 1.64
O15 A1IIT T . 21.16 27.88 0.23
O16 A1IIT T . 20.10 29.70 1.52
O17 A1IIT T . 16.04 26.81 4.82
O18 A1IIT T . 16.51 28.18 6.53
O2 A1IIT T . 15.23 29.51 2.60
O3 A1IIT T . 15.10 31.78 1.39
O4 A1IIT T . 16.75 31.52 3.20
O5 A1IIT T . 17.19 30.34 0.95
O6 A1IIT T . 16.25 31.90 -1.25
O7 A1IIT T . 17.38 31.03 -3.73
O8 A1IIT T . 16.93 30.11 -6.11
O9 A1IIT T . 17.17 32.55 -5.81
P A1IIT T . 16.06 30.82 2.05
P1 A1IIT T . 16.64 31.28 -5.19
P2 A1IIT T . 19.85 28.43 0.74
CAA Y01 U . -19.17 11.50 -23.16
CBA Y01 U . -19.61 12.72 -23.97
CAB Y01 U . -20.57 12.30 -25.08
CAN Y01 U . -20.27 13.79 -23.09
CAJ Y01 U . -20.65 15.08 -23.80
CAO Y01 U . -21.24 16.11 -22.85
CBB Y01 U . -21.20 17.57 -23.35
CAC Y01 U . -22.60 18.18 -23.27
CBE Y01 U . -20.13 18.40 -22.61
CAP Y01 U . -19.40 17.59 -21.50
CAQ Y01 U . -17.90 17.91 -21.61
CBG Y01 U . -17.90 19.22 -22.38
CBI Y01 U . -19.00 19.05 -23.43
CAE Y01 U . -18.58 18.11 -24.56
CAU Y01 U . -19.26 20.47 -23.97
CAS Y01 U . -17.99 21.11 -24.53
CBF Y01 U . -16.79 21.11 -23.59
CBD Y01 U . -16.58 19.75 -22.91
CAK Y01 U . -15.55 19.88 -21.80
CAI Y01 U . -14.37 20.68 -22.23
CAZ Y01 U . -14.30 21.40 -23.34
CAV Y01 U . -13.00 22.03 -23.77
CBH Y01 U . -15.50 21.63 -24.25
CAD Y01 U . -15.22 20.92 -25.59
CAT Y01 U . -15.60 23.15 -24.48
CAR Y01 U . -14.32 23.77 -25.03
CBC Y01 U . -13.14 23.52 -24.09
OAW Y01 U . -11.97 23.97 -24.79
CAY Y01 U . -11.12 24.80 -24.17
OAG Y01 U . -11.45 25.56 -23.29
CAM Y01 U . -9.74 24.66 -24.75
CAL Y01 U . -8.70 25.52 -24.04
CAX Y01 U . -7.24 25.13 -24.32
OAH Y01 U . -6.82 25.37 -25.47
OAF Y01 U . -6.59 24.61 -23.39
CAA Y01 V . -26.98 37.62 -8.31
CBA Y01 V . -28.45 37.28 -8.12
CAB Y01 V . -29.25 38.55 -7.81
CAN Y01 V . -28.68 36.25 -7.02
CAJ Y01 V . -30.12 35.74 -6.89
CAO Y01 V . -30.25 34.70 -5.78
CBB Y01 V . -31.68 34.16 -5.56
CAC Y01 V . -32.12 33.35 -6.77
CBE Y01 V . -31.74 33.38 -4.23
CAP Y01 V . -30.88 34.05 -3.13
CAQ Y01 V . -31.63 33.89 -1.79
CBG Y01 V . -32.68 32.84 -2.11
CBI Y01 V . -33.12 33.16 -3.55
CAE Y01 V . -33.95 34.45 -3.63
CAU Y01 V . -33.92 31.94 -4.01
CAS Y01 V . -35.09 31.63 -3.08
CBF Y01 V . -34.71 31.47 -1.60
CBD Y01 V . -33.82 32.63 -1.12
CAK Y01 V . -33.27 32.33 0.26
CAI Y01 V . -34.33 31.81 1.18
CAZ Y01 V . -35.55 31.43 0.79
CAV Y01 V . -36.58 31.02 1.81
CBH Y01 V . -35.93 31.23 -0.68
CAD Y01 V . -37.09 32.18 -1.02
CAT Y01 V . -36.40 29.77 -0.83
CAR Y01 V . -37.51 29.39 0.14
CBC Y01 V . -37.07 29.59 1.58
OAW Y01 V . -38.21 29.32 2.40
CAY Y01 V . -38.08 28.58 3.50
OAG Y01 V . -37.64 27.46 3.49
CAM Y01 V . -38.54 29.34 4.72
CAL Y01 V . -38.78 28.48 5.94
CAX Y01 V . -37.51 27.79 6.49
OAH Y01 V . -36.52 28.54 6.65
OAF Y01 V . -37.57 26.56 6.72
CAA Y01 W . -0.68 30.58 11.53
CBA Y01 W . -1.46 31.74 12.15
CAB Y01 W . -2.48 31.23 13.17
CAN Y01 W . -2.17 32.59 11.09
CAJ Y01 W . -1.23 33.40 10.21
CAO Y01 W . -1.08 34.84 10.68
CBB Y01 W . 0.36 35.33 10.91
CAC Y01 W . 1.10 34.38 11.85
CBE Y01 W . 1.07 35.54 9.56
CAP Y01 W . 0.11 36.16 8.50
CAQ Y01 W . 0.95 37.04 7.58
CBG Y01 W . 2.39 36.72 7.97
CBI Y01 W . 2.32 36.47 9.48
CAE Y01 W . 2.06 37.75 10.27
CAU Y01 W . 3.67 35.85 9.85
CAS Y01 W . 4.83 36.79 9.50
CBF Y01 W . 4.87 37.25 8.04
CBD Y01 W . 3.48 37.67 7.52
CAK Y01 W . 3.54 37.75 6.00
CAI Y01 W . 4.72 38.53 5.55
CAZ Y01 W . 5.67 38.97 6.39
CAV Y01 W . 6.66 40.01 5.94
CBH Y01 W . 5.89 38.38 7.77
CAD Y01 W . 5.78 39.50 8.81
CAT Y01 W . 7.33 37.83 7.75
CAR Y01 W . 8.38 38.87 7.39
CBC Y01 W . 8.10 39.54 6.06
OAW Y01 W . 8.98 40.68 5.97
CAY Y01 W . 9.87 40.78 4.98
OAG Y01 W . 11.06 40.85 5.18
CAM Y01 W . 9.22 40.82 3.63
CAL Y01 W . 9.28 42.17 2.95
CAX Y01 W . 8.31 42.33 1.76
OAH Y01 W . 8.42 41.49 0.85
OAF Y01 W . 7.49 43.27 1.81
CAA Y01 X . -25.11 26.83 -8.48
CBA Y01 X . -24.36 28.16 -8.31
CAB Y01 X . -24.13 28.80 -9.67
CAN Y01 X . -23.04 27.97 -7.57
CAJ Y01 X . -22.47 29.21 -6.88
CAO Y01 X . -21.27 29.79 -7.63
CBB Y01 X . -21.46 31.23 -8.14
CAC Y01 X . -21.70 32.16 -6.96
CBE Y01 X . -20.28 31.66 -9.03
CAP Y01 X . -19.65 30.47 -9.79
CAQ Y01 X . -19.32 30.95 -11.21
CBG Y01 X . -19.39 32.47 -11.10
CBI Y01 X . -20.54 32.73 -10.12
CAE Y01 X . -21.91 32.47 -10.76
CAU Y01 X . -20.39 34.19 -9.71
CAS Y01 X . -20.48 35.14 -10.91
CBF Y01 X . -19.52 34.79 -12.06
CBD Y01 X . -19.47 33.29 -12.38
CAK Y01 X . -18.29 33.02 -13.30
CAI Y01 X . -18.17 34.02 -14.39
CAZ Y01 X . -18.84 35.18 -14.45
CAV Y01 X . -18.78 36.04 -15.67
CBH Y01 X . -19.81 35.61 -13.34
CAD Y01 X . -21.25 35.40 -13.85
CAT Y01 X . -19.58 37.11 -13.06
CAR Y01 X . -19.62 37.98 -14.31
CBC Y01 X . -18.58 37.52 -15.31
OAW Y01 X . -18.62 38.37 -16.47
CAY Y01 X . -19.67 38.47 -17.30
OAG Y01 X . -20.74 37.92 -17.15
CAM Y01 X . -19.34 39.37 -18.46
CAL Y01 X . -18.32 38.77 -19.41
CAX Y01 X . -18.11 39.59 -20.71
OAH Y01 X . -17.36 39.05 -21.56
OAF Y01 X . -18.67 40.69 -20.80
#